data_6EVL
# 
_entry.id   6EVL 
# 
_audit_conform.dict_name       mmcif_pdbx.dic 
_audit_conform.dict_version    5.383 
_audit_conform.dict_location   http://mmcif.pdb.org/dictionaries/ascii/mmcif_pdbx.dic 
# 
loop_
_database_2.database_id 
_database_2.database_code 
_database_2.pdbx_database_accession 
_database_2.pdbx_DOI 
PDB   6EVL         pdb_00006evl 10.2210/pdb6evl/pdb 
WWPDB D_1200007296 ?            ?                   
# 
loop_
_pdbx_audit_revision_history.ordinal 
_pdbx_audit_revision_history.data_content_type 
_pdbx_audit_revision_history.major_revision 
_pdbx_audit_revision_history.minor_revision 
_pdbx_audit_revision_history.revision_date 
1 'Structure model' 1 0 2018-09-12 
2 'Structure model' 1 1 2018-10-31 
3 'Structure model' 1 2 2024-01-17 
# 
_pdbx_audit_revision_details.ordinal             1 
_pdbx_audit_revision_details.revision_ordinal    1 
_pdbx_audit_revision_details.data_content_type   'Structure model' 
_pdbx_audit_revision_details.provider            repository 
_pdbx_audit_revision_details.type                'Initial release' 
_pdbx_audit_revision_details.description         ? 
_pdbx_audit_revision_details.details             ? 
# 
loop_
_pdbx_audit_revision_group.ordinal 
_pdbx_audit_revision_group.revision_ordinal 
_pdbx_audit_revision_group.data_content_type 
_pdbx_audit_revision_group.group 
1 2 'Structure model' 'Data collection'        
2 2 'Structure model' 'Database references'    
3 3 'Structure model' 'Data collection'        
4 3 'Structure model' 'Database references'    
5 3 'Structure model' 'Refinement description' 
# 
loop_
_pdbx_audit_revision_category.ordinal 
_pdbx_audit_revision_category.revision_ordinal 
_pdbx_audit_revision_category.data_content_type 
_pdbx_audit_revision_category.category 
1 2 'Structure model' citation                      
2 3 'Structure model' chem_comp_atom                
3 3 'Structure model' chem_comp_bond                
4 3 'Structure model' database_2                    
5 3 'Structure model' pdbx_initial_refinement_model 
# 
loop_
_pdbx_audit_revision_item.ordinal 
_pdbx_audit_revision_item.revision_ordinal 
_pdbx_audit_revision_item.data_content_type 
_pdbx_audit_revision_item.item 
1 2 'Structure model' '_citation.journal_volume'            
2 2 'Structure model' '_citation.page_first'                
3 2 'Structure model' '_citation.page_last'                 
4 2 'Structure model' '_citation.title'                     
5 3 'Structure model' '_database_2.pdbx_DOI'                
6 3 'Structure model' '_database_2.pdbx_database_accession' 
# 
_pdbx_database_status.status_code                     REL 
_pdbx_database_status.status_code_sf                  REL 
_pdbx_database_status.status_code_mr                  ? 
_pdbx_database_status.entry_id                        6EVL 
_pdbx_database_status.recvd_initial_deposition_date   2017-11-02 
_pdbx_database_status.SG_entry                        N 
_pdbx_database_status.deposit_site                    PDBE 
_pdbx_database_status.process_site                    PDBE 
_pdbx_database_status.status_code_cs                  ? 
_pdbx_database_status.methods_development_category    ? 
_pdbx_database_status.pdb_format_compatible           Y 
_pdbx_database_status.status_code_nmr_data            ? 
# 
loop_
_audit_author.name 
_audit_author.pdbx_ordinal 
_audit_author.identifier_ORCID 
'Murthy, A.V.'   1 ? 
'Sulu, R.'       2 ? 
'Koski, M.K.'    3 ? 
'Wierenga, R.K.' 4 ? 
# 
_citation.abstract                  ? 
_citation.abstract_id_CAS           ? 
_citation.book_id_ISBN              ? 
_citation.book_publisher            ? 
_citation.book_publisher_city       ? 
_citation.book_title                ? 
_citation.coordinate_linkage        ? 
_citation.country                   US 
_citation.database_id_Medline       ? 
_citation.details                   ? 
_citation.id                        primary 
_citation.journal_abbrev            'Protein Sci.' 
_citation.journal_id_ASTM           PRCIEI 
_citation.journal_id_CSD            0795 
_citation.journal_id_ISSN           1469-896X 
_citation.journal_full              ? 
_citation.journal_issue             ? 
_citation.journal_volume            27 
_citation.language                  ? 
_citation.page_first                1692 
_citation.page_last                 1703 
_citation.title                     
;Structural enzymology binding studies of the peptide-substrate-binding domain of human collagen prolyl 4-hydroxylase (type-II): High affinity peptides have a PxGP sequence motif.
;
_citation.year                      2018 
_citation.database_id_CSD           ? 
_citation.pdbx_database_id_DOI      10.1002/pro.3450 
_citation.pdbx_database_id_PubMed   30168208 
_citation.unpublished_flag          ? 
# 
loop_
_citation_author.citation_id 
_citation_author.name 
_citation_author.ordinal 
_citation_author.identifier_ORCID 
primary 'Murthy, A.V.'     1 ? 
primary 'Sulu, R.'         2 ? 
primary 'Koski, M.K.'      3 ? 
primary 'Tu, H.'           4 ? 
primary 'Anantharajan, J.' 5 ? 
primary 'Sah-Teli, S.K.'   6 ? 
primary 'Myllyharju, J.'   7 ? 
primary 'Wierenga, R.K.'   8 ? 
# 
loop_
_entity.id 
_entity.type 
_entity.src_method 
_entity.pdbx_description 
_entity.formula_weight 
_entity.pdbx_number_of_molecules 
_entity.pdbx_ec 
_entity.pdbx_mutation 
_entity.pdbx_fragment 
_entity.details 
1 polymer     man 'Prolyl 4-hydroxylase subunit alpha-2' 11920.266 1   1.14.11.2 ? ? ? 
2 non-polymer syn 'SULFATE ION'                          96.063    1   ?         ? ? ? 
3 non-polymer syn 'DIMETHYL SULFOXIDE'                   78.133    1   ?         ? ? ? 
4 non-polymer syn GLYCINE                                75.067    2   ?         ? ? ? 
5 water       nat water                                  18.015    122 ?         ? ? ? 
# 
_entity_name_com.entity_id   1 
_entity_name_com.name        '4-PH alpha-2,Procollagen-proline,2-oxoglutarate-4-dioxygenase subunit alpha-2' 
# 
_entity_poly.entity_id                      1 
_entity_poly.type                           'polypeptide(L)' 
_entity_poly.nstd_linkage                   no 
_entity_poly.nstd_monomer                   no 
_entity_poly.pdbx_seq_one_letter_code       
;MHHHHHHMLSVDDCFGMGRSAYNEGDYYHTVLWMEQVLKQLDAGEEATTTKSQVLDYLSYAVFQLGDLHRALELTRRLLS
LDPSHERAGGNLRYFEQLLEEE
;
_entity_poly.pdbx_seq_one_letter_code_can   
;MHHHHHHMLSVDDCFGMGRSAYNEGDYYHTVLWMEQVLKQLDAGEEATTTKSQVLDYLSYAVFQLGDLHRALELTRRLLS
LDPSHERAGGNLRYFEQLLEEE
;
_entity_poly.pdbx_strand_id                 A 
_entity_poly.pdbx_target_identifier         ? 
# 
loop_
_pdbx_entity_nonpoly.entity_id 
_pdbx_entity_nonpoly.name 
_pdbx_entity_nonpoly.comp_id 
2 'SULFATE ION'        SO4 
3 'DIMETHYL SULFOXIDE' DMS 
4 GLYCINE              GLY 
5 water                HOH 
# 
loop_
_entity_poly_seq.entity_id 
_entity_poly_seq.num 
_entity_poly_seq.mon_id 
_entity_poly_seq.hetero 
1 1   MET n 
1 2   HIS n 
1 3   HIS n 
1 4   HIS n 
1 5   HIS n 
1 6   HIS n 
1 7   HIS n 
1 8   MET n 
1 9   LEU n 
1 10  SER n 
1 11  VAL n 
1 12  ASP n 
1 13  ASP n 
1 14  CYS n 
1 15  PHE n 
1 16  GLY n 
1 17  MET n 
1 18  GLY n 
1 19  ARG n 
1 20  SER n 
1 21  ALA n 
1 22  TYR n 
1 23  ASN n 
1 24  GLU n 
1 25  GLY n 
1 26  ASP n 
1 27  TYR n 
1 28  TYR n 
1 29  HIS n 
1 30  THR n 
1 31  VAL n 
1 32  LEU n 
1 33  TRP n 
1 34  MET n 
1 35  GLU n 
1 36  GLN n 
1 37  VAL n 
1 38  LEU n 
1 39  LYS n 
1 40  GLN n 
1 41  LEU n 
1 42  ASP n 
1 43  ALA n 
1 44  GLY n 
1 45  GLU n 
1 46  GLU n 
1 47  ALA n 
1 48  THR n 
1 49  THR n 
1 50  THR n 
1 51  LYS n 
1 52  SER n 
1 53  GLN n 
1 54  VAL n 
1 55  LEU n 
1 56  ASP n 
1 57  TYR n 
1 58  LEU n 
1 59  SER n 
1 60  TYR n 
1 61  ALA n 
1 62  VAL n 
1 63  PHE n 
1 64  GLN n 
1 65  LEU n 
1 66  GLY n 
1 67  ASP n 
1 68  LEU n 
1 69  HIS n 
1 70  ARG n 
1 71  ALA n 
1 72  LEU n 
1 73  GLU n 
1 74  LEU n 
1 75  THR n 
1 76  ARG n 
1 77  ARG n 
1 78  LEU n 
1 79  LEU n 
1 80  SER n 
1 81  LEU n 
1 82  ASP n 
1 83  PRO n 
1 84  SER n 
1 85  HIS n 
1 86  GLU n 
1 87  ARG n 
1 88  ALA n 
1 89  GLY n 
1 90  GLY n 
1 91  ASN n 
1 92  LEU n 
1 93  ARG n 
1 94  TYR n 
1 95  PHE n 
1 96  GLU n 
1 97  GLN n 
1 98  LEU n 
1 99  LEU n 
1 100 GLU n 
1 101 GLU n 
1 102 GLU n 
# 
_entity_src_gen.entity_id                          1 
_entity_src_gen.pdbx_src_id                        1 
_entity_src_gen.pdbx_alt_source_flag               sample 
_entity_src_gen.pdbx_seq_type                      'Biological sequence' 
_entity_src_gen.pdbx_beg_seq_num                   1 
_entity_src_gen.pdbx_end_seq_num                   102 
_entity_src_gen.gene_src_common_name               Human 
_entity_src_gen.gene_src_genus                     ? 
_entity_src_gen.pdbx_gene_src_gene                 'P4HA2, UNQ290/PRO330' 
_entity_src_gen.gene_src_species                   ? 
_entity_src_gen.gene_src_strain                    ? 
_entity_src_gen.gene_src_tissue                    ? 
_entity_src_gen.gene_src_tissue_fraction           ? 
_entity_src_gen.gene_src_details                   ? 
_entity_src_gen.pdbx_gene_src_fragment             ? 
_entity_src_gen.pdbx_gene_src_scientific_name      'Homo sapiens' 
_entity_src_gen.pdbx_gene_src_ncbi_taxonomy_id     9606 
_entity_src_gen.pdbx_gene_src_variant              ? 
_entity_src_gen.pdbx_gene_src_cell_line            ? 
_entity_src_gen.pdbx_gene_src_atcc                 ? 
_entity_src_gen.pdbx_gene_src_organ                ? 
_entity_src_gen.pdbx_gene_src_organelle            ? 
_entity_src_gen.pdbx_gene_src_cell                 ? 
_entity_src_gen.pdbx_gene_src_cellular_location    ? 
_entity_src_gen.host_org_common_name               ? 
_entity_src_gen.pdbx_host_org_scientific_name      'Escherichia coli' 
_entity_src_gen.pdbx_host_org_ncbi_taxonomy_id     562 
_entity_src_gen.host_org_genus                     ? 
_entity_src_gen.pdbx_host_org_gene                 ? 
_entity_src_gen.pdbx_host_org_organ                ? 
_entity_src_gen.host_org_species                   ? 
_entity_src_gen.pdbx_host_org_tissue               ? 
_entity_src_gen.pdbx_host_org_tissue_fraction      ? 
_entity_src_gen.pdbx_host_org_strain               'Rosetta (DE3)pLysS' 
_entity_src_gen.pdbx_host_org_variant              ? 
_entity_src_gen.pdbx_host_org_cell_line            ? 
_entity_src_gen.pdbx_host_org_atcc                 ? 
_entity_src_gen.pdbx_host_org_culture_collection   ? 
_entity_src_gen.pdbx_host_org_cell                 ? 
_entity_src_gen.pdbx_host_org_organelle            ? 
_entity_src_gen.pdbx_host_org_cellular_location    ? 
_entity_src_gen.pdbx_host_org_vector_type          'pET22b(+)' 
_entity_src_gen.pdbx_host_org_vector               ? 
_entity_src_gen.host_org_details                   ? 
_entity_src_gen.expression_system_id               ? 
_entity_src_gen.plasmid_name                       ? 
_entity_src_gen.plasmid_details                    ? 
_entity_src_gen.pdbx_description                   ? 
# 
loop_
_chem_comp.id 
_chem_comp.type 
_chem_comp.mon_nstd_flag 
_chem_comp.name 
_chem_comp.pdbx_synonyms 
_chem_comp.formula 
_chem_comp.formula_weight 
ALA 'L-peptide linking' y ALANINE              ? 'C3 H7 N O2'     89.093  
ARG 'L-peptide linking' y ARGININE             ? 'C6 H15 N4 O2 1' 175.209 
ASN 'L-peptide linking' y ASPARAGINE           ? 'C4 H8 N2 O3'    132.118 
ASP 'L-peptide linking' y 'ASPARTIC ACID'      ? 'C4 H7 N O4'     133.103 
CYS 'L-peptide linking' y CYSTEINE             ? 'C3 H7 N O2 S'   121.158 
DMS non-polymer         . 'DIMETHYL SULFOXIDE' ? 'C2 H6 O S'      78.133  
GLN 'L-peptide linking' y GLUTAMINE            ? 'C5 H10 N2 O3'   146.144 
GLU 'L-peptide linking' y 'GLUTAMIC ACID'      ? 'C5 H9 N O4'     147.129 
GLY 'peptide linking'   y GLYCINE              ? 'C2 H5 N O2'     75.067  
HIS 'L-peptide linking' y HISTIDINE            ? 'C6 H10 N3 O2 1' 156.162 
HOH non-polymer         . WATER                ? 'H2 O'           18.015  
LEU 'L-peptide linking' y LEUCINE              ? 'C6 H13 N O2'    131.173 
LYS 'L-peptide linking' y LYSINE               ? 'C6 H15 N2 O2 1' 147.195 
MET 'L-peptide linking' y METHIONINE           ? 'C5 H11 N O2 S'  149.211 
PHE 'L-peptide linking' y PHENYLALANINE        ? 'C9 H11 N O2'    165.189 
PRO 'L-peptide linking' y PROLINE              ? 'C5 H9 N O2'     115.130 
SER 'L-peptide linking' y SERINE               ? 'C3 H7 N O3'     105.093 
SO4 non-polymer         . 'SULFATE ION'        ? 'O4 S -2'        96.063  
THR 'L-peptide linking' y THREONINE            ? 'C4 H9 N O3'     119.119 
TRP 'L-peptide linking' y TRYPTOPHAN           ? 'C11 H12 N2 O2'  204.225 
TYR 'L-peptide linking' y TYROSINE             ? 'C9 H11 N O3'    181.189 
VAL 'L-peptide linking' y VALINE               ? 'C5 H11 N O2'    117.146 
# 
loop_
_pdbx_poly_seq_scheme.asym_id 
_pdbx_poly_seq_scheme.entity_id 
_pdbx_poly_seq_scheme.seq_id 
_pdbx_poly_seq_scheme.mon_id 
_pdbx_poly_seq_scheme.ndb_seq_num 
_pdbx_poly_seq_scheme.pdb_seq_num 
_pdbx_poly_seq_scheme.auth_seq_num 
_pdbx_poly_seq_scheme.pdb_mon_id 
_pdbx_poly_seq_scheme.auth_mon_id 
_pdbx_poly_seq_scheme.pdb_strand_id 
_pdbx_poly_seq_scheme.pdb_ins_code 
_pdbx_poly_seq_scheme.hetero 
A 1 1   MET 1   137 ?   ?   ?   A . n 
A 1 2   HIS 2   138 ?   ?   ?   A . n 
A 1 3   HIS 3   139 ?   ?   ?   A . n 
A 1 4   HIS 4   140 ?   ?   ?   A . n 
A 1 5   HIS 5   141 ?   ?   ?   A . n 
A 1 6   HIS 6   142 ?   ?   ?   A . n 
A 1 7   HIS 7   143 ?   ?   ?   A . n 
A 1 8   MET 8   144 144 MET MET A . n 
A 1 9   LEU 9   145 145 LEU LEU A . n 
A 1 10  SER 10  146 146 SER SER A . n 
A 1 11  VAL 11  147 147 VAL VAL A . n 
A 1 12  ASP 12  148 148 ASP ASP A . n 
A 1 13  ASP 13  149 149 ASP ASP A . n 
A 1 14  CYS 14  150 150 CYS CYS A . n 
A 1 15  PHE 15  151 151 PHE PHE A . n 
A 1 16  GLY 16  152 152 GLY GLY A . n 
A 1 17  MET 17  153 153 MET MET A . n 
A 1 18  GLY 18  154 154 GLY GLY A . n 
A 1 19  ARG 19  155 155 ARG ARG A . n 
A 1 20  SER 20  156 156 SER SER A . n 
A 1 21  ALA 21  157 157 ALA ALA A . n 
A 1 22  TYR 22  158 158 TYR TYR A . n 
A 1 23  ASN 23  159 159 ASN ASN A . n 
A 1 24  GLU 24  160 160 GLU GLU A . n 
A 1 25  GLY 25  161 161 GLY GLY A . n 
A 1 26  ASP 26  162 162 ASP ASP A . n 
A 1 27  TYR 27  163 163 TYR TYR A . n 
A 1 28  TYR 28  164 164 TYR TYR A . n 
A 1 29  HIS 29  165 165 HIS HIS A . n 
A 1 30  THR 30  166 166 THR THR A . n 
A 1 31  VAL 31  167 167 VAL VAL A . n 
A 1 32  LEU 32  168 168 LEU LEU A . n 
A 1 33  TRP 33  169 169 TRP TRP A . n 
A 1 34  MET 34  170 170 MET MET A . n 
A 1 35  GLU 35  171 171 GLU GLU A . n 
A 1 36  GLN 36  172 172 GLN GLN A . n 
A 1 37  VAL 37  173 173 VAL VAL A . n 
A 1 38  LEU 38  174 174 LEU LEU A . n 
A 1 39  LYS 39  175 175 LYS LYS A . n 
A 1 40  GLN 40  176 176 GLN GLN A . n 
A 1 41  LEU 41  177 177 LEU LEU A . n 
A 1 42  ASP 42  178 178 ASP ASP A . n 
A 1 43  ALA 43  179 179 ALA ALA A . n 
A 1 44  GLY 44  180 180 GLY GLY A . n 
A 1 45  GLU 45  181 181 GLU GLU A . n 
A 1 46  GLU 46  182 182 GLU GLU A . n 
A 1 47  ALA 47  183 183 ALA ALA A . n 
A 1 48  THR 48  184 184 THR THR A . n 
A 1 49  THR 49  185 185 THR THR A . n 
A 1 50  THR 50  186 186 THR THR A . n 
A 1 51  LYS 51  187 187 LYS LYS A . n 
A 1 52  SER 52  188 188 SER SER A . n 
A 1 53  GLN 53  189 189 GLN GLN A . n 
A 1 54  VAL 54  190 190 VAL VAL A . n 
A 1 55  LEU 55  191 191 LEU LEU A . n 
A 1 56  ASP 56  192 192 ASP ASP A . n 
A 1 57  TYR 57  193 193 TYR TYR A . n 
A 1 58  LEU 58  194 194 LEU LEU A . n 
A 1 59  SER 59  195 195 SER SER A . n 
A 1 60  TYR 60  196 196 TYR TYR A . n 
A 1 61  ALA 61  197 197 ALA ALA A . n 
A 1 62  VAL 62  198 198 VAL VAL A . n 
A 1 63  PHE 63  199 199 PHE PHE A . n 
A 1 64  GLN 64  200 200 GLN GLN A . n 
A 1 65  LEU 65  201 201 LEU LEU A . n 
A 1 66  GLY 66  202 202 GLY GLY A . n 
A 1 67  ASP 67  203 203 ASP ASP A . n 
A 1 68  LEU 68  204 204 LEU LEU A . n 
A 1 69  HIS 69  205 205 HIS HIS A . n 
A 1 70  ARG 70  206 206 ARG ARG A . n 
A 1 71  ALA 71  207 207 ALA ALA A . n 
A 1 72  LEU 72  208 208 LEU LEU A . n 
A 1 73  GLU 73  209 209 GLU GLU A . n 
A 1 74  LEU 74  210 210 LEU LEU A . n 
A 1 75  THR 75  211 211 THR THR A . n 
A 1 76  ARG 76  212 212 ARG ARG A . n 
A 1 77  ARG 77  213 213 ARG ARG A . n 
A 1 78  LEU 78  214 214 LEU LEU A . n 
A 1 79  LEU 79  215 215 LEU LEU A . n 
A 1 80  SER 80  216 216 SER SER A . n 
A 1 81  LEU 81  217 217 LEU LEU A . n 
A 1 82  ASP 82  218 218 ASP ASP A . n 
A 1 83  PRO 83  219 219 PRO PRO A . n 
A 1 84  SER 84  220 220 SER SER A . n 
A 1 85  HIS 85  221 221 HIS HIS A . n 
A 1 86  GLU 86  222 222 GLU GLU A . n 
A 1 87  ARG 87  223 223 ARG ARG A . n 
A 1 88  ALA 88  224 224 ALA ALA A . n 
A 1 89  GLY 89  225 225 GLY GLY A . n 
A 1 90  GLY 90  226 226 GLY GLY A . n 
A 1 91  ASN 91  227 227 ASN ASN A . n 
A 1 92  LEU 92  228 228 LEU LEU A . n 
A 1 93  ARG 93  229 229 ARG ARG A . n 
A 1 94  TYR 94  230 230 TYR TYR A . n 
A 1 95  PHE 95  231 231 PHE PHE A . n 
A 1 96  GLU 96  232 232 GLU GLU A . n 
A 1 97  GLN 97  233 233 GLN GLN A . n 
A 1 98  LEU 98  234 234 LEU LEU A . n 
A 1 99  LEU 99  235 235 LEU LEU A . n 
A 1 100 GLU 100 236 236 GLU GLU A . n 
A 1 101 GLU 101 237 237 GLU GLU A . n 
A 1 102 GLU 102 238 ?   ?   ?   A . n 
# 
loop_
_pdbx_nonpoly_scheme.asym_id 
_pdbx_nonpoly_scheme.entity_id 
_pdbx_nonpoly_scheme.mon_id 
_pdbx_nonpoly_scheme.ndb_seq_num 
_pdbx_nonpoly_scheme.pdb_seq_num 
_pdbx_nonpoly_scheme.auth_seq_num 
_pdbx_nonpoly_scheme.pdb_mon_id 
_pdbx_nonpoly_scheme.auth_mon_id 
_pdbx_nonpoly_scheme.pdb_strand_id 
_pdbx_nonpoly_scheme.pdb_ins_code 
B 2 SO4 1   301 1   SO4 SO4 A . 
C 3 DMS 1   302 1   DMS DMS A . 
D 4 GLY 1   303 1   GLY GLY A . 
E 4 GLY 1   304 2   GLY GLY A . 
F 5 HOH 1   401 56  HOH HOH A . 
F 5 HOH 2   402 110 HOH HOH A . 
F 5 HOH 3   403 109 HOH HOH A . 
F 5 HOH 4   404 121 HOH HOH A . 
F 5 HOH 5   405 33  HOH HOH A . 
F 5 HOH 6   406 86  HOH HOH A . 
F 5 HOH 7   407 101 HOH HOH A . 
F 5 HOH 8   408 36  HOH HOH A . 
F 5 HOH 9   409 114 HOH HOH A . 
F 5 HOH 10  410 66  HOH HOH A . 
F 5 HOH 11  411 97  HOH HOH A . 
F 5 HOH 12  412 7   HOH HOH A . 
F 5 HOH 13  413 112 HOH HOH A . 
F 5 HOH 14  414 122 HOH HOH A . 
F 5 HOH 15  415 31  HOH HOH A . 
F 5 HOH 16  416 62  HOH HOH A . 
F 5 HOH 17  417 1   HOH HOH A . 
F 5 HOH 18  418 17  HOH HOH A . 
F 5 HOH 19  419 32  HOH HOH A . 
F 5 HOH 20  420 120 HOH HOH A . 
F 5 HOH 21  421 39  HOH HOH A . 
F 5 HOH 22  422 75  HOH HOH A . 
F 5 HOH 23  423 16  HOH HOH A . 
F 5 HOH 24  424 21  HOH HOH A . 
F 5 HOH 25  425 30  HOH HOH A . 
F 5 HOH 26  426 24  HOH HOH A . 
F 5 HOH 27  427 11  HOH HOH A . 
F 5 HOH 28  428 22  HOH HOH A . 
F 5 HOH 29  429 51  HOH HOH A . 
F 5 HOH 30  430 8   HOH HOH A . 
F 5 HOH 31  431 6   HOH HOH A . 
F 5 HOH 32  432 95  HOH HOH A . 
F 5 HOH 33  433 107 HOH HOH A . 
F 5 HOH 34  434 4   HOH HOH A . 
F 5 HOH 35  435 25  HOH HOH A . 
F 5 HOH 36  436 38  HOH HOH A . 
F 5 HOH 37  437 96  HOH HOH A . 
F 5 HOH 38  438 72  HOH HOH A . 
F 5 HOH 39  439 27  HOH HOH A . 
F 5 HOH 40  440 74  HOH HOH A . 
F 5 HOH 41  441 23  HOH HOH A . 
F 5 HOH 42  442 63  HOH HOH A . 
F 5 HOH 43  443 67  HOH HOH A . 
F 5 HOH 44  444 13  HOH HOH A . 
F 5 HOH 45  445 5   HOH HOH A . 
F 5 HOH 46  446 94  HOH HOH A . 
F 5 HOH 47  447 106 HOH HOH A . 
F 5 HOH 48  448 115 HOH HOH A . 
F 5 HOH 49  449 54  HOH HOH A . 
F 5 HOH 50  450 26  HOH HOH A . 
F 5 HOH 51  451 99  HOH HOH A . 
F 5 HOH 52  452 111 HOH HOH A . 
F 5 HOH 53  453 87  HOH HOH A . 
F 5 HOH 54  454 20  HOH HOH A . 
F 5 HOH 55  455 41  HOH HOH A . 
F 5 HOH 56  456 28  HOH HOH A . 
F 5 HOH 57  457 2   HOH HOH A . 
F 5 HOH 58  458 49  HOH HOH A . 
F 5 HOH 59  459 42  HOH HOH A . 
F 5 HOH 60  460 57  HOH HOH A . 
F 5 HOH 61  461 77  HOH HOH A . 
F 5 HOH 62  462 108 HOH HOH A . 
F 5 HOH 63  463 52  HOH HOH A . 
F 5 HOH 64  464 29  HOH HOH A . 
F 5 HOH 65  465 10  HOH HOH A . 
F 5 HOH 66  466 40  HOH HOH A . 
F 5 HOH 67  467 14  HOH HOH A . 
F 5 HOH 68  468 15  HOH HOH A . 
F 5 HOH 69  469 9   HOH HOH A . 
F 5 HOH 70  470 64  HOH HOH A . 
F 5 HOH 71  471 80  HOH HOH A . 
F 5 HOH 72  472 59  HOH HOH A . 
F 5 HOH 73  473 12  HOH HOH A . 
F 5 HOH 74  474 116 HOH HOH A . 
F 5 HOH 75  475 3   HOH HOH A . 
F 5 HOH 76  476 100 HOH HOH A . 
F 5 HOH 77  477 82  HOH HOH A . 
F 5 HOH 78  478 85  HOH HOH A . 
F 5 HOH 79  479 19  HOH HOH A . 
F 5 HOH 80  480 69  HOH HOH A . 
F 5 HOH 81  481 79  HOH HOH A . 
F 5 HOH 82  482 93  HOH HOH A . 
F 5 HOH 83  483 104 HOH HOH A . 
F 5 HOH 84  484 88  HOH HOH A . 
F 5 HOH 85  485 45  HOH HOH A . 
F 5 HOH 86  486 117 HOH HOH A . 
F 5 HOH 87  487 53  HOH HOH A . 
F 5 HOH 88  488 102 HOH HOH A . 
F 5 HOH 89  489 90  HOH HOH A . 
F 5 HOH 90  490 118 HOH HOH A . 
F 5 HOH 91  491 34  HOH HOH A . 
F 5 HOH 92  492 83  HOH HOH A . 
F 5 HOH 93  493 89  HOH HOH A . 
F 5 HOH 94  494 98  HOH HOH A . 
F 5 HOH 95  495 65  HOH HOH A . 
F 5 HOH 96  496 91  HOH HOH A . 
F 5 HOH 97  497 55  HOH HOH A . 
F 5 HOH 98  498 73  HOH HOH A . 
F 5 HOH 99  499 103 HOH HOH A . 
F 5 HOH 100 500 58  HOH HOH A . 
F 5 HOH 101 501 70  HOH HOH A . 
F 5 HOH 102 502 81  HOH HOH A . 
F 5 HOH 103 503 113 HOH HOH A . 
F 5 HOH 104 504 18  HOH HOH A . 
F 5 HOH 105 505 119 HOH HOH A . 
F 5 HOH 106 506 76  HOH HOH A . 
F 5 HOH 107 507 92  HOH HOH A . 
F 5 HOH 108 508 35  HOH HOH A . 
F 5 HOH 109 509 61  HOH HOH A . 
F 5 HOH 110 510 44  HOH HOH A . 
F 5 HOH 111 511 84  HOH HOH A . 
F 5 HOH 112 512 43  HOH HOH A . 
F 5 HOH 113 513 37  HOH HOH A . 
F 5 HOH 114 514 50  HOH HOH A . 
F 5 HOH 115 515 68  HOH HOH A . 
F 5 HOH 116 516 48  HOH HOH A . 
F 5 HOH 117 517 60  HOH HOH A . 
F 5 HOH 118 518 47  HOH HOH A . 
F 5 HOH 119 519 71  HOH HOH A . 
F 5 HOH 120 520 78  HOH HOH A . 
F 5 HOH 121 521 105 HOH HOH A . 
F 5 HOH 122 522 46  HOH HOH A . 
# 
loop_
_software.citation_id 
_software.classification 
_software.compiler_name 
_software.compiler_version 
_software.contact_author 
_software.contact_author_email 
_software.date 
_software.description 
_software.dependencies 
_software.hardware 
_software.language 
_software.location 
_software.mods 
_software.name 
_software.os 
_software.os_version 
_software.type 
_software.version 
_software.pdbx_ordinal 
? refinement       ? ? ? ? ? ? ? ? ? ? ? PHENIX ? ? ? '(1.11.1_2575)'     1 
? 'data reduction' ? ? ? ? ? ? ? ? ? ? ? XPREP  ? ? ? 'Proteum 2 package' 2 
? 'data scaling'   ? ? ? ? ? ? ? ? ? ? ? SADABS ? ? ? 'Proteum 2 package' 3 
? phasing          ? ? ? ? ? ? ? ? ? ? ? PHASER ? ? ? .                   4 
# 
_cell.angle_alpha                  90.00 
_cell.angle_alpha_esd              ? 
_cell.angle_beta                   90.00 
_cell.angle_beta_esd               ? 
_cell.angle_gamma                  120.00 
_cell.angle_gamma_esd              ? 
_cell.entry_id                     6EVL 
_cell.details                      ? 
_cell.formula_units_Z              ? 
_cell.length_a                     55.449 
_cell.length_a_esd                 ? 
_cell.length_b                     55.449 
_cell.length_b_esd                 ? 
_cell.length_c                     71.705 
_cell.length_c_esd                 ? 
_cell.volume                       ? 
_cell.volume_esd                   ? 
_cell.Z_PDB                        6 
_cell.reciprocal_angle_alpha       ? 
_cell.reciprocal_angle_beta        ? 
_cell.reciprocal_angle_gamma       ? 
_cell.reciprocal_angle_alpha_esd   ? 
_cell.reciprocal_angle_beta_esd    ? 
_cell.reciprocal_angle_gamma_esd   ? 
_cell.reciprocal_length_a          ? 
_cell.reciprocal_length_b          ? 
_cell.reciprocal_length_c          ? 
_cell.reciprocal_length_a_esd      ? 
_cell.reciprocal_length_b_esd      ? 
_cell.reciprocal_length_c_esd      ? 
_cell.pdbx_unique_axis             ? 
# 
_symmetry.entry_id                         6EVL 
_symmetry.cell_setting                     ? 
_symmetry.Int_Tables_number                154 
_symmetry.space_group_name_Hall            ? 
_symmetry.space_group_name_H-M             'P 32 2 1' 
_symmetry.pdbx_full_space_group_name_H-M   ? 
# 
_exptl.absorpt_coefficient_mu     ? 
_exptl.absorpt_correction_T_max   ? 
_exptl.absorpt_correction_T_min   ? 
_exptl.absorpt_correction_type    ? 
_exptl.absorpt_process_details    ? 
_exptl.entry_id                   6EVL 
_exptl.crystals_number            1 
_exptl.details                    ? 
_exptl.method                     'X-RAY DIFFRACTION' 
_exptl.method_details             ? 
# 
_exptl_crystal.colour                      ? 
_exptl_crystal.density_diffrn              ? 
_exptl_crystal.density_Matthews            2.67 
_exptl_crystal.density_method              ? 
_exptl_crystal.density_percent_sol         54.03 
_exptl_crystal.description                 ? 
_exptl_crystal.F_000                       ? 
_exptl_crystal.id                          1 
_exptl_crystal.preparation                 ? 
_exptl_crystal.size_max                    ? 
_exptl_crystal.size_mid                    ? 
_exptl_crystal.size_min                    ? 
_exptl_crystal.size_rad                    ? 
_exptl_crystal.colour_lustre               ? 
_exptl_crystal.colour_modifier             ? 
_exptl_crystal.colour_primary              ? 
_exptl_crystal.density_meas                ? 
_exptl_crystal.density_meas_esd            ? 
_exptl_crystal.density_meas_gt             ? 
_exptl_crystal.density_meas_lt             ? 
_exptl_crystal.density_meas_temp           ? 
_exptl_crystal.density_meas_temp_esd       ? 
_exptl_crystal.density_meas_temp_gt        ? 
_exptl_crystal.density_meas_temp_lt        ? 
_exptl_crystal.pdbx_crystal_image_url      ? 
_exptl_crystal.pdbx_crystal_image_format   ? 
_exptl_crystal.pdbx_mosaicity              ? 
_exptl_crystal.pdbx_mosaicity_esd          ? 
# 
_exptl_crystal_grow.apparatus       ? 
_exptl_crystal_grow.atmosphere      ? 
_exptl_crystal_grow.crystal_id      1 
_exptl_crystal_grow.details         ? 
_exptl_crystal_grow.method          'VAPOR DIFFUSION, SITTING DROP' 
_exptl_crystal_grow.method_ref      ? 
_exptl_crystal_grow.pH              6.5 
_exptl_crystal_grow.pressure        ? 
_exptl_crystal_grow.pressure_esd    ? 
_exptl_crystal_grow.seeding         ? 
_exptl_crystal_grow.seeding_ref     ? 
_exptl_crystal_grow.temp            277 
_exptl_crystal_grow.temp_details    ? 
_exptl_crystal_grow.temp_esd        ? 
_exptl_crystal_grow.time            ? 
_exptl_crystal_grow.pdbx_details    '2.45 M ammonium sulphate, 10% DMSO, 100 mM MOPS, pH 6.5' 
_exptl_crystal_grow.pdbx_pH_range   ? 
# 
_diffrn.ambient_environment    ? 
_diffrn.ambient_temp           100 
_diffrn.ambient_temp_details   ? 
_diffrn.ambient_temp_esd       ? 
_diffrn.crystal_id             1 
_diffrn.crystal_support        ? 
_diffrn.crystal_treatment      ? 
_diffrn.details                ? 
_diffrn.id                     1 
_diffrn.ambient_pressure       ? 
_diffrn.ambient_pressure_esd   ? 
_diffrn.ambient_pressure_gt    ? 
_diffrn.ambient_pressure_lt    ? 
_diffrn.ambient_temp_gt        ? 
_diffrn.ambient_temp_lt        ? 
# 
_diffrn_detector.details                      'HELIOS MX MIRRORS' 
_diffrn_detector.detector                     CCD 
_diffrn_detector.diffrn_id                    1 
_diffrn_detector.type                         'Nonius Kappa CCD' 
_diffrn_detector.area_resol_mean              ? 
_diffrn_detector.dtime                        ? 
_diffrn_detector.pdbx_frames_total            ? 
_diffrn_detector.pdbx_collection_time_total   ? 
_diffrn_detector.pdbx_collection_date         2016-07-28 
# 
_diffrn_radiation.collimation                      ? 
_diffrn_radiation.diffrn_id                        1 
_diffrn_radiation.filter_edge                      ? 
_diffrn_radiation.inhomogeneity                    ? 
_diffrn_radiation.monochromator                    ? 
_diffrn_radiation.polarisn_norm                    ? 
_diffrn_radiation.polarisn_ratio                   ? 
_diffrn_radiation.probe                            ? 
_diffrn_radiation.type                             ? 
_diffrn_radiation.xray_symbol                      ? 
_diffrn_radiation.wavelength_id                    1 
_diffrn_radiation.pdbx_monochromatic_or_laue_m_l   M 
_diffrn_radiation.pdbx_wavelength_list             ? 
_diffrn_radiation.pdbx_wavelength                  ? 
_diffrn_radiation.pdbx_diffrn_protocol             'SINGLE WAVELENGTH' 
_diffrn_radiation.pdbx_analyzer                    ? 
_diffrn_radiation.pdbx_scattering_type             x-ray 
# 
_diffrn_radiation_wavelength.id           1 
_diffrn_radiation_wavelength.wavelength   1.54 
_diffrn_radiation_wavelength.wt           1.0 
# 
_diffrn_source.current                     ? 
_diffrn_source.details                     ? 
_diffrn_source.diffrn_id                   1 
_diffrn_source.power                       ? 
_diffrn_source.size                        ? 
_diffrn_source.source                      'ROTATING ANODE' 
_diffrn_source.target                      ? 
_diffrn_source.type                        'BRUKER AXS MICROSTAR' 
_diffrn_source.voltage                     ? 
_diffrn_source.take-off_angle              ? 
_diffrn_source.pdbx_wavelength_list        1.54 
_diffrn_source.pdbx_wavelength             ? 
_diffrn_source.pdbx_synchrotron_beamline   ? 
_diffrn_source.pdbx_synchrotron_site       ? 
# 
_reflns.B_iso_Wilson_estimate            ? 
_reflns.entry_id                         6EVL 
_reflns.data_reduction_details           ? 
_reflns.data_reduction_method            ? 
_reflns.d_resolution_high                1.87 
_reflns.d_resolution_low                 48 
_reflns.details                          ? 
_reflns.limit_h_max                      ? 
_reflns.limit_h_min                      ? 
_reflns.limit_k_max                      ? 
_reflns.limit_k_min                      ? 
_reflns.limit_l_max                      ? 
_reflns.limit_l_min                      ? 
_reflns.number_all                       ? 
_reflns.number_obs                       10985 
_reflns.observed_criterion               ? 
_reflns.observed_criterion_F_max         ? 
_reflns.observed_criterion_F_min         ? 
_reflns.observed_criterion_I_max         ? 
_reflns.observed_criterion_I_min         ? 
_reflns.observed_criterion_sigma_F       ? 
_reflns.observed_criterion_sigma_I       ? 
_reflns.percent_possible_obs             99.9 
_reflns.R_free_details                   ? 
_reflns.Rmerge_F_all                     ? 
_reflns.Rmerge_F_obs                     ? 
_reflns.Friedel_coverage                 ? 
_reflns.number_gt                        ? 
_reflns.threshold_expression             ? 
_reflns.pdbx_redundancy                  14.3 
_reflns.pdbx_Rmerge_I_obs                0.139 
_reflns.pdbx_Rmerge_I_all                ? 
_reflns.pdbx_Rsym_value                  ? 
_reflns.pdbx_netI_over_av_sigmaI         ? 
_reflns.pdbx_netI_over_sigmaI            15 
_reflns.pdbx_res_netI_over_av_sigmaI_2   ? 
_reflns.pdbx_res_netI_over_sigmaI_2      ? 
_reflns.pdbx_chi_squared                 ? 
_reflns.pdbx_scaling_rejects             ? 
_reflns.pdbx_d_res_high_opt              ? 
_reflns.pdbx_d_res_low_opt               ? 
_reflns.pdbx_d_res_opt_method            ? 
_reflns.phase_calculation_details        ? 
_reflns.pdbx_Rrim_I_all                  ? 
_reflns.pdbx_Rpim_I_all                  0.038 
_reflns.pdbx_d_opt                       ? 
_reflns.pdbx_number_measured_all         ? 
_reflns.pdbx_diffrn_id                   1 
_reflns.pdbx_ordinal                     1 
_reflns.pdbx_CC_half                     ? 
_reflns.pdbx_R_split                     ? 
# 
_reflns_shell.d_res_high                  1.87 
_reflns_shell.d_res_low                   1.90 
_reflns_shell.meanI_over_sigI_all         ? 
_reflns_shell.meanI_over_sigI_obs         2.0 
_reflns_shell.number_measured_all         ? 
_reflns_shell.number_measured_obs         ? 
_reflns_shell.number_possible             ? 
_reflns_shell.number_unique_all           ? 
_reflns_shell.number_unique_obs           523 
_reflns_shell.percent_possible_all        99.8 
_reflns_shell.percent_possible_obs        ? 
_reflns_shell.Rmerge_F_all                ? 
_reflns_shell.Rmerge_F_obs                ? 
_reflns_shell.Rmerge_I_all                ? 
_reflns_shell.Rmerge_I_obs                0.629 
_reflns_shell.meanI_over_sigI_gt          ? 
_reflns_shell.meanI_over_uI_all           ? 
_reflns_shell.meanI_over_uI_gt            ? 
_reflns_shell.number_measured_gt          ? 
_reflns_shell.number_unique_gt            ? 
_reflns_shell.percent_possible_gt         ? 
_reflns_shell.Rmerge_F_gt                 ? 
_reflns_shell.Rmerge_I_gt                 ? 
_reflns_shell.pdbx_redundancy             5.2 
_reflns_shell.pdbx_Rsym_value             ? 
_reflns_shell.pdbx_chi_squared            ? 
_reflns_shell.pdbx_netI_over_sigmaI_all   ? 
_reflns_shell.pdbx_netI_over_sigmaI_obs   ? 
_reflns_shell.pdbx_Rrim_I_all             ? 
_reflns_shell.pdbx_Rpim_I_all             0.298 
_reflns_shell.pdbx_rejects                ? 
_reflns_shell.pdbx_ordinal                1 
_reflns_shell.pdbx_diffrn_id              1 
_reflns_shell.pdbx_CC_half                ? 
_reflns_shell.pdbx_R_split                ? 
# 
_refine.aniso_B[1][1]                            ? 
_refine.aniso_B[1][2]                            ? 
_refine.aniso_B[1][3]                            ? 
_refine.aniso_B[2][2]                            ? 
_refine.aniso_B[2][3]                            ? 
_refine.aniso_B[3][3]                            ? 
_refine.B_iso_max                                ? 
_refine.B_iso_mean                               ? 
_refine.B_iso_min                                ? 
_refine.correlation_coeff_Fo_to_Fc               ? 
_refine.correlation_coeff_Fo_to_Fc_free          ? 
_refine.details                                  ? 
_refine.diff_density_max                         ? 
_refine.diff_density_max_esd                     ? 
_refine.diff_density_min                         ? 
_refine.diff_density_min_esd                     ? 
_refine.diff_density_rms                         ? 
_refine.diff_density_rms_esd                     ? 
_refine.entry_id                                 6EVL 
_refine.pdbx_refine_id                           'X-RAY DIFFRACTION' 
_refine.ls_abs_structure_details                 ? 
_refine.ls_abs_structure_Flack                   ? 
_refine.ls_abs_structure_Flack_esd               ? 
_refine.ls_abs_structure_Rogers                  ? 
_refine.ls_abs_structure_Rogers_esd              ? 
_refine.ls_d_res_high                            1.870 
_refine.ls_d_res_low                             48.0 
_refine.ls_extinction_coef                       ? 
_refine.ls_extinction_coef_esd                   ? 
_refine.ls_extinction_expression                 ? 
_refine.ls_extinction_method                     ? 
_refine.ls_goodness_of_fit_all                   ? 
_refine.ls_goodness_of_fit_all_esd               ? 
_refine.ls_goodness_of_fit_obs                   ? 
_refine.ls_goodness_of_fit_obs_esd               ? 
_refine.ls_hydrogen_treatment                    ? 
_refine.ls_matrix_type                           ? 
_refine.ls_number_constraints                    ? 
_refine.ls_number_parameters                     ? 
_refine.ls_number_reflns_all                     ? 
_refine.ls_number_reflns_obs                     10951 
_refine.ls_number_reflns_R_free                  2071 
_refine.ls_number_reflns_R_work                  ? 
_refine.ls_number_restraints                     ? 
_refine.ls_percent_reflns_obs                    99.65 
_refine.ls_percent_reflns_R_free                 10.18 
_refine.ls_R_factor_all                          ? 
_refine.ls_R_factor_obs                          0.1861 
_refine.ls_R_factor_R_free                       0.2243 
_refine.ls_R_factor_R_free_error                 ? 
_refine.ls_R_factor_R_free_error_details         ? 
_refine.ls_R_factor_R_work                       0.1818 
_refine.ls_R_Fsqd_factor_obs                     ? 
_refine.ls_R_I_factor_obs                        ? 
_refine.ls_redundancy_reflns_all                 ? 
_refine.ls_redundancy_reflns_obs                 ? 
_refine.ls_restrained_S_all                      ? 
_refine.ls_restrained_S_obs                      ? 
_refine.ls_shift_over_esd_max                    ? 
_refine.ls_shift_over_esd_mean                   ? 
_refine.ls_structure_factor_coef                 ? 
_refine.ls_weighting_details                     ? 
_refine.ls_weighting_scheme                      ? 
_refine.ls_wR_factor_all                         ? 
_refine.ls_wR_factor_obs                         ? 
_refine.ls_wR_factor_R_free                      ? 
_refine.ls_wR_factor_R_work                      ? 
_refine.occupancy_max                            ? 
_refine.occupancy_min                            ? 
_refine.solvent_model_details                    ? 
_refine.solvent_model_param_bsol                 ? 
_refine.solvent_model_param_ksol                 ? 
_refine.ls_R_factor_gt                           ? 
_refine.ls_goodness_of_fit_gt                    ? 
_refine.ls_goodness_of_fit_ref                   ? 
_refine.ls_shift_over_su_max                     ? 
_refine.ls_shift_over_su_max_lt                  ? 
_refine.ls_shift_over_su_mean                    ? 
_refine.ls_shift_over_su_mean_lt                 ? 
_refine.pdbx_ls_sigma_I                          ? 
_refine.pdbx_ls_sigma_F                          1.34 
_refine.pdbx_ls_sigma_Fsqd                       ? 
_refine.pdbx_data_cutoff_high_absF               ? 
_refine.pdbx_data_cutoff_high_rms_absF           ? 
_refine.pdbx_data_cutoff_low_absF                ? 
_refine.pdbx_isotropic_thermal_model             ? 
_refine.pdbx_ls_cross_valid_method               'FREE R-VALUE' 
_refine.pdbx_method_to_determine_struct          'MOLECULAR REPLACEMENT' 
_refine.pdbx_starting_model                      'PDB code 2V5F' 
_refine.pdbx_stereochemistry_target_values       ? 
_refine.pdbx_R_Free_selection_details            ? 
_refine.pdbx_stereochem_target_val_spec_case     ? 
_refine.pdbx_overall_ESU_R                       ? 
_refine.pdbx_overall_ESU_R_Free                  ? 
_refine.pdbx_solvent_vdw_probe_radii             1.11 
_refine.pdbx_solvent_ion_probe_radii             ? 
_refine.pdbx_solvent_shrinkage_radii             0.90 
_refine.pdbx_real_space_R                        ? 
_refine.pdbx_density_correlation                 ? 
_refine.pdbx_pd_number_of_powder_patterns        ? 
_refine.pdbx_pd_number_of_points                 ? 
_refine.pdbx_pd_meas_number_of_points            ? 
_refine.pdbx_pd_proc_ls_prof_R_factor            ? 
_refine.pdbx_pd_proc_ls_prof_wR_factor           ? 
_refine.pdbx_pd_Marquardt_correlation_coeff      ? 
_refine.pdbx_pd_Fsqrd_R_factor                   ? 
_refine.pdbx_pd_ls_matrix_band_width             ? 
_refine.pdbx_overall_phase_error                 22.95 
_refine.pdbx_overall_SU_R_free_Cruickshank_DPI   ? 
_refine.pdbx_overall_SU_R_free_Blow_DPI          ? 
_refine.pdbx_overall_SU_R_Blow_DPI               ? 
_refine.pdbx_TLS_residual_ADP_flag               ? 
_refine.pdbx_diffrn_id                           1 
_refine.overall_SU_B                             ? 
_refine.overall_SU_ML                            0.22 
_refine.overall_SU_R_Cruickshank_DPI             ? 
_refine.overall_SU_R_free                        ? 
_refine.overall_FOM_free_R_set                   ? 
_refine.overall_FOM_work_R_set                   ? 
_refine.pdbx_average_fsc_overall                 ? 
_refine.pdbx_average_fsc_work                    ? 
_refine.pdbx_average_fsc_free                    ? 
# 
_refine_hist.pdbx_refine_id                   'X-RAY DIFFRACTION' 
_refine_hist.cycle_id                         LAST 
_refine_hist.pdbx_number_atoms_protein        760 
_refine_hist.pdbx_number_atoms_nucleic_acid   0 
_refine_hist.pdbx_number_atoms_ligand         19 
_refine_hist.number_atoms_solvent             122 
_refine_hist.number_atoms_total               901 
_refine_hist.d_res_high                       1.870 
_refine_hist.d_res_low                        48.0 
# 
loop_
_refine_ls_restr.pdbx_refine_id 
_refine_ls_restr.criterion 
_refine_ls_restr.dev_ideal 
_refine_ls_restr.dev_ideal_target 
_refine_ls_restr.number 
_refine_ls_restr.rejects 
_refine_ls_restr.type 
_refine_ls_restr.weight 
_refine_ls_restr.pdbx_restraint_function 
'X-RAY DIFFRACTION' ? 0.006 ? 834  ? f_bond_d           ? ? 
'X-RAY DIFFRACTION' ? 0.759 ? 1131 ? f_angle_d          ? ? 
'X-RAY DIFFRACTION' ? 7.554 ? 663  ? f_dihedral_angle_d ? ? 
'X-RAY DIFFRACTION' ? 0.042 ? 119  ? f_chiral_restr     ? ? 
'X-RAY DIFFRACTION' ? 0.004 ? 147  ? f_plane_restr      ? ? 
# 
loop_
_refine_ls_shell.pdbx_refine_id 
_refine_ls_shell.d_res_high 
_refine_ls_shell.d_res_low 
_refine_ls_shell.number_reflns_all 
_refine_ls_shell.number_reflns_obs 
_refine_ls_shell.number_reflns_R_free 
_refine_ls_shell.number_reflns_R_work 
_refine_ls_shell.percent_reflns_obs 
_refine_ls_shell.percent_reflns_R_free 
_refine_ls_shell.R_factor_all 
_refine_ls_shell.R_factor_obs 
_refine_ls_shell.R_factor_R_free 
_refine_ls_shell.R_factor_R_free_error 
_refine_ls_shell.R_factor_R_work 
_refine_ls_shell.redundancy_reflns_all 
_refine_ls_shell.redundancy_reflns_obs 
_refine_ls_shell.wR_factor_all 
_refine_ls_shell.wR_factor_obs 
_refine_ls_shell.wR_factor_R_free 
_refine_ls_shell.wR_factor_R_work 
_refine_ls_shell.pdbx_total_number_of_bins_used 
_refine_ls_shell.pdbx_phase_error 
_refine_ls_shell.pdbx_fsc_work 
_refine_ls_shell.pdbx_fsc_free 
'X-RAY DIFFRACTION' 1.8700 1.9135  . . 137 1221 97.00  . . . 0.3986 . 0.3314 . . . . . . . . . . 
'X-RAY DIFFRACTION' 1.9135 1.9614  . . 134 1199 100.00 . . . 0.3682 . 0.2833 . . . . . . . . . . 
'X-RAY DIFFRACTION' 1.9614 2.0144  . . 137 1236 100.00 . . . 0.2660 . 0.2722 . . . . . . . . . . 
'X-RAY DIFFRACTION' 2.0144 2.0737  . . 136 1189 100.00 . . . 0.2403 . 0.2495 . . . . . . . . . . 
'X-RAY DIFFRACTION' 2.0737 2.1406  . . 140 1240 100.00 . . . 0.2655 . 0.2168 . . . . . . . . . . 
'X-RAY DIFFRACTION' 2.1406 2.2171  . . 148 1228 100.00 . . . 0.2771 . 0.2087 . . . . . . . . . . 
'X-RAY DIFFRACTION' 2.2171 2.3059  . . 138 1216 100.00 . . . 0.2364 . 0.1898 . . . . . . . . . . 
'X-RAY DIFFRACTION' 2.3059 2.4109  . . 135 1235 100.00 . . . 0.2210 . 0.1647 . . . . . . . . . . 
'X-RAY DIFFRACTION' 2.4109 2.5379  . . 130 1213 100.00 . . . 0.2130 . 0.1661 . . . . . . . . . . 
'X-RAY DIFFRACTION' 2.5379 2.6969  . . 142 1204 100.00 . . . 0.2259 . 0.1663 . . . . . . . . . . 
'X-RAY DIFFRACTION' 2.6969 2.9052  . . 126 1245 100.00 . . . 0.1980 . 0.1584 . . . . . . . . . . 
'X-RAY DIFFRACTION' 2.9052 3.1975  . . 140 1210 100.00 . . . 0.2443 . 0.1505 . . . . . . . . . . 
'X-RAY DIFFRACTION' 3.1975 3.6600  . . 138 1237 100.00 . . . 0.1991 . 0.1480 . . . . . . . . . . 
'X-RAY DIFFRACTION' 3.6600 4.6106  . . 142 1206 100.00 . . . 0.1536 . 0.1198 . . . . . . . . . . 
'X-RAY DIFFRACTION' 4.6106 48.0361 . . 148 1198 98.00  . . . 0.1723 . 0.1627 . . . . . . . . . . 
# 
_struct.entry_id                     6EVL 
_struct.title                        
'Crystal structure of an unlignaded peptide-substrate-binding domain of human type II collagen prolyl 4-hydroxylase' 
_struct.pdbx_model_details           ? 
_struct.pdbx_formula_weight          ? 
_struct.pdbx_formula_weight_method   ? 
_struct.pdbx_model_type_details      ? 
_struct.pdbx_CASP_flag               N 
# 
_struct_keywords.entry_id        6EVL 
_struct_keywords.text            'tetratricopeptide repeat, collagen synthesis, prolyl 4-hydroxylase, HYDROLASE' 
_struct_keywords.pdbx_keywords   HYDROLASE 
# 
loop_
_struct_asym.id 
_struct_asym.pdbx_blank_PDB_chainid_flag 
_struct_asym.pdbx_modified 
_struct_asym.entity_id 
_struct_asym.details 
A N N 1 ? 
B N N 2 ? 
C N N 3 ? 
D N N 4 ? 
E N N 4 ? 
F N N 5 ? 
# 
_struct_ref.id                         1 
_struct_ref.db_name                    UNP 
_struct_ref.db_code                    P4HA2_HUMAN 
_struct_ref.pdbx_db_accession          O15460 
_struct_ref.pdbx_db_isoform            ? 
_struct_ref.entity_id                  1 
_struct_ref.pdbx_seq_one_letter_code   
;MLSVDDCFGMGRSAYNEGDYYHTVLWMEQVLKQLDAGEEATTTKSQVLDYLSYAVFQLGDLHRALELTRRLLSLDPSHER
AGGNLRYFEQLLEEE
;
_struct_ref.pdbx_align_begin           163 
# 
_struct_ref_seq.align_id                      1 
_struct_ref_seq.ref_id                        1 
_struct_ref_seq.pdbx_PDB_id_code              6EVL 
_struct_ref_seq.pdbx_strand_id                A 
_struct_ref_seq.seq_align_beg                 8 
_struct_ref_seq.pdbx_seq_align_beg_ins_code   ? 
_struct_ref_seq.seq_align_end                 102 
_struct_ref_seq.pdbx_seq_align_end_ins_code   ? 
_struct_ref_seq.pdbx_db_accession             O15460 
_struct_ref_seq.db_align_beg                  163 
_struct_ref_seq.pdbx_db_align_beg_ins_code    ? 
_struct_ref_seq.db_align_end                  257 
_struct_ref_seq.pdbx_db_align_end_ins_code    ? 
_struct_ref_seq.pdbx_auth_seq_align_beg       144 
_struct_ref_seq.pdbx_auth_seq_align_end       238 
# 
loop_
_struct_ref_seq_dif.align_id 
_struct_ref_seq_dif.pdbx_pdb_id_code 
_struct_ref_seq_dif.mon_id 
_struct_ref_seq_dif.pdbx_pdb_strand_id 
_struct_ref_seq_dif.seq_num 
_struct_ref_seq_dif.pdbx_pdb_ins_code 
_struct_ref_seq_dif.pdbx_seq_db_name 
_struct_ref_seq_dif.pdbx_seq_db_accession_code 
_struct_ref_seq_dif.db_mon_id 
_struct_ref_seq_dif.pdbx_seq_db_seq_num 
_struct_ref_seq_dif.details 
_struct_ref_seq_dif.pdbx_auth_seq_num 
_struct_ref_seq_dif.pdbx_ordinal 
1 6EVL MET A 1 ? UNP O15460 ? ? 'initiating methionine' 137 1 
1 6EVL HIS A 2 ? UNP O15460 ? ? 'expression tag'        138 2 
1 6EVL HIS A 3 ? UNP O15460 ? ? 'expression tag'        139 3 
1 6EVL HIS A 4 ? UNP O15460 ? ? 'expression tag'        140 4 
1 6EVL HIS A 5 ? UNP O15460 ? ? 'expression tag'        141 5 
1 6EVL HIS A 6 ? UNP O15460 ? ? 'expression tag'        142 6 
1 6EVL HIS A 7 ? UNP O15460 ? ? 'expression tag'        143 7 
# 
_pdbx_struct_assembly.id                   1 
_pdbx_struct_assembly.details              software_defined_assembly 
_pdbx_struct_assembly.method_details       PISA 
_pdbx_struct_assembly.oligomeric_details   monomeric 
_pdbx_struct_assembly.oligomeric_count     1 
# 
loop_
_pdbx_struct_assembly_prop.biol_id 
_pdbx_struct_assembly_prop.type 
_pdbx_struct_assembly_prop.value 
_pdbx_struct_assembly_prop.details 
1 'ABSA (A^2)' 360  ? 
1 MORE         -10  ? 
1 'SSA (A^2)'  5610 ? 
# 
_pdbx_struct_assembly_gen.assembly_id       1 
_pdbx_struct_assembly_gen.oper_expression   1 
_pdbx_struct_assembly_gen.asym_id_list      A,B,C,D,E,F 
# 
_pdbx_struct_assembly_auth_evidence.id                     1 
_pdbx_struct_assembly_auth_evidence.assembly_id            1 
_pdbx_struct_assembly_auth_evidence.experimental_support   'light scattering' 
_pdbx_struct_assembly_auth_evidence.details                ? 
# 
_pdbx_struct_oper_list.id                   1 
_pdbx_struct_oper_list.type                 'identity operation' 
_pdbx_struct_oper_list.name                 1_555 
_pdbx_struct_oper_list.symmetry_operation   x,y,z 
_pdbx_struct_oper_list.matrix[1][1]         1.0000000000 
_pdbx_struct_oper_list.matrix[1][2]         0.0000000000 
_pdbx_struct_oper_list.matrix[1][3]         0.0000000000 
_pdbx_struct_oper_list.vector[1]            0.0000000000 
_pdbx_struct_oper_list.matrix[2][1]         0.0000000000 
_pdbx_struct_oper_list.matrix[2][2]         1.0000000000 
_pdbx_struct_oper_list.matrix[2][3]         0.0000000000 
_pdbx_struct_oper_list.vector[2]            0.0000000000 
_pdbx_struct_oper_list.matrix[3][1]         0.0000000000 
_pdbx_struct_oper_list.matrix[3][2]         0.0000000000 
_pdbx_struct_oper_list.matrix[3][3]         1.0000000000 
_pdbx_struct_oper_list.vector[3]            0.0000000000 
# 
loop_
_struct_conf.conf_type_id 
_struct_conf.id 
_struct_conf.pdbx_PDB_helix_id 
_struct_conf.beg_label_comp_id 
_struct_conf.beg_label_asym_id 
_struct_conf.beg_label_seq_id 
_struct_conf.pdbx_beg_PDB_ins_code 
_struct_conf.end_label_comp_id 
_struct_conf.end_label_asym_id 
_struct_conf.end_label_seq_id 
_struct_conf.pdbx_end_PDB_ins_code 
_struct_conf.beg_auth_comp_id 
_struct_conf.beg_auth_asym_id 
_struct_conf.beg_auth_seq_id 
_struct_conf.end_auth_comp_id 
_struct_conf.end_auth_asym_id 
_struct_conf.end_auth_seq_id 
_struct_conf.pdbx_PDB_helix_class 
_struct_conf.details 
_struct_conf.pdbx_PDB_helix_length 
HELX_P HELX_P1 AA1 SER A 10 ? GLU A 24  ? SER A 146 GLU A 160 1 ? 15 
HELX_P HELX_P2 AA2 ASP A 26 ? ALA A 43  ? ASP A 162 ALA A 179 1 ? 18 
HELX_P HELX_P3 AA3 THR A 50 ? LEU A 65  ? THR A 186 LEU A 201 1 ? 16 
HELX_P HELX_P4 AA4 ASP A 67 ? ASP A 82  ? ASP A 203 ASP A 218 1 ? 16 
HELX_P HELX_P5 AA5 HIS A 85 ? GLU A 100 ? HIS A 221 GLU A 236 1 ? 16 
# 
_struct_conf_type.id          HELX_P 
_struct_conf_type.criteria    ? 
_struct_conf_type.reference   ? 
# 
loop_
_struct_site.id 
_struct_site.pdbx_evidence_code 
_struct_site.pdbx_auth_asym_id 
_struct_site.pdbx_auth_comp_id 
_struct_site.pdbx_auth_seq_id 
_struct_site.pdbx_auth_ins_code 
_struct_site.pdbx_num_residues 
_struct_site.details 
AC1 Software A SO4 301 ? 4 'binding site for residue SO4 A 301' 
AC2 Software A DMS 302 ? 3 'binding site for residue DMS A 302' 
AC3 Software A GLY 303 ? 5 'binding site for residue GLY A 303' 
AC4 Software A GLY 304 ? 4 'binding site for residue GLY A 304' 
# 
loop_
_struct_site_gen.id 
_struct_site_gen.site_id 
_struct_site_gen.pdbx_num_res 
_struct_site_gen.label_comp_id 
_struct_site_gen.label_asym_id 
_struct_site_gen.label_seq_id 
_struct_site_gen.pdbx_auth_ins_code 
_struct_site_gen.auth_comp_id 
_struct_site_gen.auth_asym_id 
_struct_site_gen.auth_seq_id 
_struct_site_gen.label_atom_id 
_struct_site_gen.label_alt_id 
_struct_site_gen.symmetry 
_struct_site_gen.details 
1  AC1 4 ARG A 70 ? ARG A 206 . ? 1_555 ? 
2  AC1 4 GLU A 73 ? GLU A 209 . ? 1_555 ? 
3  AC1 4 ARG A 77 ? ARG A 213 . ? 1_555 ? 
4  AC1 4 HOH F .  ? HOH A 410 . ? 1_555 ? 
5  AC2 3 TRP A 33 ? TRP A 169 . ? 1_555 ? 
6  AC2 3 PRO A 83 ? PRO A 219 . ? 6_664 ? 
7  AC2 3 HOH F .  ? HOH A 452 . ? 1_555 ? 
8  AC3 5 TYR A 22 ? TYR A 158 . ? 1_555 ? 
9  AC3 5 ASP A 56 ? ASP A 192 . ? 1_555 ? 
10 AC3 5 TYR A 57 ? TYR A 193 . ? 1_555 ? 
11 AC3 5 LEU A 99 ? LEU A 235 . ? 3_655 ? 
12 AC3 5 HOH F .  ? HOH A 465 . ? 1_555 ? 
13 AC4 4 TYR A 60 ? TYR A 196 . ? 1_555 ? 
14 AC4 4 ASN A 91 ? ASN A 227 . ? 1_555 ? 
15 AC4 4 HOH F .  ? HOH A 403 . ? 1_555 ? 
16 AC4 4 HOH F .  ? HOH A 429 . ? 1_555 ? 
# 
loop_
_pdbx_validate_close_contact.id 
_pdbx_validate_close_contact.PDB_model_num 
_pdbx_validate_close_contact.auth_atom_id_1 
_pdbx_validate_close_contact.auth_asym_id_1 
_pdbx_validate_close_contact.auth_comp_id_1 
_pdbx_validate_close_contact.auth_seq_id_1 
_pdbx_validate_close_contact.PDB_ins_code_1 
_pdbx_validate_close_contact.label_alt_id_1 
_pdbx_validate_close_contact.auth_atom_id_2 
_pdbx_validate_close_contact.auth_asym_id_2 
_pdbx_validate_close_contact.auth_comp_id_2 
_pdbx_validate_close_contact.auth_seq_id_2 
_pdbx_validate_close_contact.PDB_ins_code_2 
_pdbx_validate_close_contact.label_alt_id_2 
_pdbx_validate_close_contact.dist 
1 1 OE1 A GLU 171 ? ? O A HOH 401 ? ? 2.01 
2 1 O   A HOH 437 ? ? O A HOH 480 ? ? 2.02 
3 1 OD2 A ASP 149 ? ? O A HOH 402 ? ? 2.09 
4 1 O   A HOH 488 ? ? O A HOH 503 ? ? 2.10 
5 1 O   A HOH 488 ? ? O A HOH 512 ? ? 2.13 
6 1 O   A GLY 304 ? ? O A HOH 403 ? ? 2.13 
# 
loop_
_pdbx_validate_symm_contact.id 
_pdbx_validate_symm_contact.PDB_model_num 
_pdbx_validate_symm_contact.auth_atom_id_1 
_pdbx_validate_symm_contact.auth_asym_id_1 
_pdbx_validate_symm_contact.auth_comp_id_1 
_pdbx_validate_symm_contact.auth_seq_id_1 
_pdbx_validate_symm_contact.PDB_ins_code_1 
_pdbx_validate_symm_contact.label_alt_id_1 
_pdbx_validate_symm_contact.site_symmetry_1 
_pdbx_validate_symm_contact.auth_atom_id_2 
_pdbx_validate_symm_contact.auth_asym_id_2 
_pdbx_validate_symm_contact.auth_comp_id_2 
_pdbx_validate_symm_contact.auth_seq_id_2 
_pdbx_validate_symm_contact.PDB_ins_code_2 
_pdbx_validate_symm_contact.label_alt_id_2 
_pdbx_validate_symm_contact.site_symmetry_2 
_pdbx_validate_symm_contact.dist 
1 1 O A HOH 483 ? ? 1_555 O A HOH 499 ? ? 3_655 2.06 
2 1 O A HOH 478 ? ? 1_555 O A HOH 514 ? ? 3_655 2.19 
# 
loop_
_pdbx_validate_torsion.id 
_pdbx_validate_torsion.PDB_model_num 
_pdbx_validate_torsion.auth_comp_id 
_pdbx_validate_torsion.auth_asym_id 
_pdbx_validate_torsion.auth_seq_id 
_pdbx_validate_torsion.PDB_ins_code 
_pdbx_validate_torsion.label_alt_id 
_pdbx_validate_torsion.phi 
_pdbx_validate_torsion.psi 
1 1 ASP A 218 ? ? -154.38 65.09 
2 1 GLU A 236 ? ? -119.63 61.26 
# 
_pdbx_struct_special_symmetry.id              1 
_pdbx_struct_special_symmetry.PDB_model_num   1 
_pdbx_struct_special_symmetry.auth_asym_id    A 
_pdbx_struct_special_symmetry.auth_comp_id    HOH 
_pdbx_struct_special_symmetry.auth_seq_id     515 
_pdbx_struct_special_symmetry.PDB_ins_code    ? 
_pdbx_struct_special_symmetry.label_asym_id   F 
_pdbx_struct_special_symmetry.label_comp_id   HOH 
_pdbx_struct_special_symmetry.label_seq_id    . 
# 
loop_
_pdbx_unobs_or_zero_occ_residues.id 
_pdbx_unobs_or_zero_occ_residues.PDB_model_num 
_pdbx_unobs_or_zero_occ_residues.polymer_flag 
_pdbx_unobs_or_zero_occ_residues.occupancy_flag 
_pdbx_unobs_or_zero_occ_residues.auth_asym_id 
_pdbx_unobs_or_zero_occ_residues.auth_comp_id 
_pdbx_unobs_or_zero_occ_residues.auth_seq_id 
_pdbx_unobs_or_zero_occ_residues.PDB_ins_code 
_pdbx_unobs_or_zero_occ_residues.label_asym_id 
_pdbx_unobs_or_zero_occ_residues.label_comp_id 
_pdbx_unobs_or_zero_occ_residues.label_seq_id 
1 1 Y 1 A MET 137 ? A MET 1   
2 1 Y 1 A HIS 138 ? A HIS 2   
3 1 Y 1 A HIS 139 ? A HIS 3   
4 1 Y 1 A HIS 140 ? A HIS 4   
5 1 Y 1 A HIS 141 ? A HIS 5   
6 1 Y 1 A HIS 142 ? A HIS 6   
7 1 Y 1 A HIS 143 ? A HIS 7   
8 1 Y 1 A GLU 238 ? A GLU 102 
# 
loop_
_chem_comp_atom.comp_id 
_chem_comp_atom.atom_id 
_chem_comp_atom.type_symbol 
_chem_comp_atom.pdbx_aromatic_flag 
_chem_comp_atom.pdbx_stereo_config 
_chem_comp_atom.pdbx_ordinal 
ALA N    N N N 1   
ALA CA   C N S 2   
ALA C    C N N 3   
ALA O    O N N 4   
ALA CB   C N N 5   
ALA OXT  O N N 6   
ALA H    H N N 7   
ALA H2   H N N 8   
ALA HA   H N N 9   
ALA HB1  H N N 10  
ALA HB2  H N N 11  
ALA HB3  H N N 12  
ALA HXT  H N N 13  
ARG N    N N N 14  
ARG CA   C N S 15  
ARG C    C N N 16  
ARG O    O N N 17  
ARG CB   C N N 18  
ARG CG   C N N 19  
ARG CD   C N N 20  
ARG NE   N N N 21  
ARG CZ   C N N 22  
ARG NH1  N N N 23  
ARG NH2  N N N 24  
ARG OXT  O N N 25  
ARG H    H N N 26  
ARG H2   H N N 27  
ARG HA   H N N 28  
ARG HB2  H N N 29  
ARG HB3  H N N 30  
ARG HG2  H N N 31  
ARG HG3  H N N 32  
ARG HD2  H N N 33  
ARG HD3  H N N 34  
ARG HE   H N N 35  
ARG HH11 H N N 36  
ARG HH12 H N N 37  
ARG HH21 H N N 38  
ARG HH22 H N N 39  
ARG HXT  H N N 40  
ASN N    N N N 41  
ASN CA   C N S 42  
ASN C    C N N 43  
ASN O    O N N 44  
ASN CB   C N N 45  
ASN CG   C N N 46  
ASN OD1  O N N 47  
ASN ND2  N N N 48  
ASN OXT  O N N 49  
ASN H    H N N 50  
ASN H2   H N N 51  
ASN HA   H N N 52  
ASN HB2  H N N 53  
ASN HB3  H N N 54  
ASN HD21 H N N 55  
ASN HD22 H N N 56  
ASN HXT  H N N 57  
ASP N    N N N 58  
ASP CA   C N S 59  
ASP C    C N N 60  
ASP O    O N N 61  
ASP CB   C N N 62  
ASP CG   C N N 63  
ASP OD1  O N N 64  
ASP OD2  O N N 65  
ASP OXT  O N N 66  
ASP H    H N N 67  
ASP H2   H N N 68  
ASP HA   H N N 69  
ASP HB2  H N N 70  
ASP HB3  H N N 71  
ASP HD2  H N N 72  
ASP HXT  H N N 73  
CYS N    N N N 74  
CYS CA   C N R 75  
CYS C    C N N 76  
CYS O    O N N 77  
CYS CB   C N N 78  
CYS SG   S N N 79  
CYS OXT  O N N 80  
CYS H    H N N 81  
CYS H2   H N N 82  
CYS HA   H N N 83  
CYS HB2  H N N 84  
CYS HB3  H N N 85  
CYS HG   H N N 86  
CYS HXT  H N N 87  
DMS S    S N N 88  
DMS O    O N N 89  
DMS C1   C N N 90  
DMS C2   C N N 91  
DMS H11  H N N 92  
DMS H12  H N N 93  
DMS H13  H N N 94  
DMS H21  H N N 95  
DMS H22  H N N 96  
DMS H23  H N N 97  
GLN N    N N N 98  
GLN CA   C N S 99  
GLN C    C N N 100 
GLN O    O N N 101 
GLN CB   C N N 102 
GLN CG   C N N 103 
GLN CD   C N N 104 
GLN OE1  O N N 105 
GLN NE2  N N N 106 
GLN OXT  O N N 107 
GLN H    H N N 108 
GLN H2   H N N 109 
GLN HA   H N N 110 
GLN HB2  H N N 111 
GLN HB3  H N N 112 
GLN HG2  H N N 113 
GLN HG3  H N N 114 
GLN HE21 H N N 115 
GLN HE22 H N N 116 
GLN HXT  H N N 117 
GLU N    N N N 118 
GLU CA   C N S 119 
GLU C    C N N 120 
GLU O    O N N 121 
GLU CB   C N N 122 
GLU CG   C N N 123 
GLU CD   C N N 124 
GLU OE1  O N N 125 
GLU OE2  O N N 126 
GLU OXT  O N N 127 
GLU H    H N N 128 
GLU H2   H N N 129 
GLU HA   H N N 130 
GLU HB2  H N N 131 
GLU HB3  H N N 132 
GLU HG2  H N N 133 
GLU HG3  H N N 134 
GLU HE2  H N N 135 
GLU HXT  H N N 136 
GLY N    N N N 137 
GLY CA   C N N 138 
GLY C    C N N 139 
GLY O    O N N 140 
GLY OXT  O N N 141 
GLY H    H N N 142 
GLY H2   H N N 143 
GLY HA2  H N N 144 
GLY HA3  H N N 145 
GLY HXT  H N N 146 
HIS N    N N N 147 
HIS CA   C N S 148 
HIS C    C N N 149 
HIS O    O N N 150 
HIS CB   C N N 151 
HIS CG   C Y N 152 
HIS ND1  N Y N 153 
HIS CD2  C Y N 154 
HIS CE1  C Y N 155 
HIS NE2  N Y N 156 
HIS OXT  O N N 157 
HIS H    H N N 158 
HIS H2   H N N 159 
HIS HA   H N N 160 
HIS HB2  H N N 161 
HIS HB3  H N N 162 
HIS HD1  H N N 163 
HIS HD2  H N N 164 
HIS HE1  H N N 165 
HIS HE2  H N N 166 
HIS HXT  H N N 167 
HOH O    O N N 168 
HOH H1   H N N 169 
HOH H2   H N N 170 
LEU N    N N N 171 
LEU CA   C N S 172 
LEU C    C N N 173 
LEU O    O N N 174 
LEU CB   C N N 175 
LEU CG   C N N 176 
LEU CD1  C N N 177 
LEU CD2  C N N 178 
LEU OXT  O N N 179 
LEU H    H N N 180 
LEU H2   H N N 181 
LEU HA   H N N 182 
LEU HB2  H N N 183 
LEU HB3  H N N 184 
LEU HG   H N N 185 
LEU HD11 H N N 186 
LEU HD12 H N N 187 
LEU HD13 H N N 188 
LEU HD21 H N N 189 
LEU HD22 H N N 190 
LEU HD23 H N N 191 
LEU HXT  H N N 192 
LYS N    N N N 193 
LYS CA   C N S 194 
LYS C    C N N 195 
LYS O    O N N 196 
LYS CB   C N N 197 
LYS CG   C N N 198 
LYS CD   C N N 199 
LYS CE   C N N 200 
LYS NZ   N N N 201 
LYS OXT  O N N 202 
LYS H    H N N 203 
LYS H2   H N N 204 
LYS HA   H N N 205 
LYS HB2  H N N 206 
LYS HB3  H N N 207 
LYS HG2  H N N 208 
LYS HG3  H N N 209 
LYS HD2  H N N 210 
LYS HD3  H N N 211 
LYS HE2  H N N 212 
LYS HE3  H N N 213 
LYS HZ1  H N N 214 
LYS HZ2  H N N 215 
LYS HZ3  H N N 216 
LYS HXT  H N N 217 
MET N    N N N 218 
MET CA   C N S 219 
MET C    C N N 220 
MET O    O N N 221 
MET CB   C N N 222 
MET CG   C N N 223 
MET SD   S N N 224 
MET CE   C N N 225 
MET OXT  O N N 226 
MET H    H N N 227 
MET H2   H N N 228 
MET HA   H N N 229 
MET HB2  H N N 230 
MET HB3  H N N 231 
MET HG2  H N N 232 
MET HG3  H N N 233 
MET HE1  H N N 234 
MET HE2  H N N 235 
MET HE3  H N N 236 
MET HXT  H N N 237 
PHE N    N N N 238 
PHE CA   C N S 239 
PHE C    C N N 240 
PHE O    O N N 241 
PHE CB   C N N 242 
PHE CG   C Y N 243 
PHE CD1  C Y N 244 
PHE CD2  C Y N 245 
PHE CE1  C Y N 246 
PHE CE2  C Y N 247 
PHE CZ   C Y N 248 
PHE OXT  O N N 249 
PHE H    H N N 250 
PHE H2   H N N 251 
PHE HA   H N N 252 
PHE HB2  H N N 253 
PHE HB3  H N N 254 
PHE HD1  H N N 255 
PHE HD2  H N N 256 
PHE HE1  H N N 257 
PHE HE2  H N N 258 
PHE HZ   H N N 259 
PHE HXT  H N N 260 
PRO N    N N N 261 
PRO CA   C N S 262 
PRO C    C N N 263 
PRO O    O N N 264 
PRO CB   C N N 265 
PRO CG   C N N 266 
PRO CD   C N N 267 
PRO OXT  O N N 268 
PRO H    H N N 269 
PRO HA   H N N 270 
PRO HB2  H N N 271 
PRO HB3  H N N 272 
PRO HG2  H N N 273 
PRO HG3  H N N 274 
PRO HD2  H N N 275 
PRO HD3  H N N 276 
PRO HXT  H N N 277 
SER N    N N N 278 
SER CA   C N S 279 
SER C    C N N 280 
SER O    O N N 281 
SER CB   C N N 282 
SER OG   O N N 283 
SER OXT  O N N 284 
SER H    H N N 285 
SER H2   H N N 286 
SER HA   H N N 287 
SER HB2  H N N 288 
SER HB3  H N N 289 
SER HG   H N N 290 
SER HXT  H N N 291 
SO4 S    S N N 292 
SO4 O1   O N N 293 
SO4 O2   O N N 294 
SO4 O3   O N N 295 
SO4 O4   O N N 296 
THR N    N N N 297 
THR CA   C N S 298 
THR C    C N N 299 
THR O    O N N 300 
THR CB   C N R 301 
THR OG1  O N N 302 
THR CG2  C N N 303 
THR OXT  O N N 304 
THR H    H N N 305 
THR H2   H N N 306 
THR HA   H N N 307 
THR HB   H N N 308 
THR HG1  H N N 309 
THR HG21 H N N 310 
THR HG22 H N N 311 
THR HG23 H N N 312 
THR HXT  H N N 313 
TRP N    N N N 314 
TRP CA   C N S 315 
TRP C    C N N 316 
TRP O    O N N 317 
TRP CB   C N N 318 
TRP CG   C Y N 319 
TRP CD1  C Y N 320 
TRP CD2  C Y N 321 
TRP NE1  N Y N 322 
TRP CE2  C Y N 323 
TRP CE3  C Y N 324 
TRP CZ2  C Y N 325 
TRP CZ3  C Y N 326 
TRP CH2  C Y N 327 
TRP OXT  O N N 328 
TRP H    H N N 329 
TRP H2   H N N 330 
TRP HA   H N N 331 
TRP HB2  H N N 332 
TRP HB3  H N N 333 
TRP HD1  H N N 334 
TRP HE1  H N N 335 
TRP HE3  H N N 336 
TRP HZ2  H N N 337 
TRP HZ3  H N N 338 
TRP HH2  H N N 339 
TRP HXT  H N N 340 
TYR N    N N N 341 
TYR CA   C N S 342 
TYR C    C N N 343 
TYR O    O N N 344 
TYR CB   C N N 345 
TYR CG   C Y N 346 
TYR CD1  C Y N 347 
TYR CD2  C Y N 348 
TYR CE1  C Y N 349 
TYR CE2  C Y N 350 
TYR CZ   C Y N 351 
TYR OH   O N N 352 
TYR OXT  O N N 353 
TYR H    H N N 354 
TYR H2   H N N 355 
TYR HA   H N N 356 
TYR HB2  H N N 357 
TYR HB3  H N N 358 
TYR HD1  H N N 359 
TYR HD2  H N N 360 
TYR HE1  H N N 361 
TYR HE2  H N N 362 
TYR HH   H N N 363 
TYR HXT  H N N 364 
VAL N    N N N 365 
VAL CA   C N S 366 
VAL C    C N N 367 
VAL O    O N N 368 
VAL CB   C N N 369 
VAL CG1  C N N 370 
VAL CG2  C N N 371 
VAL OXT  O N N 372 
VAL H    H N N 373 
VAL H2   H N N 374 
VAL HA   H N N 375 
VAL HB   H N N 376 
VAL HG11 H N N 377 
VAL HG12 H N N 378 
VAL HG13 H N N 379 
VAL HG21 H N N 380 
VAL HG22 H N N 381 
VAL HG23 H N N 382 
VAL HXT  H N N 383 
# 
loop_
_chem_comp_bond.comp_id 
_chem_comp_bond.atom_id_1 
_chem_comp_bond.atom_id_2 
_chem_comp_bond.value_order 
_chem_comp_bond.pdbx_aromatic_flag 
_chem_comp_bond.pdbx_stereo_config 
_chem_comp_bond.pdbx_ordinal 
ALA N   CA   sing N N 1   
ALA N   H    sing N N 2   
ALA N   H2   sing N N 3   
ALA CA  C    sing N N 4   
ALA CA  CB   sing N N 5   
ALA CA  HA   sing N N 6   
ALA C   O    doub N N 7   
ALA C   OXT  sing N N 8   
ALA CB  HB1  sing N N 9   
ALA CB  HB2  sing N N 10  
ALA CB  HB3  sing N N 11  
ALA OXT HXT  sing N N 12  
ARG N   CA   sing N N 13  
ARG N   H    sing N N 14  
ARG N   H2   sing N N 15  
ARG CA  C    sing N N 16  
ARG CA  CB   sing N N 17  
ARG CA  HA   sing N N 18  
ARG C   O    doub N N 19  
ARG C   OXT  sing N N 20  
ARG CB  CG   sing N N 21  
ARG CB  HB2  sing N N 22  
ARG CB  HB3  sing N N 23  
ARG CG  CD   sing N N 24  
ARG CG  HG2  sing N N 25  
ARG CG  HG3  sing N N 26  
ARG CD  NE   sing N N 27  
ARG CD  HD2  sing N N 28  
ARG CD  HD3  sing N N 29  
ARG NE  CZ   sing N N 30  
ARG NE  HE   sing N N 31  
ARG CZ  NH1  sing N N 32  
ARG CZ  NH2  doub N N 33  
ARG NH1 HH11 sing N N 34  
ARG NH1 HH12 sing N N 35  
ARG NH2 HH21 sing N N 36  
ARG NH2 HH22 sing N N 37  
ARG OXT HXT  sing N N 38  
ASN N   CA   sing N N 39  
ASN N   H    sing N N 40  
ASN N   H2   sing N N 41  
ASN CA  C    sing N N 42  
ASN CA  CB   sing N N 43  
ASN CA  HA   sing N N 44  
ASN C   O    doub N N 45  
ASN C   OXT  sing N N 46  
ASN CB  CG   sing N N 47  
ASN CB  HB2  sing N N 48  
ASN CB  HB3  sing N N 49  
ASN CG  OD1  doub N N 50  
ASN CG  ND2  sing N N 51  
ASN ND2 HD21 sing N N 52  
ASN ND2 HD22 sing N N 53  
ASN OXT HXT  sing N N 54  
ASP N   CA   sing N N 55  
ASP N   H    sing N N 56  
ASP N   H2   sing N N 57  
ASP CA  C    sing N N 58  
ASP CA  CB   sing N N 59  
ASP CA  HA   sing N N 60  
ASP C   O    doub N N 61  
ASP C   OXT  sing N N 62  
ASP CB  CG   sing N N 63  
ASP CB  HB2  sing N N 64  
ASP CB  HB3  sing N N 65  
ASP CG  OD1  doub N N 66  
ASP CG  OD2  sing N N 67  
ASP OD2 HD2  sing N N 68  
ASP OXT HXT  sing N N 69  
CYS N   CA   sing N N 70  
CYS N   H    sing N N 71  
CYS N   H2   sing N N 72  
CYS CA  C    sing N N 73  
CYS CA  CB   sing N N 74  
CYS CA  HA   sing N N 75  
CYS C   O    doub N N 76  
CYS C   OXT  sing N N 77  
CYS CB  SG   sing N N 78  
CYS CB  HB2  sing N N 79  
CYS CB  HB3  sing N N 80  
CYS SG  HG   sing N N 81  
CYS OXT HXT  sing N N 82  
DMS S   O    doub N N 83  
DMS S   C1   sing N N 84  
DMS S   C2   sing N N 85  
DMS C1  H11  sing N N 86  
DMS C1  H12  sing N N 87  
DMS C1  H13  sing N N 88  
DMS C2  H21  sing N N 89  
DMS C2  H22  sing N N 90  
DMS C2  H23  sing N N 91  
GLN N   CA   sing N N 92  
GLN N   H    sing N N 93  
GLN N   H2   sing N N 94  
GLN CA  C    sing N N 95  
GLN CA  CB   sing N N 96  
GLN CA  HA   sing N N 97  
GLN C   O    doub N N 98  
GLN C   OXT  sing N N 99  
GLN CB  CG   sing N N 100 
GLN CB  HB2  sing N N 101 
GLN CB  HB3  sing N N 102 
GLN CG  CD   sing N N 103 
GLN CG  HG2  sing N N 104 
GLN CG  HG3  sing N N 105 
GLN CD  OE1  doub N N 106 
GLN CD  NE2  sing N N 107 
GLN NE2 HE21 sing N N 108 
GLN NE2 HE22 sing N N 109 
GLN OXT HXT  sing N N 110 
GLU N   CA   sing N N 111 
GLU N   H    sing N N 112 
GLU N   H2   sing N N 113 
GLU CA  C    sing N N 114 
GLU CA  CB   sing N N 115 
GLU CA  HA   sing N N 116 
GLU C   O    doub N N 117 
GLU C   OXT  sing N N 118 
GLU CB  CG   sing N N 119 
GLU CB  HB2  sing N N 120 
GLU CB  HB3  sing N N 121 
GLU CG  CD   sing N N 122 
GLU CG  HG2  sing N N 123 
GLU CG  HG3  sing N N 124 
GLU CD  OE1  doub N N 125 
GLU CD  OE2  sing N N 126 
GLU OE2 HE2  sing N N 127 
GLU OXT HXT  sing N N 128 
GLY N   CA   sing N N 129 
GLY N   H    sing N N 130 
GLY N   H2   sing N N 131 
GLY CA  C    sing N N 132 
GLY CA  HA2  sing N N 133 
GLY CA  HA3  sing N N 134 
GLY C   O    doub N N 135 
GLY C   OXT  sing N N 136 
GLY OXT HXT  sing N N 137 
HIS N   CA   sing N N 138 
HIS N   H    sing N N 139 
HIS N   H2   sing N N 140 
HIS CA  C    sing N N 141 
HIS CA  CB   sing N N 142 
HIS CA  HA   sing N N 143 
HIS C   O    doub N N 144 
HIS C   OXT  sing N N 145 
HIS CB  CG   sing N N 146 
HIS CB  HB2  sing N N 147 
HIS CB  HB3  sing N N 148 
HIS CG  ND1  sing Y N 149 
HIS CG  CD2  doub Y N 150 
HIS ND1 CE1  doub Y N 151 
HIS ND1 HD1  sing N N 152 
HIS CD2 NE2  sing Y N 153 
HIS CD2 HD2  sing N N 154 
HIS CE1 NE2  sing Y N 155 
HIS CE1 HE1  sing N N 156 
HIS NE2 HE2  sing N N 157 
HIS OXT HXT  sing N N 158 
HOH O   H1   sing N N 159 
HOH O   H2   sing N N 160 
LEU N   CA   sing N N 161 
LEU N   H    sing N N 162 
LEU N   H2   sing N N 163 
LEU CA  C    sing N N 164 
LEU CA  CB   sing N N 165 
LEU CA  HA   sing N N 166 
LEU C   O    doub N N 167 
LEU C   OXT  sing N N 168 
LEU CB  CG   sing N N 169 
LEU CB  HB2  sing N N 170 
LEU CB  HB3  sing N N 171 
LEU CG  CD1  sing N N 172 
LEU CG  CD2  sing N N 173 
LEU CG  HG   sing N N 174 
LEU CD1 HD11 sing N N 175 
LEU CD1 HD12 sing N N 176 
LEU CD1 HD13 sing N N 177 
LEU CD2 HD21 sing N N 178 
LEU CD2 HD22 sing N N 179 
LEU CD2 HD23 sing N N 180 
LEU OXT HXT  sing N N 181 
LYS N   CA   sing N N 182 
LYS N   H    sing N N 183 
LYS N   H2   sing N N 184 
LYS CA  C    sing N N 185 
LYS CA  CB   sing N N 186 
LYS CA  HA   sing N N 187 
LYS C   O    doub N N 188 
LYS C   OXT  sing N N 189 
LYS CB  CG   sing N N 190 
LYS CB  HB2  sing N N 191 
LYS CB  HB3  sing N N 192 
LYS CG  CD   sing N N 193 
LYS CG  HG2  sing N N 194 
LYS CG  HG3  sing N N 195 
LYS CD  CE   sing N N 196 
LYS CD  HD2  sing N N 197 
LYS CD  HD3  sing N N 198 
LYS CE  NZ   sing N N 199 
LYS CE  HE2  sing N N 200 
LYS CE  HE3  sing N N 201 
LYS NZ  HZ1  sing N N 202 
LYS NZ  HZ2  sing N N 203 
LYS NZ  HZ3  sing N N 204 
LYS OXT HXT  sing N N 205 
MET N   CA   sing N N 206 
MET N   H    sing N N 207 
MET N   H2   sing N N 208 
MET CA  C    sing N N 209 
MET CA  CB   sing N N 210 
MET CA  HA   sing N N 211 
MET C   O    doub N N 212 
MET C   OXT  sing N N 213 
MET CB  CG   sing N N 214 
MET CB  HB2  sing N N 215 
MET CB  HB3  sing N N 216 
MET CG  SD   sing N N 217 
MET CG  HG2  sing N N 218 
MET CG  HG3  sing N N 219 
MET SD  CE   sing N N 220 
MET CE  HE1  sing N N 221 
MET CE  HE2  sing N N 222 
MET CE  HE3  sing N N 223 
MET OXT HXT  sing N N 224 
PHE N   CA   sing N N 225 
PHE N   H    sing N N 226 
PHE N   H2   sing N N 227 
PHE CA  C    sing N N 228 
PHE CA  CB   sing N N 229 
PHE CA  HA   sing N N 230 
PHE C   O    doub N N 231 
PHE C   OXT  sing N N 232 
PHE CB  CG   sing N N 233 
PHE CB  HB2  sing N N 234 
PHE CB  HB3  sing N N 235 
PHE CG  CD1  doub Y N 236 
PHE CG  CD2  sing Y N 237 
PHE CD1 CE1  sing Y N 238 
PHE CD1 HD1  sing N N 239 
PHE CD2 CE2  doub Y N 240 
PHE CD2 HD2  sing N N 241 
PHE CE1 CZ   doub Y N 242 
PHE CE1 HE1  sing N N 243 
PHE CE2 CZ   sing Y N 244 
PHE CE2 HE2  sing N N 245 
PHE CZ  HZ   sing N N 246 
PHE OXT HXT  sing N N 247 
PRO N   CA   sing N N 248 
PRO N   CD   sing N N 249 
PRO N   H    sing N N 250 
PRO CA  C    sing N N 251 
PRO CA  CB   sing N N 252 
PRO CA  HA   sing N N 253 
PRO C   O    doub N N 254 
PRO C   OXT  sing N N 255 
PRO CB  CG   sing N N 256 
PRO CB  HB2  sing N N 257 
PRO CB  HB3  sing N N 258 
PRO CG  CD   sing N N 259 
PRO CG  HG2  sing N N 260 
PRO CG  HG3  sing N N 261 
PRO CD  HD2  sing N N 262 
PRO CD  HD3  sing N N 263 
PRO OXT HXT  sing N N 264 
SER N   CA   sing N N 265 
SER N   H    sing N N 266 
SER N   H2   sing N N 267 
SER CA  C    sing N N 268 
SER CA  CB   sing N N 269 
SER CA  HA   sing N N 270 
SER C   O    doub N N 271 
SER C   OXT  sing N N 272 
SER CB  OG   sing N N 273 
SER CB  HB2  sing N N 274 
SER CB  HB3  sing N N 275 
SER OG  HG   sing N N 276 
SER OXT HXT  sing N N 277 
SO4 S   O1   doub N N 278 
SO4 S   O2   doub N N 279 
SO4 S   O3   sing N N 280 
SO4 S   O4   sing N N 281 
THR N   CA   sing N N 282 
THR N   H    sing N N 283 
THR N   H2   sing N N 284 
THR CA  C    sing N N 285 
THR CA  CB   sing N N 286 
THR CA  HA   sing N N 287 
THR C   O    doub N N 288 
THR C   OXT  sing N N 289 
THR CB  OG1  sing N N 290 
THR CB  CG2  sing N N 291 
THR CB  HB   sing N N 292 
THR OG1 HG1  sing N N 293 
THR CG2 HG21 sing N N 294 
THR CG2 HG22 sing N N 295 
THR CG2 HG23 sing N N 296 
THR OXT HXT  sing N N 297 
TRP N   CA   sing N N 298 
TRP N   H    sing N N 299 
TRP N   H2   sing N N 300 
TRP CA  C    sing N N 301 
TRP CA  CB   sing N N 302 
TRP CA  HA   sing N N 303 
TRP C   O    doub N N 304 
TRP C   OXT  sing N N 305 
TRP CB  CG   sing N N 306 
TRP CB  HB2  sing N N 307 
TRP CB  HB3  sing N N 308 
TRP CG  CD1  doub Y N 309 
TRP CG  CD2  sing Y N 310 
TRP CD1 NE1  sing Y N 311 
TRP CD1 HD1  sing N N 312 
TRP CD2 CE2  doub Y N 313 
TRP CD2 CE3  sing Y N 314 
TRP NE1 CE2  sing Y N 315 
TRP NE1 HE1  sing N N 316 
TRP CE2 CZ2  sing Y N 317 
TRP CE3 CZ3  doub Y N 318 
TRP CE3 HE3  sing N N 319 
TRP CZ2 CH2  doub Y N 320 
TRP CZ2 HZ2  sing N N 321 
TRP CZ3 CH2  sing Y N 322 
TRP CZ3 HZ3  sing N N 323 
TRP CH2 HH2  sing N N 324 
TRP OXT HXT  sing N N 325 
TYR N   CA   sing N N 326 
TYR N   H    sing N N 327 
TYR N   H2   sing N N 328 
TYR CA  C    sing N N 329 
TYR CA  CB   sing N N 330 
TYR CA  HA   sing N N 331 
TYR C   O    doub N N 332 
TYR C   OXT  sing N N 333 
TYR CB  CG   sing N N 334 
TYR CB  HB2  sing N N 335 
TYR CB  HB3  sing N N 336 
TYR CG  CD1  doub Y N 337 
TYR CG  CD2  sing Y N 338 
TYR CD1 CE1  sing Y N 339 
TYR CD1 HD1  sing N N 340 
TYR CD2 CE2  doub Y N 341 
TYR CD2 HD2  sing N N 342 
TYR CE1 CZ   doub Y N 343 
TYR CE1 HE1  sing N N 344 
TYR CE2 CZ   sing Y N 345 
TYR CE2 HE2  sing N N 346 
TYR CZ  OH   sing N N 347 
TYR OH  HH   sing N N 348 
TYR OXT HXT  sing N N 349 
VAL N   CA   sing N N 350 
VAL N   H    sing N N 351 
VAL N   H2   sing N N 352 
VAL CA  C    sing N N 353 
VAL CA  CB   sing N N 354 
VAL CA  HA   sing N N 355 
VAL C   O    doub N N 356 
VAL C   OXT  sing N N 357 
VAL CB  CG1  sing N N 358 
VAL CB  CG2  sing N N 359 
VAL CB  HB   sing N N 360 
VAL CG1 HG11 sing N N 361 
VAL CG1 HG12 sing N N 362 
VAL CG1 HG13 sing N N 363 
VAL CG2 HG21 sing N N 364 
VAL CG2 HG22 sing N N 365 
VAL CG2 HG23 sing N N 366 
VAL OXT HXT  sing N N 367 
# 
_pdbx_audit_support.funding_organization   'Sigrid Juselius Foundation' 
_pdbx_audit_support.country                Finland 
_pdbx_audit_support.grant_number           ? 
_pdbx_audit_support.ordinal                1 
# 
_pdbx_initial_refinement_model.id               1 
_pdbx_initial_refinement_model.entity_id_list   ? 
_pdbx_initial_refinement_model.type             'experimental model' 
_pdbx_initial_refinement_model.source_name      PDB 
_pdbx_initial_refinement_model.accession_code   2V5F 
_pdbx_initial_refinement_model.details          'PDB code 2V5F' 
# 
_atom_sites.entry_id                    6EVL 
_atom_sites.fract_transf_matrix[1][1]   -0.02038864 
_atom_sites.fract_transf_matrix[1][2]   -0.00283457 
_atom_sites.fract_transf_matrix[1][3]   -0.00315268 
_atom_sites.fract_transf_matrix[2][1]   -0.00915962 
_atom_sites.fract_transf_matrix[2][2]   -0.01761152 
_atom_sites.fract_transf_matrix[2][3]   0.00629415 
_atom_sites.fract_transf_matrix[3][1]   -0.00272418 
_atom_sites.fract_transf_matrix[3][2]   0.00583740 
_atom_sites.fract_transf_matrix[3][3]   0.01236910 
_atom_sites.fract_transf_vector[1]      0.447112 
_atom_sites.fract_transf_vector[2]      -0.168244 
_atom_sites.fract_transf_vector[3]      -0.194857 
# 
loop_
_atom_type.symbol 
C 
N 
O 
S 
# 
loop_
_atom_site.group_PDB 
_atom_site.id 
_atom_site.type_symbol 
_atom_site.label_atom_id 
_atom_site.label_alt_id 
_atom_site.label_comp_id 
_atom_site.label_asym_id 
_atom_site.label_entity_id 
_atom_site.label_seq_id 
_atom_site.pdbx_PDB_ins_code 
_atom_site.Cartn_x 
_atom_site.Cartn_y 
_atom_site.Cartn_z 
_atom_site.occupancy 
_atom_site.B_iso_or_equiv 
_atom_site.pdbx_formal_charge 
_atom_site.auth_seq_id 
_atom_site.auth_comp_id 
_atom_site.auth_asym_id 
_atom_site.auth_atom_id 
_atom_site.pdbx_PDB_model_num 
ATOM   1   N N   . MET A 1 8   ? -17.556 -9.731  1.592   1.00 47.90  ? 144 MET A N   1 
ATOM   2   C CA  . MET A 1 8   ? -18.098 -10.358 2.792   1.00 45.97  ? 144 MET A CA  1 
ATOM   3   C C   . MET A 1 8   ? -17.629 -9.659  4.071   1.00 40.84  ? 144 MET A C   1 
ATOM   4   O O   . MET A 1 8   ? -18.441 -9.329  4.936   1.00 51.42  ? 144 MET A O   1 
ATOM   5   C CB  . MET A 1 8   ? -17.721 -11.840 2.838   1.00 52.66  ? 144 MET A CB  1 
ATOM   6   C CG  . MET A 1 8   ? -18.499 -12.713 1.860   1.00 68.21  ? 144 MET A CG  1 
ATOM   7   S SD  . MET A 1 8   ? -17.641 -14.248 1.452   1.00 113.18 ? 144 MET A SD  1 
ATOM   8   C CE  . MET A 1 8   ? -18.799 -15.482 2.050   1.00 66.85  ? 144 MET A CE  1 
ATOM   9   N N   . LEU A 1 9   ? -16.320 -9.455  4.196   1.00 41.80  ? 145 LEU A N   1 
ATOM   10  C CA  . LEU A 1 9   ? -15.770 -8.718  5.326   1.00 28.85  ? 145 LEU A CA  1 
ATOM   11  C C   . LEU A 1 9   ? -15.846 -7.215  5.074   1.00 26.19  ? 145 LEU A C   1 
ATOM   12  O O   . LEU A 1 9   ? -15.816 -6.754  3.930   1.00 22.62  ? 145 LEU A O   1 
ATOM   13  C CB  . LEU A 1 9   ? -14.315 -9.121  5.580   1.00 21.27  ? 145 LEU A CB  1 
ATOM   14  C CG  . LEU A 1 9   ? -14.055 -10.510 6.159   1.00 28.42  ? 145 LEU A CG  1 
ATOM   15  C CD1 . LEU A 1 9   ? -12.620 -10.942 5.887   1.00 23.96  ? 145 LEU A CD1 1 
ATOM   16  C CD2 . LEU A 1 9   ? -14.339 -10.494 7.641   1.00 31.97  ? 145 LEU A CD2 1 
ATOM   17  N N   . SER A 1 10  ? -15.939 -6.448  6.156   1.00 19.64  ? 146 SER A N   1 
ATOM   18  C CA  . SER A 1 10  ? -15.955 -4.998  6.031   1.00 21.55  ? 146 SER A CA  1 
ATOM   19  C C   . SER A 1 10  ? -14.591 -4.483  5.580   1.00 19.92  ? 146 SER A C   1 
ATOM   20  O O   . SER A 1 10  ? -13.578 -5.179  5.668   1.00 21.06  ? 146 SER A O   1 
ATOM   21  C CB  . SER A 1 10  ? -16.331 -4.352  7.360   1.00 12.06  ? 146 SER A CB  1 
ATOM   22  O OG  . SER A 1 10  ? -15.211 -4.332  8.229   1.00 19.90  ? 146 SER A OG  1 
ATOM   23  N N   . VAL A 1 11  ? -14.571 -3.235  5.100   1.00 19.62  ? 147 VAL A N   1 
ATOM   24  C CA  . VAL A 1 11  ? -13.311 -2.611  4.693   1.00 17.30  ? 147 VAL A CA  1 
ATOM   25  C C   . VAL A 1 11  ? -12.304 -2.649  5.834   1.00 12.77  ? 147 VAL A C   1 
ATOM   26  O O   . VAL A 1 11  ? -11.143 -3.039  5.654   1.00 11.78  ? 147 VAL A O   1 
ATOM   27  C CB  . VAL A 1 11  ? -13.550 -1.167  4.219   1.00 25.04  ? 147 VAL A CB  1 
ATOM   28  C CG1 . VAL A 1 11  ? -12.248 -0.530  3.803   1.00 23.60  ? 147 VAL A CG1 1 
ATOM   29  C CG2 . VAL A 1 11  ? -14.531 -1.128  3.085   1.00 22.91  ? 147 VAL A CG2 1 
ATOM   30  N N   . ASP A 1 12  ? -12.734 -2.242  7.033   1.00 13.71  ? 148 ASP A N   1 
ATOM   31  C CA  . ASP A 1 12  ? -11.807 -2.182  8.159   1.00 13.80  ? 148 ASP A CA  1 
ATOM   32  C C   . ASP A 1 12  ? -11.364 -3.576  8.585   1.00 12.05  ? 148 ASP A C   1 
ATOM   33  O O   . ASP A 1 12  ? -10.219 -3.761  9.014   1.00 19.18  ? 148 ASP A O   1 
ATOM   34  C CB  . ASP A 1 12  ? -12.443 -1.440  9.340   1.00 18.52  ? 148 ASP A CB  1 
ATOM   35  C CG  . ASP A 1 12  ? -12.462 0.078   9.145   1.00 23.81  ? 148 ASP A CG  1 
ATOM   36  O OD1 . ASP A 1 12  ? -11.632 0.610   8.384   1.00 20.30  ? 148 ASP A OD1 1 
ATOM   37  O OD2 . ASP A 1 12  ? -13.308 0.745   9.770   1.00 30.93  ? 148 ASP A OD2 1 
ATOM   38  N N   . ASP A 1 13  ? -12.261 -4.560  8.510   1.00 13.91  ? 149 ASP A N   1 
ATOM   39  C CA  . ASP A 1 13  ? -11.869 -5.933  8.804   1.00 11.81  ? 149 ASP A CA  1 
ATOM   40  C C   . ASP A 1 13  ? -10.817 -6.402  7.815   1.00 13.12  ? 149 ASP A C   1 
ATOM   41  O O   . ASP A 1 13  ? -9.810  -7.007  8.196   1.00 11.43  ? 149 ASP A O   1 
ATOM   42  C CB  . ASP A 1 13  ? -13.079 -6.861  8.742   1.00 12.97  ? 149 ASP A CB  1 
ATOM   43  C CG  . ASP A 1 13  ? -13.927 -6.790  9.983   1.00 23.24  ? 149 ASP A CG  1 
ATOM   44  O OD1 . ASP A 1 13  ? -13.482 -6.168  10.964  1.00 18.37  ? 149 ASP A OD1 1 
ATOM   45  O OD2 . ASP A 1 13  ? -15.041 -7.349  9.963   1.00 24.92  ? 149 ASP A OD2 1 
ATOM   46  N N   . CYS A 1 14  ? -11.046 -6.126  6.531   1.00 8.00   ? 150 CYS A N   1 
ATOM   47  C CA  . CYS A 1 14  ? -10.091 -6.519  5.503   1.00 12.55  ? 150 CYS A CA  1 
ATOM   48  C C   . CYS A 1 14  ? -8.753  -5.836  5.712   1.00 8.13   ? 150 CYS A C   1 
ATOM   49  O O   . CYS A 1 14  ? -7.703  -6.433  5.459   1.00 6.71   ? 150 CYS A O   1 
ATOM   50  C CB  . CYS A 1 14  ? -10.632 -6.168  4.126   1.00 7.91   ? 150 CYS A CB  1 
ATOM   51  S SG  . CYS A 1 14  ? -11.856 -7.269  3.486   1.00 18.68  ? 150 CYS A SG  1 
ATOM   52  N N   . PHE A 1 15  ? -8.774  -4.562  6.136   1.00 7.30   ? 151 PHE A N   1 
ATOM   53  C CA  . PHE A 1 15  ? -7.533  -3.852  6.410   1.00 9.35   ? 151 PHE A CA  1 
ATOM   54  C C   . PHE A 1 15  ? -6.780  -4.503  7.561   1.00 10.99  ? 151 PHE A C   1 
ATOM   55  O O   . PHE A 1 15  ? -5.552  -4.652  7.503   1.00 9.42   ? 151 PHE A O   1 
ATOM   56  C CB  . PHE A 1 15  ? -7.825  -2.380  6.712   1.00 8.81   ? 151 PHE A CB  1 
ATOM   57  C CG  . PHE A 1 15  ? -6.597  -1.543  6.936   1.00 12.62  ? 151 PHE A CG  1 
ATOM   58  C CD1 . PHE A 1 15  ? -5.726  -1.264  5.890   1.00 8.31   ? 151 PHE A CD1 1 
ATOM   59  C CD2 . PHE A 1 15  ? -6.315  -1.026  8.191   1.00 10.81  ? 151 PHE A CD2 1 
ATOM   60  C CE1 . PHE A 1 15  ? -4.608  -0.490  6.089   1.00 8.41   ? 151 PHE A CE1 1 
ATOM   61  C CE2 . PHE A 1 15  ? -5.190  -0.258  8.396   1.00 12.42  ? 151 PHE A CE2 1 
ATOM   62  C CZ  . PHE A 1 15  ? -4.335  0.020   7.343   1.00 9.45   ? 151 PHE A CZ  1 
ATOM   63  N N   . GLY A 1 16  ? -7.504  -4.925  8.600   1.00 7.04   ? 152 GLY A N   1 
ATOM   64  C CA  . GLY A 1 16  ? -6.861  -5.608  9.717   1.00 7.71   ? 152 GLY A CA  1 
ATOM   65  C C   . GLY A 1 16  ? -6.267  -6.949  9.324   1.00 7.90   ? 152 GLY A C   1 
ATOM   66  O O   . GLY A 1 16  ? -5.188  -7.323  9.796   1.00 9.64   ? 152 GLY A O   1 
ATOM   67  N N   . MET A 1 17  ? -6.963  -7.687  8.457   1.00 11.50  ? 153 MET A N   1 
ATOM   68  C CA  . MET A 1 17  ? -6.395  -8.901  7.871   1.00 13.66  ? 153 MET A CA  1 
ATOM   69  C C   . MET A 1 17  ? -5.090  -8.595  7.147   1.00 8.73   ? 153 MET A C   1 
ATOM   70  O O   . MET A 1 17  ? -4.102  -9.326  7.283   1.00 9.32   ? 153 MET A O   1 
ATOM   71  C CB  . MET A 1 17  ? -7.393  -9.529  6.897   1.00 9.83   ? 153 MET A CB  1 
ATOM   72  C CG  . MET A 1 17  ? -8.633  -10.144 7.540   1.00 19.28  ? 153 MET A CG  1 
ATOM   73  S SD  . MET A 1 17  ? -8.252  -11.581 8.555   1.00 14.71  ? 153 MET A SD  1 
ATOM   74  C CE  . MET A 1 17  ? -9.904  -12.072 9.007   1.00 16.65  ? 153 MET A CE  1 
ATOM   75  N N   . GLY A 1 18  ? -5.077  -7.521  6.354   1.00 7.32   ? 154 GLY A N   1 
ATOM   76  C CA  . GLY A 1 18  ? -3.874  -7.173  5.616   1.00 5.84   ? 154 GLY A CA  1 
ATOM   77  C C   . GLY A 1 18  ? -2.734  -6.764  6.522   1.00 10.92  ? 154 GLY A C   1 
ATOM   78  O O   . GLY A 1 18  ? -1.581  -7.124  6.283   1.00 6.07   ? 154 GLY A O   1 
ATOM   79  N N   . ARG A 1 19  ? -3.036  -5.984  7.564   1.00 8.04   ? 155 ARG A N   1 
ATOM   80  C CA  A ARG A 1 19  ? -2.009  -5.606  8.530   0.59 10.06  ? 155 ARG A CA  1 
ATOM   81  C CA  B ARG A 1 19  ? -1.996  -5.606  8.510   0.41 10.08  ? 155 ARG A CA  1 
ATOM   82  C C   . ARG A 1 19  ? -1.440  -6.831  9.225   1.00 10.29  ? 155 ARG A C   1 
ATOM   83  O O   . ARG A 1 19  ? -0.226  -6.931  9.443   1.00 10.74  ? 155 ARG A O   1 
ATOM   84  C CB  A ARG A 1 19  ? -2.584  -4.642  9.570   0.59 11.74  ? 155 ARG A CB  1 
ATOM   85  C CB  B ARG A 1 19  ? -2.547  -4.589  9.511   0.41 11.77  ? 155 ARG A CB  1 
ATOM   86  C CG  A ARG A 1 19  ? -2.801  -3.236  9.074   0.59 14.31  ? 155 ARG A CG  1 
ATOM   87  C CG  B ARG A 1 19  ? -1.855  -4.624  10.850  0.41 14.86  ? 155 ARG A CG  1 
ATOM   88  C CD  A ARG A 1 19  ? -3.077  -2.279  10.235  0.59 20.50  ? 155 ARG A CD  1 
ATOM   89  C CD  B ARG A 1 19  ? -1.350  -3.256  11.272  0.41 23.54  ? 155 ARG A CD  1 
ATOM   90  N NE  A ARG A 1 19  ? -1.867  -1.945  10.988  0.59 25.84  ? 155 ARG A NE  1 
ATOM   91  N NE  B ARG A 1 19  ? -2.431  -2.333  11.614  0.41 24.52  ? 155 ARG A NE  1 
ATOM   92  C CZ  A ARG A 1 19  ? -1.713  -0.838  11.717  0.59 27.74  ? 155 ARG A CZ  1 
ATOM   93  C CZ  B ARG A 1 19  ? -2.249  -1.172  12.239  0.41 25.42  ? 155 ARG A CZ  1 
ATOM   94  N NH1 A ARG A 1 19  ? -2.691  0.056   11.789  0.59 19.67  ? 155 ARG A NH1 1 
ATOM   95  N NH1 B ARG A 1 19  ? -1.029  -0.789  12.597  0.41 23.02  ? 155 ARG A NH1 1 
ATOM   96  N NH2 A ARG A 1 19  ? -0.576  -0.621  12.371  0.59 21.97  ? 155 ARG A NH2 1 
ATOM   97  N NH2 B ARG A 1 19  ? -3.287  -0.392  12.505  0.41 25.28  ? 155 ARG A NH2 1 
ATOM   98  N N   . SER A 1 20  ? -2.310  -7.776  9.586   1.00 8.72   ? 156 SER A N   1 
ATOM   99  C CA  . SER A 1 20  ? -1.856  -8.969  10.285  1.00 12.31  ? 156 SER A CA  1 
ATOM   100 C C   . SER A 1 20  ? -0.905  -9.775  9.405   1.00 12.93  ? 156 SER A C   1 
ATOM   101 O O   . SER A 1 20  ? 0.195   -10.139 9.837   1.00 15.98  ? 156 SER A O   1 
ATOM   102 C CB  . SER A 1 20  ? -3.071  -9.788  10.726  1.00 11.97  ? 156 SER A CB  1 
ATOM   103 O OG  . SER A 1 20  ? -2.727  -11.121 11.033  1.00 28.49  ? 156 SER A OG  1 
ATOM   104 N N   . ALA A 1 21  ? -1.281  -9.994  8.138   1.00 9.93   ? 157 ALA A N   1 
ATOM   105 C CA  . ALA A 1 21  ? -0.384  -10.674 7.200   1.00 8.17   ? 157 ALA A CA  1 
ATOM   106 C C   . ALA A 1 21  ? 0.951   -9.949  7.083   1.00 11.90  ? 157 ALA A C   1 
ATOM   107 O O   . ALA A 1 21  ? 2.014   -10.581 7.075   1.00 11.07  ? 157 ALA A O   1 
ATOM   108 C CB  . ALA A 1 21  ? -1.037  -10.796 5.815   1.00 5.45   ? 157 ALA A CB  1 
ATOM   109 N N   . TYR A 1 22  ? 0.918   -8.622  6.962   1.00 9.95   ? 158 TYR A N   1 
ATOM   110 C CA  A TYR A 1 22  ? 2.169   -7.888  6.821   0.66 12.77  ? 158 TYR A CA  1 
ATOM   111 C CA  B TYR A 1 22  ? 2.155   -7.858  6.839   0.34 12.78  ? 158 TYR A CA  1 
ATOM   112 C C   . TYR A 1 22  ? 3.070   -8.111  8.028   1.00 10.73  ? 158 TYR A C   1 
ATOM   113 O O   . TYR A 1 22  ? 4.282   -8.298  7.873   1.00 11.22  ? 158 TYR A O   1 
ATOM   114 C CB  A TYR A 1 22  ? 1.903   -6.394  6.615   0.66 11.52  ? 158 TYR A CB  1 
ATOM   115 C CB  B TYR A 1 22  ? 1.824   -6.370  6.717   0.34 11.55  ? 158 TYR A CB  1 
ATOM   116 C CG  A TYR A 1 22  ? 3.134   -5.608  6.192   0.66 11.83  ? 158 TYR A CG  1 
ATOM   117 C CG  B TYR A 1 22  ? 3.003   -5.433  6.864   0.34 12.23  ? 158 TYR A CG  1 
ATOM   118 C CD1 A TYR A 1 22  ? 3.563   -5.601  4.866   0.66 13.80  ? 158 TYR A CD1 1 
ATOM   119 C CD1 B TYR A 1 22  ? 3.762   -5.071  5.762   0.34 13.31  ? 158 TYR A CD1 1 
ATOM   120 C CD2 A TYR A 1 22  ? 3.870   -4.887  7.118   0.66 14.13  ? 158 TYR A CD2 1 
ATOM   121 C CD2 B TYR A 1 22  ? 3.346   -4.894  8.100   0.34 15.90  ? 158 TYR A CD2 1 
ATOM   122 C CE1 A TYR A 1 22  ? 4.690   -4.884  4.477   0.66 12.78  ? 158 TYR A CE1 1 
ATOM   123 C CE1 B TYR A 1 22  ? 4.833   -4.208  5.882   0.34 15.77  ? 158 TYR A CE1 1 
ATOM   124 C CE2 A TYR A 1 22  ? 4.991   -4.169  6.746   0.66 15.50  ? 158 TYR A CE2 1 
ATOM   125 C CE2 B TYR A 1 22  ? 4.422   -4.028  8.231   0.34 16.77  ? 158 TYR A CE2 1 
ATOM   126 C CZ  A TYR A 1 22  ? 5.402   -4.167  5.427   0.66 18.32  ? 158 TYR A CZ  1 
ATOM   127 C CZ  B TYR A 1 22  ? 5.161   -3.691  7.115   0.34 15.90  ? 158 TYR A CZ  1 
ATOM   128 O OH  A TYR A 1 22  ? 6.525   -3.449  5.063   0.66 15.14  ? 158 TYR A OH  1 
ATOM   129 O OH  B TYR A 1 22  ? 6.231   -2.831  7.224   0.34 17.78  ? 158 TYR A OH  1 
ATOM   130 N N   . ASN A 1 23  ? 2.498   -8.125  9.226   1.00 16.82  ? 159 ASN A N   1 
ATOM   131 C CA  . ASN A 1 23  ? 3.306   -8.305  10.422  1.00 15.71  ? 159 ASN A CA  1 
ATOM   132 C C   . ASN A 1 23  ? 3.936   -9.697  10.484  1.00 17.77  ? 159 ASN A C   1 
ATOM   133 O O   . ASN A 1 23  ? 5.010   -9.859  11.074  1.00 18.96  ? 159 ASN A O   1 
ATOM   134 C CB  . ASN A 1 23  ? 2.445   -8.003  11.641  1.00 12.89  ? 159 ASN A CB  1 
ATOM   135 C CG  . ASN A 1 23  ? 2.118   -6.510  11.754  1.00 21.47  ? 159 ASN A CG  1 
ATOM   136 O OD1 . ASN A 1 23  ? 2.850   -5.669  11.232  1.00 23.09  ? 159 ASN A OD1 1 
ATOM   137 N ND2 . ASN A 1 23  ? 1.027   -6.182  12.435  1.00 27.02  ? 159 ASN A ND2 1 
ATOM   138 N N   . GLU A 1 24  ? 3.300   -10.698 9.880   1.00 15.47  ? 160 GLU A N   1 
ATOM   139 C CA  . GLU A 1 24  ? 3.889   -12.022 9.718   1.00 17.37  ? 160 GLU A CA  1 
ATOM   140 C C   . GLU A 1 24  ? 4.955   -12.072 8.628   1.00 19.88  ? 160 GLU A C   1 
ATOM   141 O O   . GLU A 1 24  ? 5.554   -13.132 8.419   1.00 14.50  ? 160 GLU A O   1 
ATOM   142 C CB  . GLU A 1 24  ? 2.804   -13.047 9.383   1.00 16.49  ? 160 GLU A CB  1 
ATOM   143 C CG  . GLU A 1 24  ? 1.707   -13.164 10.412  1.00 18.85  ? 160 GLU A CG  1 
ATOM   144 C CD  . GLU A 1 24  ? 2.150   -13.938 11.633  1.00 37.77  ? 160 GLU A CD  1 
ATOM   145 O OE1 . GLU A 1 24  ? 3.173   -14.652 11.539  1.00 38.41  ? 160 GLU A OE1 1 
ATOM   146 O OE2 . GLU A 1 24  ? 1.483   -13.830 12.685  1.00 44.34  ? 160 GLU A OE2 1 
ATOM   147 N N   . GLY A 1 25  ? 5.196   -10.975 7.920   1.00 15.27  ? 161 GLY A N   1 
ATOM   148 C CA  . GLY A 1 25  ? 6.091   -11.027 6.781   1.00 8.54   ? 161 GLY A CA  1 
ATOM   149 C C   . GLY A 1 25  ? 5.497   -11.698 5.568   1.00 10.92  ? 161 GLY A C   1 
ATOM   150 O O   . GLY A 1 25  ? 6.242   -12.066 4.663   1.00 12.77  ? 161 GLY A O   1 
ATOM   151 N N   . ASP A 1 26  ? 4.174   -11.863 5.518   1.00 10.54  ? 162 ASP A N   1 
ATOM   152 C CA  . ASP A 1 26  ? 3.476   -12.517 4.407   1.00 9.26   ? 162 ASP A CA  1 
ATOM   153 C C   . ASP A 1 26  ? 3.008   -11.443 3.428   1.00 13.03  ? 162 ASP A C   1 
ATOM   154 O O   . ASP A 1 26  ? 1.864   -10.985 3.479   1.00 8.76   ? 162 ASP A O   1 
ATOM   155 C CB  . ASP A 1 26  ? 2.307   -13.346 4.932   1.00 8.03   ? 162 ASP A CB  1 
ATOM   156 C CG  . ASP A 1 26  ? 1.668   -14.217 3.866   1.00 10.20  ? 162 ASP A CG  1 
ATOM   157 O OD1 . ASP A 1 26  ? 1.794   -13.943 2.649   1.00 11.71  ? 162 ASP A OD1 1 
ATOM   158 O OD2 . ASP A 1 26  ? 1.009   -15.204 4.249   1.00 13.86  ? 162 ASP A OD2 1 
ATOM   159 N N   . TYR A 1 27  ? 3.889   -11.071 2.498   1.00 7.20   ? 163 TYR A N   1 
ATOM   160 C CA  . TYR A 1 27  ? 3.583   -9.948  1.611   1.00 9.79   ? 163 TYR A CA  1 
ATOM   161 C C   . TYR A 1 27  ? 2.548   -10.310 0.555   1.00 3.77   ? 163 TYR A C   1 
ATOM   162 O O   . TYR A 1 27  ? 1.779   -9.439  0.125   1.00 5.03   ? 163 TYR A O   1 
ATOM   163 C CB  . TYR A 1 27  ? 4.872   -9.429  0.975   1.00 6.77   ? 163 TYR A CB  1 
ATOM   164 C CG  . TYR A 1 27  ? 5.846   -9.060  2.058   1.00 11.69  ? 163 TYR A CG  1 
ATOM   165 C CD1 . TYR A 1 27  ? 7.074   -9.702  2.183   1.00 11.40  ? 163 TYR A CD1 1 
ATOM   166 C CD2 . TYR A 1 27  ? 5.505   -8.108  3.003   1.00 11.09  ? 163 TYR A CD2 1 
ATOM   167 C CE1 . TYR A 1 27  ? 7.953   -9.369  3.211   1.00 16.76  ? 163 TYR A CE1 1 
ATOM   168 C CE2 . TYR A 1 27  ? 6.367   -7.773  4.027   1.00 14.16  ? 163 TYR A CE2 1 
ATOM   169 C CZ  . TYR A 1 27  ? 7.587   -8.404  4.129   1.00 17.73  ? 163 TYR A CZ  1 
ATOM   170 O OH  . TYR A 1 27  ? 8.428   -8.047  5.161   1.00 22.38  ? 163 TYR A OH  1 
ATOM   171 N N   . TYR A 1 28  ? 2.490   -11.571 0.125   1.00 5.05   ? 164 TYR A N   1 
ATOM   172 C CA  . TYR A 1 28  ? 1.507   -11.925 -0.892  1.00 7.18   ? 164 TYR A CA  1 
ATOM   173 C C   . TYR A 1 28  ? 0.090   -11.736 -0.358  1.00 7.15   ? 164 TYR A C   1 
ATOM   174 O O   . TYR A 1 28  ? -0.761  -11.126 -1.013  1.00 4.70   ? 164 TYR A O   1 
ATOM   175 C CB  . TYR A 1 28  ? 1.713   -13.367 -1.369  1.00 6.77   ? 164 TYR A CB  1 
ATOM   176 C CG  . TYR A 1 28  ? 0.716   -13.705 -2.432  1.00 5.48   ? 164 TYR A CG  1 
ATOM   177 C CD1 . TYR A 1 28  ? 0.705   -13.004 -3.637  1.00 7.09   ? 164 TYR A CD1 1 
ATOM   178 C CD2 . TYR A 1 28  ? -0.239  -14.691 -2.237  1.00 8.00   ? 164 TYR A CD2 1 
ATOM   179 C CE1 . TYR A 1 28  ? -0.220  -13.280 -4.608  1.00 5.65   ? 164 TYR A CE1 1 
ATOM   180 C CE2 . TYR A 1 28  ? -1.166  -14.978 -3.213  1.00 8.84   ? 164 TYR A CE2 1 
ATOM   181 C CZ  . TYR A 1 28  ? -1.152  -14.275 -4.397  1.00 7.95   ? 164 TYR A CZ  1 
ATOM   182 O OH  . TYR A 1 28  ? -2.079  -14.573 -5.370  1.00 8.48   ? 164 TYR A OH  1 
ATOM   183 N N   . HIS A 1 29  ? -0.173  -12.247 0.840   1.00 6.97   ? 165 HIS A N   1 
ATOM   184 C CA  . HIS A 1 29  ? -1.497  -12.095 1.419   1.00 7.59   ? 165 HIS A CA  1 
ATOM   185 C C   . HIS A 1 29  ? -1.766  -10.648 1.827   1.00 4.10   ? 165 HIS A C   1 
ATOM   186 O O   . HIS A 1 29  ? -2.916  -10.204 1.769   1.00 9.27   ? 165 HIS A O   1 
ATOM   187 C CB  . HIS A 1 29  ? -1.645  -13.059 2.591   1.00 10.00  ? 165 HIS A CB  1 
ATOM   188 C CG  . HIS A 1 29  ? -1.761  -14.492 2.162   1.00 10.60  ? 165 HIS A CG  1 
ATOM   189 N ND1 . HIS A 1 29  ? -0.866  -15.463 2.548   1.00 6.76   ? 165 HIS A ND1 1 
ATOM   190 C CD2 . HIS A 1 29  ? -2.643  -15.101 1.333   1.00 9.01   ? 165 HIS A CD2 1 
ATOM   191 C CE1 . HIS A 1 29  ? -1.208  -16.618 1.998   1.00 9.38   ? 165 HIS A CE1 1 
ATOM   192 N NE2 . HIS A 1 29  ? -2.284  -16.426 1.259   1.00 8.42   ? 165 HIS A NE2 1 
ATOM   193 N N   . THR A 1 30  ? -0.729  -9.898  2.224   1.00 4.21   ? 166 THR A N   1 
ATOM   194 C CA  . THR A 1 30  ? -0.891  -8.458  2.397   1.00 5.63   ? 166 THR A CA  1 
ATOM   195 C C   . THR A 1 30  ? -1.500  -7.829  1.149   1.00 7.21   ? 166 THR A C   1 
ATOM   196 O O   . THR A 1 30  ? -2.438  -7.028  1.238   1.00 6.00   ? 166 THR A O   1 
ATOM   197 C CB  . THR A 1 30  ? 0.449   -7.783  2.710   1.00 6.13   ? 166 THR A CB  1 
ATOM   198 O OG1 . THR A 1 30  ? 0.990   -8.308  3.925   1.00 7.46   ? 166 THR A OG1 1 
ATOM   199 C CG2 . THR A 1 30  ? 0.263   -6.265  2.865   1.00 6.73   ? 166 THR A CG2 1 
ATOM   200 N N   . VAL A 1 31  ? -0.971  -8.178  -0.030  1.00 5.05   ? 167 VAL A N   1 
ATOM   201 C CA  . VAL A 1 31  ? -1.495  -7.621  -1.280  1.00 2.32   ? 167 VAL A CA  1 
ATOM   202 C C   . VAL A 1 31  ? -2.953  -8.018  -1.470  1.00 3.68   ? 167 VAL A C   1 
ATOM   203 O O   . VAL A 1 31  ? -3.798  -7.195  -1.839  1.00 5.22   ? 167 VAL A O   1 
ATOM   204 C CB  . VAL A 1 31  ? -0.634  -8.075  -2.478  1.00 6.69   ? 167 VAL A CB  1 
ATOM   205 C CG1 . VAL A 1 31  ? -1.320  -7.709  -3.785  1.00 8.22   ? 167 VAL A CG1 1 
ATOM   206 C CG2 . VAL A 1 31  ? 0.758   -7.456  -2.424  1.00 3.28   ? 167 VAL A CG2 1 
ATOM   207 N N   . LEU A 1 32  ? -3.266  -9.296  -1.262  1.00 5.52   ? 168 LEU A N   1 
ATOM   208 C CA  . LEU A 1 32  ? -4.635  -9.751  -1.496  1.00 7.24   ? 168 LEU A CA  1 
ATOM   209 C C   . LEU A 1 32  ? -5.625  -8.964  -0.643  1.00 5.33   ? 168 LEU A C   1 
ATOM   210 O O   . LEU A 1 32  ? -6.673  -8.528  -1.129  1.00 8.45   ? 168 LEU A O   1 
ATOM   211 C CB  . LEU A 1 32  ? -4.760  -11.246 -1.206  1.00 5.87   ? 168 LEU A CB  1 
ATOM   212 C CG  . LEU A 1 32  ? -3.933  -12.192 -2.081  1.00 9.46   ? 168 LEU A CG  1 
ATOM   213 C CD1 . LEU A 1 32  ? -4.439  -13.620 -1.905  1.00 15.76  ? 168 LEU A CD1 1 
ATOM   214 C CD2 . LEU A 1 32  ? -3.978  -11.752 -3.560  1.00 10.55  ? 168 LEU A CD2 1 
ATOM   215 N N   . TRP A 1 33  ? -5.314  -8.782  0.637   1.00 6.20   ? 169 TRP A N   1 
ATOM   216 C CA  . TRP A 1 33  ? -6.222  -8.032  1.498   1.00 4.85   ? 169 TRP A CA  1 
ATOM   217 C C   . TRP A 1 33  ? -6.252  -6.556  1.123   1.00 11.11  ? 169 TRP A C   1 
ATOM   218 O O   . TRP A 1 33  ? -7.331  -5.962  1.002   1.00 6.93   ? 169 TRP A O   1 
ATOM   219 C CB  . TRP A 1 33  ? -5.829  -8.211  2.960   1.00 5.23   ? 169 TRP A CB  1 
ATOM   220 C CG  . TRP A 1 33  ? -6.127  -9.577  3.450   1.00 6.95   ? 169 TRP A CG  1 
ATOM   221 C CD1 . TRP A 1 33  ? -5.222  -10.536 3.807   1.00 7.73   ? 169 TRP A CD1 1 
ATOM   222 C CD2 . TRP A 1 33  ? -7.418  -10.166 3.604   1.00 7.77   ? 169 TRP A CD2 1 
ATOM   223 N NE1 . TRP A 1 33  ? -5.870  -11.678 4.176   1.00 4.70   ? 169 TRP A NE1 1 
ATOM   224 C CE2 . TRP A 1 33  ? -7.221  -11.480 4.073   1.00 7.28   ? 169 TRP A CE2 1 
ATOM   225 C CE3 . TRP A 1 33  ? -8.723  -9.706  3.407   1.00 9.47   ? 169 TRP A CE3 1 
ATOM   226 C CZ2 . TRP A 1 33  ? -8.276  -12.342 4.343   1.00 7.44   ? 169 TRP A CZ2 1 
ATOM   227 C CZ3 . TRP A 1 33  ? -9.775  -10.565 3.678   1.00 14.06  ? 169 TRP A CZ3 1 
ATOM   228 C CH2 . TRP A 1 33  ? -9.545  -11.867 4.141   1.00 11.65  ? 169 TRP A CH2 1 
ATOM   229 N N   . MET A 1 34  ? -5.083  -5.942  0.933   1.00 8.36   ? 170 MET A N   1 
ATOM   230 C CA  . MET A 1 34  ? -5.065  -4.500  0.691   1.00 6.89   ? 170 MET A CA  1 
ATOM   231 C C   . MET A 1 34  ? -5.698  -4.149  -0.651  1.00 7.46   ? 170 MET A C   1 
ATOM   232 O O   . MET A 1 34  ? -6.378  -3.122  -0.771  1.00 8.34   ? 170 MET A O   1 
ATOM   233 C CB  . MET A 1 34  ? -3.637  -3.959  0.778   1.00 5.12   ? 170 MET A CB  1 
ATOM   234 C CG  . MET A 1 34  ? -3.039  -4.051  2.168   1.00 10.40  ? 170 MET A CG  1 
ATOM   235 S SD  . MET A 1 34  ? -4.160  -3.358  3.395   1.00 11.96  ? 170 MET A SD  1 
ATOM   236 C CE  . MET A 1 34  ? -3.216  -3.628  4.892   1.00 7.68   ? 170 MET A CE  1 
ATOM   237 N N   . GLU A 1 35  ? -5.502  -4.991  -1.668  1.00 7.98   ? 171 GLU A N   1 
ATOM   238 C CA  . GLU A 1 35  ? -6.197  -4.777  -2.933  1.00 11.06  ? 171 GLU A CA  1 
ATOM   239 C C   . GLU A 1 35  ? -7.711  -4.821  -2.750  1.00 13.12  ? 171 GLU A C   1 
ATOM   240 O O   . GLU A 1 35  ? -8.435  -4.031  -3.361  1.00 9.88   ? 171 GLU A O   1 
ATOM   241 C CB  . GLU A 1 35  ? -5.749  -5.818  -3.966  1.00 15.74  ? 171 GLU A CB  1 
ATOM   242 C CG  . GLU A 1 35  ? -4.329  -5.585  -4.500  1.00 15.15  ? 171 GLU A CG  1 
ATOM   243 C CD  . GLU A 1 35  ? -4.256  -4.560  -5.636  1.00 25.41  ? 171 GLU A CD  1 
ATOM   244 O OE1 . GLU A 1 35  ? -5.301  -4.067  -6.081  1.00 26.27  ? 171 GLU A OE1 1 
ATOM   245 O OE2 . GLU A 1 35  ? -3.144  -4.237  -6.087  1.00 25.20  ? 171 GLU A OE2 1 
ATOM   246 N N   . GLN A 1 36  ? -8.210  -5.730  -1.900  1.00 8.12   ? 172 GLN A N   1 
ATOM   247 C CA  . GLN A 1 36  ? -9.648  -5.781  -1.655  1.00 8.49   ? 172 GLN A CA  1 
ATOM   248 C C   . GLN A 1 36  ? -10.135 -4.513  -0.956  1.00 11.79  ? 172 GLN A C   1 
ATOM   249 O O   . GLN A 1 36  ? -11.209 -3.990  -1.285  1.00 12.65  ? 172 GLN A O   1 
ATOM   250 C CB  . GLN A 1 36  ? -9.993  -7.026  -0.842  1.00 12.81  ? 172 GLN A CB  1 
ATOM   251 C CG  . GLN A 1 36  ? -11.484 -7.282  -0.624  1.00 18.92  ? 172 GLN A CG  1 
ATOM   252 C CD  . GLN A 1 36  ? -12.252 -7.444  -1.925  1.00 27.93  ? 172 GLN A CD  1 
ATOM   253 O OE1 . GLN A 1 36  ? -11.724 -7.938  -2.919  1.00 24.18  ? 172 GLN A OE1 1 
ATOM   254 N NE2 . GLN A 1 36  ? -13.507 -7.018  -1.921  1.00 24.34  ? 172 GLN A NE2 1 
ATOM   255 N N   . VAL A 1 37  ? -9.349  -3.996  -0.004  1.00 5.62   ? 173 VAL A N   1 
ATOM   256 C CA  . VAL A 1 37  ? -9.704  -2.750  0.673   1.00 4.34   ? 173 VAL A CA  1 
ATOM   257 C C   . VAL A 1 37  ? -9.842  -1.606  -0.325  1.00 10.02  ? 173 VAL A C   1 
ATOM   258 O O   . VAL A 1 37  ? -10.786 -0.808  -0.249  1.00 9.26   ? 173 VAL A O   1 
ATOM   259 C CB  . VAL A 1 37  ? -8.669  -2.414  1.754   1.00 9.58   ? 173 VAL A CB  1 
ATOM   260 C CG1 . VAL A 1 37  ? -8.966  -1.050  2.360   1.00 9.35   ? 173 VAL A CG1 1 
ATOM   261 C CG2 . VAL A 1 37  ? -8.652  -3.481  2.815   1.00 6.19   ? 173 VAL A CG2 1 
ATOM   262 N N   . LEU A 1 38  ? -8.884  -1.483  -1.245  1.00 10.42  ? 174 LEU A N   1 
ATOM   263 C CA  . LEU A 1 38  ? -8.966  -0.451  -2.278  1.00 15.47  ? 174 LEU A CA  1 
ATOM   264 C C   . LEU A 1 38  ? -10.238 -0.591  -3.104  1.00 21.23  ? 174 LEU A C   1 
ATOM   265 O O   . LEU A 1 38  ? -10.870 0.414   -3.450  1.00 19.61  ? 174 LEU A O   1 
ATOM   266 C CB  . LEU A 1 38  ? -7.748  -0.525  -3.192  1.00 14.52  ? 174 LEU A CB  1 
ATOM   267 C CG  . LEU A 1 38  ? -6.405  0.040   -2.744  1.00 13.21  ? 174 LEU A CG  1 
ATOM   268 C CD1 . LEU A 1 38  ? -5.423  0.038   -3.925  1.00 14.59  ? 174 LEU A CD1 1 
ATOM   269 C CD2 . LEU A 1 38  ? -6.573  1.440   -2.199  1.00 10.94  ? 174 LEU A CD2 1 
ATOM   270 N N   . LYS A 1 39  ? -10.613 -1.828  -3.467  1.00 15.82  ? 175 LYS A N   1 
ATOM   271 C CA  . LYS A 1 39  ? -11.859 -2.009  -4.207  1.00 19.72  ? 175 LYS A CA  1 
ATOM   272 C C   . LYS A 1 39  ? -13.041 -1.478  -3.418  1.00 23.85  ? 175 LYS A C   1 
ATOM   273 O O   . LYS A 1 39  ? -13.871 -0.731  -3.945  1.00 23.24  ? 175 LYS A O   1 
ATOM   274 C CB  . LYS A 1 39  ? -12.110 -3.481  -4.544  1.00 25.02  ? 175 LYS A CB  1 
ATOM   275 C CG  . LYS A 1 39  ? -11.062 -4.140  -5.387  1.00 37.36  ? 175 LYS A CG  1 
ATOM   276 C CD  . LYS A 1 39  ? -10.889 -3.368  -6.667  1.00 51.60  ? 175 LYS A CD  1 
ATOM   277 C CE  . LYS A 1 39  ? -9.440  -2.933  -6.832  1.00 54.69  ? 175 LYS A CE  1 
ATOM   278 N NZ  . LYS A 1 39  ? -9.267  -1.864  -7.867  1.00 50.87  ? 175 LYS A NZ  1 
ATOM   279 N N   . GLN A 1 40  ? -13.132 -1.841  -2.146  1.00 17.33  ? 176 GLN A N   1 
ATOM   280 C CA  . GLN A 1 40  ? -14.328 -1.480  -1.412  1.00 17.98  ? 176 GLN A CA  1 
ATOM   281 C C   . GLN A 1 40  ? -14.344 0.009   -1.091  1.00 22.95  ? 176 GLN A C   1 
ATOM   282 O O   . GLN A 1 40  ? -15.412 0.625   -1.101  1.00 29.64  ? 176 GLN A O   1 
ATOM   283 C CB  . GLN A 1 40  ? -14.426 -2.364  -0.176  1.00 19.86  ? 176 GLN A CB  1 
ATOM   284 C CG  . GLN A 1 40  ? -14.681 -3.836  -0.542  1.00 22.25  ? 176 GLN A CG  1 
ATOM   285 C CD  . GLN A 1 40  ? -14.709 -4.774  0.659   1.00 26.05  ? 176 GLN A CD  1 
ATOM   286 O OE1 . GLN A 1 40  ? -14.102 -5.844  0.637   1.00 29.89  ? 176 GLN A OE1 1 
ATOM   287 N NE2 . GLN A 1 40  ? -15.419 -4.379  1.705   1.00 29.20  ? 176 GLN A NE2 1 
ATOM   288 N N   . LEU A 1 41  ? -13.175 0.613   -0.850  1.00 21.04  ? 177 LEU A N   1 
ATOM   289 C CA  . LEU A 1 41  ? -13.123 2.057   -0.659  1.00 21.65  ? 177 LEU A CA  1 
ATOM   290 C C   . LEU A 1 41  ? -13.594 2.777   -1.916  1.00 21.58  ? 177 LEU A C   1 
ATOM   291 O O   . LEU A 1 41  ? -14.410 3.700   -1.846  1.00 24.18  ? 177 LEU A O   1 
ATOM   292 C CB  . LEU A 1 41  ? -11.707 2.501   -0.282  1.00 16.01  ? 177 LEU A CB  1 
ATOM   293 C CG  . LEU A 1 41  ? -11.202 2.300   1.154   1.00 10.99  ? 177 LEU A CG  1 
ATOM   294 C CD1 . LEU A 1 41  ? -9.756  2.779   1.255   1.00 9.01   ? 177 LEU A CD1 1 
ATOM   295 C CD2 . LEU A 1 41  ? -12.090 3.028   2.187   1.00 11.63  ? 177 LEU A CD2 1 
ATOM   296 N N   . ASP A 1 42  ? -13.112 2.337   -3.082  1.00 19.60  ? 178 ASP A N   1 
ATOM   297 C CA  . ASP A 1 42  ? -13.538 2.936   -4.346  1.00 17.93  ? 178 ASP A CA  1 
ATOM   298 C C   . ASP A 1 42  ? -15.025 2.735   -4.608  1.00 24.69  ? 178 ASP A C   1 
ATOM   299 O O   . ASP A 1 42  ? -15.658 3.573   -5.255  1.00 29.03  ? 178 ASP A O   1 
ATOM   300 C CB  . ASP A 1 42  ? -12.718 2.364   -5.494  1.00 21.16  ? 178 ASP A CB  1 
ATOM   301 C CG  . ASP A 1 42  ? -11.312 2.923   -5.525  1.00 27.45  ? 178 ASP A CG  1 
ATOM   302 O OD1 . ASP A 1 42  ? -11.035 3.878   -4.765  1.00 31.41  ? 178 ASP A OD1 1 
ATOM   303 O OD2 . ASP A 1 42  ? -10.482 2.409   -6.300  1.00 29.33  ? 178 ASP A OD2 1 
ATOM   304 N N   . ALA A 1 43  ? -15.597 1.649   -4.125  1.00 34.06  ? 179 ALA A N   1 
ATOM   305 C CA  . ALA A 1 43  ? -17.039 1.480   -4.244  1.00 27.39  ? 179 ALA A CA  1 
ATOM   306 C C   . ALA A 1 43  ? -17.813 2.351   -3.257  1.00 31.94  ? 179 ALA A C   1 
ATOM   307 O O   . ALA A 1 43  ? -19.028 2.173   -3.088  1.00 33.32  ? 179 ALA A O   1 
ATOM   308 C CB  . ALA A 1 43  ? -17.408 0.008   -4.052  1.00 33.12  ? 179 ALA A CB  1 
ATOM   309 N N   . GLY A 1 44  ? -17.135 3.283   -2.589  1.00 27.24  ? 180 GLY A N   1 
ATOM   310 C CA  . GLY A 1 44  ? -17.794 4.173   -1.660  1.00 27.65  ? 180 GLY A CA  1 
ATOM   311 C C   . GLY A 1 44  ? -18.138 3.575   -0.316  1.00 30.37  ? 180 GLY A C   1 
ATOM   312 O O   . GLY A 1 44  ? -18.810 4.242   0.478   1.00 36.55  ? 180 GLY A O   1 
ATOM   313 N N   . GLU A 1 45  ? -17.715 2.341   -0.034  1.00 28.42  ? 181 GLU A N   1 
ATOM   314 C CA  . GLU A 1 45  ? -17.972 1.768   1.282   1.00 29.45  ? 181 GLU A CA  1 
ATOM   315 C C   . GLU A 1 45  ? -17.355 2.653   2.350   1.00 32.39  ? 181 GLU A C   1 
ATOM   316 O O   . GLU A 1 45  ? -16.266 3.206   2.172   1.00 34.54  ? 181 GLU A O   1 
ATOM   317 C CB  . GLU A 1 45  ? -17.409 0.351   1.391   1.00 28.54  ? 181 GLU A CB  1 
ATOM   318 C CG  . GLU A 1 45  ? -18.132 -0.691  0.553   1.00 34.75  ? 181 GLU A CG  1 
ATOM   319 C CD  . GLU A 1 45  ? -17.849 -2.115  1.018   1.00 39.81  ? 181 GLU A CD  1 
ATOM   320 O OE1 . GLU A 1 45  ? -17.369 -2.298  2.161   1.00 32.83  ? 181 GLU A OE1 1 
ATOM   321 O OE2 . GLU A 1 45  ? -18.116 -3.055  0.240   1.00 41.75  ? 181 GLU A OE2 1 
ATOM   322 N N   . GLU A 1 46  ? -18.061 2.803   3.459   1.00 30.53  ? 182 GLU A N   1 
ATOM   323 C CA  . GLU A 1 46  ? -17.593 3.678   4.517   1.00 40.03  ? 182 GLU A CA  1 
ATOM   324 C C   . GLU A 1 46  ? -16.693 2.901   5.464   1.00 37.38  ? 182 GLU A C   1 
ATOM   325 O O   . GLU A 1 46  ? -16.942 1.730   5.768   1.00 29.37  ? 182 GLU A O   1 
ATOM   326 C CB  . GLU A 1 46  ? -18.768 4.303   5.265   1.00 48.34  ? 182 GLU A CB  1 
ATOM   327 C CG  . GLU A 1 46  ? -19.627 5.191   4.372   1.00 54.46  ? 182 GLU A CG  1 
ATOM   328 C CD  . GLU A 1 46  ? -19.725 6.616   4.879   1.00 65.83  ? 182 GLU A CD  1 
ATOM   329 O OE1 . GLU A 1 46  ? -19.575 6.822   6.103   1.00 63.22  ? 182 GLU A OE1 1 
ATOM   330 O OE2 . GLU A 1 46  ? -19.944 7.527   4.048   1.00 61.90  ? 182 GLU A OE2 1 
ATOM   331 N N   . ALA A 1 47  ? -15.628 3.555   5.905   1.00 27.62  ? 183 ALA A N   1 
ATOM   332 C CA  . ALA A 1 47  ? -14.610 2.881   6.687   1.00 26.56  ? 183 ALA A CA  1 
ATOM   333 C C   . ALA A 1 47  ? -13.848 3.926   7.466   1.00 17.68  ? 183 ALA A C   1 
ATOM   334 O O   . ALA A 1 47  ? -13.808 5.100   7.089   1.00 18.05  ? 183 ALA A O   1 
ATOM   335 C CB  . ALA A 1 47  ? -13.656 2.086   5.794   1.00 16.43  ? 183 ALA A CB  1 
ATOM   336 N N   . THR A 1 48  ? -13.229 3.487   8.553   1.00 11.96  ? 184 THR A N   1 
ATOM   337 C CA  . THR A 1 48  ? -12.336 4.394   9.253   1.00 14.04  ? 184 THR A CA  1 
ATOM   338 C C   . THR A 1 48  ? -10.964 4.418   8.603   1.00 20.38  ? 184 THR A C   1 
ATOM   339 O O   . THR A 1 48  ? -10.283 5.449   8.642   1.00 17.64  ? 184 THR A O   1 
ATOM   340 C CB  . THR A 1 48  ? -12.236 4.008   10.728  1.00 27.23  ? 184 THR A CB  1 
ATOM   341 O OG1 . THR A 1 48  ? -11.250 2.982   10.893  1.00 27.25  ? 184 THR A OG1 1 
ATOM   342 C CG2 . THR A 1 48  ? -13.590 3.510   11.232  1.00 22.59  ? 184 THR A CG2 1 
ATOM   343 N N   . THR A 1 49  ? -10.565 3.319   7.967   1.00 12.59  ? 185 THR A N   1 
ATOM   344 C CA  . THR A 1 49  ? -9.296  3.303   7.259   1.00 14.43  ? 185 THR A CA  1 
ATOM   345 C C   . THR A 1 49  ? -9.348  4.245   6.065   1.00 13.04  ? 185 THR A C   1 
ATOM   346 O O   . THR A 1 49  ? -10.364 4.331   5.370   1.00 12.29  ? 185 THR A O   1 
ATOM   347 C CB  . THR A 1 49  ? -8.965  1.892   6.774   1.00 13.13  ? 185 THR A CB  1 
ATOM   348 O OG1 . THR A 1 49  ? -8.966  0.997   7.889   1.00 18.07  ? 185 THR A OG1 1 
ATOM   349 C CG2 . THR A 1 49  ? -7.580  1.878   6.124   1.00 8.99   ? 185 THR A CG2 1 
ATOM   350 N N   . THR A 1 50  ? -8.237  4.929   5.814   1.00 8.42   ? 186 THR A N   1 
ATOM   351 C CA  . THR A 1 50  ? -8.104  5.793   4.655   1.00 8.81   ? 186 THR A CA  1 
ATOM   352 C C   . THR A 1 50  ? -7.233  5.141   3.585   1.00 11.20  ? 186 THR A C   1 
ATOM   353 O O   . THR A 1 50  ? -6.426  4.243   3.850   1.00 10.41  ? 186 THR A O   1 
ATOM   354 C CB  . THR A 1 50  ? -7.502  7.133   5.055   1.00 11.22  ? 186 THR A CB  1 
ATOM   355 O OG1 . THR A 1 50  ? -6.095  6.958   5.273   1.00 13.36  ? 186 THR A OG1 1 
ATOM   356 C CG2 . THR A 1 50  ? -8.150  7.635   6.341   1.00 13.63  ? 186 THR A CG2 1 
ATOM   357 N N   . LYS A 1 51  ? -7.396  5.637   2.360   1.00 6.66   ? 187 LYS A N   1 
ATOM   358 C CA  . LYS A 1 51  ? -6.666  5.093   1.222   1.00 7.64   ? 187 LYS A CA  1 
ATOM   359 C C   . LYS A 1 51  ? -5.162  5.226   1.397   1.00 6.46   ? 187 LYS A C   1 
ATOM   360 O O   . LYS A 1 51  ? -4.406  4.317   1.025   1.00 7.65   ? 187 LYS A O   1 
ATOM   361 C CB  . LYS A 1 51  ? -7.120  5.788   -0.061  1.00 7.62   ? 187 LYS A CB  1 
ATOM   362 C CG  . LYS A 1 51  ? -6.371  5.315   -1.298  1.00 15.16  ? 187 LYS A CG  1 
ATOM   363 C CD  . LYS A 1 51  ? -7.105  5.690   -2.568  1.00 32.69  ? 187 LYS A CD  1 
ATOM   364 C CE  . LYS A 1 51  ? -8.361  4.854   -2.766  1.00 35.34  ? 187 LYS A CE  1 
ATOM   365 N NZ  . LYS A 1 51  ? -8.747  4.816   -4.206  1.00 28.49  ? 187 LYS A NZ  1 
ATOM   366 N N   . SER A 1 52  ? -4.694  6.353   1.945   1.00 6.45   ? 188 SER A N   1 
ATOM   367 C CA  . SER A 1 52  ? -3.254  6.517   2.106   1.00 9.14   ? 188 SER A CA  1 
ATOM   368 C C   . SER A 1 52  ? -2.675  5.426   3.001   1.00 7.23   ? 188 SER A C   1 
ATOM   369 O O   . SER A 1 52  ? -1.578  4.917   2.737   1.00 5.89   ? 188 SER A O   1 
ATOM   370 C CB  . SER A 1 52  ? -2.927  7.906   2.653   1.00 7.59   ? 188 SER A CB  1 
ATOM   371 O OG  . SER A 1 52  ? -3.238  8.025   4.028   1.00 7.96   ? 188 SER A OG  1 
ATOM   372 N N   . GLN A 1 53  ? -3.414  5.020   4.035   1.00 6.32   ? 189 GLN A N   1 
ATOM   373 C CA  . GLN A 1 53  ? -2.946  3.932   4.891   1.00 8.77   ? 189 GLN A CA  1 
ATOM   374 C C   . GLN A 1 53  ? -2.791  2.640   4.105   1.00 6.61   ? 189 GLN A C   1 
ATOM   375 O O   . GLN A 1 53  ? -1.824  1.893   4.310   1.00 6.20   ? 189 GLN A O   1 
ATOM   376 C CB  . GLN A 1 53  ? -3.914  3.698   6.041   1.00 10.48  ? 189 GLN A CB  1 
ATOM   377 C CG  . GLN A 1 53  ? -4.019  4.817   7.055   1.00 9.43   ? 189 GLN A CG  1 
ATOM   378 C CD  . GLN A 1 53  ? -5.120  4.518   8.030   1.00 10.96  ? 189 GLN A CD  1 
ATOM   379 O OE1 . GLN A 1 53  ? -6.230  5.037   7.912   1.00 14.88  ? 189 GLN A OE1 1 
ATOM   380 N NE2 . GLN A 1 53  ? -4.843  3.620   8.965   1.00 9.82   ? 189 GLN A NE2 1 
ATOM   381 N N   . VAL A 1 54  ? -3.747  2.358   3.214   1.00 7.70   ? 190 VAL A N   1 
ATOM   382 C CA  . VAL A 1 54  ? -3.712  1.139   2.412   1.00 7.69   ? 190 VAL A CA  1 
ATOM   383 C C   . VAL A 1 54  ? -2.527  1.161   1.462   1.00 7.22   ? 190 VAL A C   1 
ATOM   384 O O   . VAL A 1 54  ? -1.794  0.171   1.332   1.00 7.19   ? 190 VAL A O   1 
ATOM   385 C CB  . VAL A 1 54  ? -5.033  0.980   1.643   1.00 6.89   ? 190 VAL A CB  1 
ATOM   386 C CG1 . VAL A 1 54  ? -5.055  -0.346  0.864   1.00 3.37   ? 190 VAL A CG1 1 
ATOM   387 C CG2 . VAL A 1 54  ? -6.211  1.061   2.599   1.00 6.58   ? 190 VAL A CG2 1 
ATOM   388 N N   . LEU A 1 55  ? -2.316  2.297   0.794   1.00 6.85   ? 191 LEU A N   1 
ATOM   389 C CA  . LEU A 1 55  ? -1.237  2.411   -0.177  1.00 7.18   ? 191 LEU A CA  1 
ATOM   390 C C   . LEU A 1 55  ? 0.123   2.251   0.475   1.00 4.80   ? 191 LEU A C   1 
ATOM   391 O O   . LEU A 1 55  ? 1.060   1.752   -0.156  1.00 5.39   ? 191 LEU A O   1 
ATOM   392 C CB  . LEU A 1 55  ? -1.317  3.759   -0.889  1.00 6.41   ? 191 LEU A CB  1 
ATOM   393 C CG  . LEU A 1 55  ? -2.554  3.989   -1.756  1.00 6.87   ? 191 LEU A CG  1 
ATOM   394 C CD1 . LEU A 1 55  ? -2.671  5.470   -2.082  1.00 11.21  ? 191 LEU A CD1 1 
ATOM   395 C CD2 . LEU A 1 55  ? -2.504  3.133   -3.037  1.00 7.77   ? 191 LEU A CD2 1 
ATOM   396 N N   . ASP A 1 56  ? 0.260   2.689   1.726   1.00 5.09   ? 192 ASP A N   1 
ATOM   397 C CA  . ASP A 1 56  ? 1.505   2.479   2.452   1.00 6.40   ? 192 ASP A CA  1 
ATOM   398 C C   . ASP A 1 56  ? 1.838   0.991   2.536   1.00 6.73   ? 192 ASP A C   1 
ATOM   399 O O   . ASP A 1 56  ? 2.916   0.560   2.110   1.00 6.58   ? 192 ASP A O   1 
ATOM   400 C CB  . ASP A 1 56  ? 1.390   3.104   3.848   1.00 8.53   ? 192 ASP A CB  1 
ATOM   401 C CG  . ASP A 1 56  ? 2.745   3.427   4.475   1.00 14.41  ? 192 ASP A CG  1 
ATOM   402 O OD1 . ASP A 1 56  ? 3.776   2.887   4.028   1.00 13.16  ? 192 ASP A OD1 1 
ATOM   403 O OD2 . ASP A 1 56  ? 2.769   4.223   5.435   1.00 12.71  ? 192 ASP A OD2 1 
ATOM   404 N N   . TYR A 1 57  ? 0.913   0.185   3.083   1.00 6.20   ? 193 TYR A N   1 
ATOM   405 C CA  . TYR A 1 57  ? 1.140   -1.258  3.195   1.00 7.43   ? 193 TYR A CA  1 
ATOM   406 C C   . TYR A 1 57  ? 1.299   -1.919  1.825   1.00 7.32   ? 193 TYR A C   1 
ATOM   407 O O   . TYR A 1 57  ? 2.135   -2.814  1.644   1.00 7.55   ? 193 TYR A O   1 
ATOM   408 C CB  . TYR A 1 57  ? -0.020  -1.921  3.931   1.00 7.59   ? 193 TYR A CB  1 
ATOM   409 C CG  . TYR A 1 57  ? 0.095   -1.808  5.418   1.00 7.52   ? 193 TYR A CG  1 
ATOM   410 C CD1 . TYR A 1 57  ? 0.861   -2.711  6.150   1.00 10.84  ? 193 TYR A CD1 1 
ATOM   411 C CD2 . TYR A 1 57  ? -0.543  -0.782  6.098   1.00 8.11   ? 193 TYR A CD2 1 
ATOM   412 C CE1 . TYR A 1 57  ? 0.988   -2.594  7.526   1.00 13.17  ? 193 TYR A CE1 1 
ATOM   413 C CE2 . TYR A 1 57  ? -0.434  -0.662  7.475   1.00 10.99  ? 193 TYR A CE2 1 
ATOM   414 C CZ  . TYR A 1 57  ? 0.332   -1.565  8.180   1.00 18.30  ? 193 TYR A CZ  1 
ATOM   415 O OH  . TYR A 1 57  ? 0.441   -1.431  9.547   1.00 20.72  ? 193 TYR A OH  1 
ATOM   416 N N   . LEU A 1 58  ? 0.466   -1.532  0.867   1.00 6.31   ? 194 LEU A N   1 
ATOM   417 C CA  . LEU A 1 58  ? 0.471   -2.225  -0.419  1.00 4.84   ? 194 LEU A CA  1 
ATOM   418 C C   . LEU A 1 58  ? 1.744   -1.927  -1.203  1.00 5.48   ? 194 LEU A C   1 
ATOM   419 O O   . LEU A 1 58  ? 2.299   -2.822  -1.848  1.00 4.49   ? 194 LEU A O   1 
ATOM   420 C CB  . LEU A 1 58  ? -0.782  -1.846  -1.215  1.00 5.05   ? 194 LEU A CB  1 
ATOM   421 C CG  . LEU A 1 58  ? -1.003  -2.566  -2.550  1.00 9.57   ? 194 LEU A CG  1 
ATOM   422 C CD1 . LEU A 1 58  ? -1.318  -4.035  -2.351  1.00 5.31   ? 194 LEU A CD1 1 
ATOM   423 C CD2 . LEU A 1 58  ? -2.124  -1.878  -3.322  1.00 6.27   ? 194 LEU A CD2 1 
ATOM   424 N N   . SER A 1 59  ? 2.231   -0.676  -1.163  1.00 3.79   ? 195 SER A N   1 
ATOM   425 C CA  . SER A 1 59  ? 3.447   -0.358  -1.900  1.00 6.61   ? 195 SER A CA  1 
ATOM   426 C C   . SER A 1 59  ? 4.642   -1.110  -1.332  1.00 6.69   ? 195 SER A C   1 
ATOM   427 O O   . SER A 1 59  ? 5.534   -1.510  -2.085  1.00 6.49   ? 195 SER A O   1 
ATOM   428 C CB  . SER A 1 59  ? 3.708   1.160   -1.909  1.00 5.73   ? 195 SER A CB  1 
ATOM   429 O OG  . SER A 1 59  ? 4.030   1.645   -0.612  1.00 8.48   ? 195 SER A OG  1 
ATOM   430 N N   . TYR A 1 60  ? 4.680   -1.322  -0.007  1.00 4.28   ? 196 TYR A N   1 
ATOM   431 C CA  A TYR A 1 60  ? 5.774   -2.093  0.576   0.58 8.23   ? 196 TYR A CA  1 
ATOM   432 C CA  B TYR A 1 60  ? 5.766   -2.095  0.592   0.42 8.23   ? 196 TYR A CA  1 
ATOM   433 C C   . TYR A 1 60  ? 5.678   -3.560  0.186   1.00 8.04   ? 196 TYR A C   1 
ATOM   434 O O   . TYR A 1 60  ? 6.681   -4.179  -0.200  1.00 5.99   ? 196 TYR A O   1 
ATOM   435 C CB  A TYR A 1 60  ? 5.778   -1.940  2.099   0.58 8.82   ? 196 TYR A CB  1 
ATOM   436 C CB  B TYR A 1 60  ? 5.720   -1.957  2.120   0.42 8.81   ? 196 TYR A CB  1 
ATOM   437 C CG  A TYR A 1 60  ? 6.595   -0.759  2.554   0.58 9.28   ? 196 TYR A CG  1 
ATOM   438 C CG  B TYR A 1 60  ? 6.928   -2.518  2.839   0.42 10.54  ? 196 TYR A CG  1 
ATOM   439 C CD1 A TYR A 1 60  ? 7.822   -0.930  3.186   0.58 12.33  ? 196 TYR A CD1 1 
ATOM   440 C CD1 B TYR A 1 60  ? 8.010   -1.705  3.163   0.42 12.60  ? 196 TYR A CD1 1 
ATOM   441 C CD2 A TYR A 1 60  ? 6.144   0.535   2.338   0.58 11.08  ? 196 TYR A CD2 1 
ATOM   442 C CD2 B TYR A 1 60  ? 6.985   -3.856  3.203   0.42 11.07  ? 196 TYR A CD2 1 
ATOM   443 C CE1 A TYR A 1 60  ? 8.575   0.159   3.587   0.58 12.55  ? 196 TYR A CE1 1 
ATOM   444 C CE1 B TYR A 1 60  ? 9.117   -2.217  3.821   0.42 14.09  ? 196 TYR A CE1 1 
ATOM   445 C CE2 A TYR A 1 60  ? 6.883   1.623   2.736   0.58 9.87   ? 196 TYR A CE2 1 
ATOM   446 C CE2 B TYR A 1 60  ? 8.088   -4.375  3.860   0.42 12.92  ? 196 TYR A CE2 1 
ATOM   447 C CZ  A TYR A 1 60  ? 8.093   1.433   3.360   0.58 15.91  ? 196 TYR A CZ  1 
ATOM   448 C CZ  B TYR A 1 60  ? 9.148   -3.555  4.166   0.42 15.68  ? 196 TYR A CZ  1 
ATOM   449 O OH  A TYR A 1 60  ? 8.820   2.526   3.751   0.58 12.56  ? 196 TYR A OH  1 
ATOM   450 O OH  B TYR A 1 60  ? 10.239  -4.076  4.822   0.42 11.76  ? 196 TYR A OH  1 
ATOM   451 N N   . ALA A 1 61  ? 4.476   -4.130  0.269   1.00 6.52   ? 197 ALA A N   1 
ATOM   452 C CA  . ALA A 1 61  ? 4.277   -5.540  -0.056  1.00 9.12   ? 197 ALA A CA  1 
ATOM   453 C C   . ALA A 1 61  ? 4.588   -5.835  -1.525  1.00 3.85   ? 197 ALA A C   1 
ATOM   454 O O   . ALA A 1 61  ? 5.290   -6.806  -1.831  1.00 6.98   ? 197 ALA A O   1 
ATOM   455 C CB  . ALA A 1 61  ? 2.844   -5.947  0.308   1.00 4.31   ? 197 ALA A CB  1 
ATOM   456 N N   . VAL A 1 62  ? 4.067   -5.022  -2.455  1.00 4.58   ? 198 VAL A N   1 
ATOM   457 C CA  A VAL A 1 62  ? 4.343   -5.227  -3.877  0.20 6.56   ? 198 VAL A CA  1 
ATOM   458 C CA  B VAL A 1 62  ? 4.357   -5.298  -3.866  0.80 6.68   ? 198 VAL A CA  1 
ATOM   459 C C   . VAL A 1 62  ? 5.841   -5.108  -4.158  1.00 7.41   ? 198 VAL A C   1 
ATOM   460 O O   . VAL A 1 62  ? 6.397   -5.804  -5.019  1.00 4.91   ? 198 VAL A O   1 
ATOM   461 C CB  A VAL A 1 62  ? 3.510   -4.226  -4.706  0.20 6.64   ? 198 VAL A CB  1 
ATOM   462 C CB  B VAL A 1 62  ? 3.489   -4.459  -4.842  0.80 6.45   ? 198 VAL A CB  1 
ATOM   463 C CG1 A VAL A 1 62  ? 4.271   -3.730  -5.919  0.20 7.90   ? 198 VAL A CG1 1 
ATOM   464 C CG1 B VAL A 1 62  ? 2.000   -4.582  -4.535  0.80 5.55   ? 198 VAL A CG1 1 
ATOM   465 C CG2 A VAL A 1 62  ? 2.180   -4.842  -5.105  0.20 6.82   ? 198 VAL A CG2 1 
ATOM   466 C CG2 B VAL A 1 62  ? 3.929   -2.995  -4.889  0.80 6.49   ? 198 VAL A CG2 1 
ATOM   467 N N   . PHE A 1 63  ? 6.523   -4.207  -3.443  1.00 7.67   ? 199 PHE A N   1 
ATOM   468 C CA  . PHE A 1 63  ? 7.965   -4.070  -3.638  1.00 5.86   ? 199 PHE A CA  1 
ATOM   469 C C   . PHE A 1 63  ? 8.707   -5.329  -3.192  1.00 9.38   ? 199 PHE A C   1 
ATOM   470 O O   . PHE A 1 63  ? 9.616   -5.807  -3.887  1.00 6.21   ? 199 PHE A O   1 
ATOM   471 C CB  . PHE A 1 63  ? 8.499   -2.851  -2.879  1.00 9.02   ? 199 PHE A CB  1 
ATOM   472 C CG  . PHE A 1 63  ? 9.999   -2.749  -2.911  1.00 12.33  ? 199 PHE A CG  1 
ATOM   473 C CD1 . PHE A 1 63  ? 10.655  -2.406  -4.083  1.00 7.24   ? 199 PHE A CD1 1 
ATOM   474 C CD2 . PHE A 1 63  ? 10.752  -3.035  -1.787  1.00 11.78  ? 199 PHE A CD2 1 
ATOM   475 C CE1 . PHE A 1 63  ? 12.034  -2.325  -4.122  1.00 9.24   ? 199 PHE A CE1 1 
ATOM   476 C CE2 . PHE A 1 63  ? 12.130  -2.951  -1.821  1.00 20.41  ? 199 PHE A CE2 1 
ATOM   477 C CZ  . PHE A 1 63  ? 12.771  -2.598  -2.984  1.00 18.45  ? 199 PHE A CZ  1 
ATOM   478 N N   . GLN A 1 64  ? 8.347   -5.871  -2.024  1.00 7.68   ? 200 GLN A N   1 
ATOM   479 C CA  . GLN A 1 64  ? 8.945   -7.125  -1.573  1.00 7.99   ? 200 GLN A CA  1 
ATOM   480 C C   . GLN A 1 64  ? 8.753   -8.221  -2.610  1.00 13.74  ? 200 GLN A C   1 
ATOM   481 O O   . GLN A 1 64  ? 9.637   -9.059  -2.814  1.00 11.56  ? 200 GLN A O   1 
ATOM   482 C CB  . GLN A 1 64  ? 8.333   -7.554  -0.238  1.00 10.39  ? 200 GLN A CB  1 
ATOM   483 C CG  . GLN A 1 64  ? 8.748   -6.692  0.929   1.00 9.47   ? 200 GLN A CG  1 
ATOM   484 C CD  . GLN A 1 64  ? 10.255  -6.694  1.111   1.00 20.35  ? 200 GLN A CD  1 
ATOM   485 O OE1 . GLN A 1 64  ? 10.892  -7.743  1.048   1.00 18.94  ? 200 GLN A OE1 1 
ATOM   486 N NE2 . GLN A 1 64  ? 10.831  -5.525  1.322   1.00 18.45  ? 200 GLN A NE2 1 
ATOM   487 N N   . LEU A 1 65  ? 7.611   -8.221  -3.287  1.00 6.08   ? 201 LEU A N   1 
ATOM   488 C CA  . LEU A 1 65  ? 7.316   -9.270  -4.250  1.00 6.81   ? 201 LEU A CA  1 
ATOM   489 C C   . LEU A 1 65  ? 7.922   -8.985  -5.616  1.00 7.15   ? 201 LEU A C   1 
ATOM   490 O O   . LEU A 1 65  ? 7.711   -9.770  -6.541  1.00 10.08  ? 201 LEU A O   1 
ATOM   491 C CB  . LEU A 1 65  ? 5.801   -9.455  -4.366  1.00 5.60   ? 201 LEU A CB  1 
ATOM   492 C CG  . LEU A 1 65  ? 5.093   -10.079 -3.148  1.00 7.37   ? 201 LEU A CG  1 
ATOM   493 C CD1 . LEU A 1 65  ? 3.631   -9.710  -3.123  1.00 7.19   ? 201 LEU A CD1 1 
ATOM   494 C CD2 . LEU A 1 65  ? 5.236   -11.588 -3.124  1.00 10.46  ? 201 LEU A CD2 1 
ATOM   495 N N   . GLY A 1 66  ? 8.666   -7.892  -5.769  1.00 9.00   ? 202 GLY A N   1 
ATOM   496 C CA  . GLY A 1 66  ? 9.395   -7.642  -7.003  1.00 8.54   ? 202 GLY A CA  1 
ATOM   497 C C   . GLY A 1 66  ? 8.625   -6.967  -8.116  1.00 8.87   ? 202 GLY A C   1 
ATOM   498 O O   . GLY A 1 66  ? 9.024   -7.084  -9.277  1.00 10.11  ? 202 GLY A O   1 
ATOM   499 N N   . ASP A 1 67  ? 7.548   -6.243  -7.808  1.00 6.82   ? 203 ASP A N   1 
ATOM   500 C CA  . ASP A 1 67  ? 6.734   -5.583  -8.834  1.00 9.85   ? 203 ASP A CA  1 
ATOM   501 C C   . ASP A 1 67  ? 7.082   -4.096  -8.814  1.00 8.92   ? 203 ASP A C   1 
ATOM   502 O O   . ASP A 1 67  ? 6.409   -3.269  -8.191  1.00 10.48  ? 203 ASP A O   1 
ATOM   503 C CB  . ASP A 1 67  ? 5.258   -5.844  -8.575  1.00 10.35  ? 203 ASP A CB  1 
ATOM   504 C CG  . ASP A 1 67  ? 4.394   -5.625  -9.792  1.00 8.14   ? 203 ASP A CG  1 
ATOM   505 O OD1 . ASP A 1 67  ? 4.920   -5.615  -10.927 1.00 14.36  ? 203 ASP A OD1 1 
ATOM   506 O OD2 . ASP A 1 67  ? 3.172   -5.468  -9.601  1.00 11.56  ? 203 ASP A OD2 1 
ATOM   507 N N   . LEU A 1 68  ? 8.160   -3.758  -9.523  1.00 8.62   ? 204 LEU A N   1 
ATOM   508 C CA  . LEU A 1 68  ? 8.870   -2.507  -9.260  1.00 11.60  ? 204 LEU A CA  1 
ATOM   509 C C   . LEU A 1 68  ? 8.087   -1.278  -9.724  1.00 6.98   ? 204 LEU A C   1 
ATOM   510 O O   . LEU A 1 68  ? 7.960   -0.303  -8.974  1.00 6.06   ? 204 LEU A O   1 
ATOM   511 C CB  . LEU A 1 68  ? 10.258  -2.546  -9.903  1.00 6.55   ? 204 LEU A CB  1 
ATOM   512 C CG  . LEU A 1 68  ? 11.201  -3.582  -9.292  1.00 10.09  ? 204 LEU A CG  1 
ATOM   513 C CD1 . LEU A 1 68  ? 12.606  -3.466  -9.895  1.00 12.38  ? 204 LEU A CD1 1 
ATOM   514 C CD2 . LEU A 1 68  ? 11.251  -3.457  -7.775  1.00 14.48  ? 204 LEU A CD2 1 
ATOM   515 N N   . HIS A 1 69  ? 7.575   -1.273  -10.962 1.00 7.60   ? 205 HIS A N   1 
ATOM   516 C CA  . HIS A 1 69  ? 6.876   -0.064  -11.400 1.00 6.02   ? 205 HIS A CA  1 
ATOM   517 C C   . HIS A 1 69  ? 5.497   0.078   -10.759 1.00 8.78   ? 205 HIS A C   1 
ATOM   518 O O   . HIS A 1 69  ? 5.008   1.204   -10.621 1.00 5.61   ? 205 HIS A O   1 
ATOM   519 C CB  . HIS A 1 69  ? 6.793   -0.009  -12.934 1.00 9.75   ? 205 HIS A CB  1 
ATOM   520 C CG  . HIS A 1 69  ? 8.022   0.577   -13.563 1.00 6.41   ? 205 HIS A CG  1 
ATOM   521 N ND1 . HIS A 1 69  ? 9.181   -0.149  -13.747 1.00 10.81  ? 205 HIS A ND1 1 
ATOM   522 C CD2 . HIS A 1 69  ? 8.303   1.840   -13.964 1.00 8.03   ? 205 HIS A CD2 1 
ATOM   523 C CE1 . HIS A 1 69  ? 10.112  0.635   -14.265 1.00 7.31   ? 205 HIS A CE1 1 
ATOM   524 N NE2 . HIS A 1 69  ? 9.602   1.844   -14.415 1.00 10.70  ? 205 HIS A NE2 1 
ATOM   525 N N   . ARG A 1 70  ? 4.874   -1.020  -10.329 1.00 5.14   ? 206 ARG A N   1 
ATOM   526 C CA  . ARG A 1 70  ? 3.691   -0.898  -9.476  1.00 5.29   ? 206 ARG A CA  1 
ATOM   527 C C   . ARG A 1 70  ? 4.039   -0.228  -8.147  1.00 5.75   ? 206 ARG A C   1 
ATOM   528 O O   . ARG A 1 70  ? 3.299   0.645   -7.670  1.00 5.08   ? 206 ARG A O   1 
ATOM   529 C CB  . ARG A 1 70  ? 3.072   -2.282  -9.257  1.00 8.54   ? 206 ARG A CB  1 
ATOM   530 C CG  . ARG A 1 70  ? 1.846   -2.327  -8.365  1.00 11.89  ? 206 ARG A CG  1 
ATOM   531 C CD  . ARG A 1 70  ? 0.634   -1.697  -9.009  1.00 11.93  ? 206 ARG A CD  1 
ATOM   532 N NE  . ARG A 1 70  ? -0.569  -2.025  -8.249  1.00 9.64   ? 206 ARG A NE  1 
ATOM   533 C CZ  . ARG A 1 70  ? -1.665  -1.284  -8.233  1.00 23.42  ? 206 ARG A CZ  1 
ATOM   534 N NH1 . ARG A 1 70  ? -1.715  -0.155  -8.942  1.00 22.39  ? 206 ARG A NH1 1 
ATOM   535 N NH2 . ARG A 1 70  ? -2.707  -1.675  -7.504  1.00 12.82  ? 206 ARG A NH2 1 
ATOM   536 N N   . ALA A 1 71  ? 5.178   -0.601  -7.546  1.00 8.92   ? 207 ALA A N   1 
ATOM   537 C CA  . ALA A 1 71  ? 5.573   -0.008  -6.266  1.00 7.30   ? 207 ALA A CA  1 
ATOM   538 C C   . ALA A 1 71  ? 5.822   1.489   -6.407  1.00 6.08   ? 207 ALA A C   1 
ATOM   539 O O   . ALA A 1 71  ? 5.451   2.271   -5.523  1.00 6.52   ? 207 ALA A O   1 
ATOM   540 C CB  . ALA A 1 71  ? 6.824   -0.700  -5.716  1.00 5.67   ? 207 ALA A CB  1 
ATOM   541 N N   . LEU A 1 72  ? 6.448   1.897   -7.519  1.00 5.28   ? 208 LEU A N   1 
ATOM   542 C CA  . LEU A 1 72  ? 6.631   3.313   -7.827  1.00 6.45   ? 208 LEU A CA  1 
ATOM   543 C C   . LEU A 1 72  ? 5.295   4.023   -7.997  1.00 5.39   ? 208 LEU A C   1 
ATOM   544 O O   . LEU A 1 72  ? 5.089   5.113   -7.451  1.00 6.89   ? 208 LEU A O   1 
ATOM   545 C CB  . LEU A 1 72  ? 7.471   3.465   -9.096  1.00 6.50   ? 208 LEU A CB  1 
ATOM   546 C CG  . LEU A 1 72  ? 7.768   4.894   -9.593  1.00 8.44   ? 208 LEU A CG  1 
ATOM   547 C CD1 . LEU A 1 72  ? 8.112   5.869   -8.484  1.00 11.39  ? 208 LEU A CD1 1 
ATOM   548 C CD2 . LEU A 1 72  ? 8.890   4.859   -10.631 1.00 14.20  ? 208 LEU A CD2 1 
ATOM   549 N N   . GLU A 1 73  ? 4.392   3.434   -8.791  1.00 6.91   ? 209 GLU A N   1 
ATOM   550 C CA  . GLU A 1 73  ? 3.068   4.010   -8.996  1.00 4.54   ? 209 GLU A CA  1 
ATOM   551 C C   . GLU A 1 73  ? 2.359   4.234   -7.663  1.00 9.21   ? 209 GLU A C   1 
ATOM   552 O O   . GLU A 1 73  ? 1.836   5.322   -7.398  1.00 9.28   ? 209 GLU A O   1 
ATOM   553 C CB  . GLU A 1 73  ? 2.250   3.089   -9.904  1.00 12.67  ? 209 GLU A CB  1 
ATOM   554 C CG  . GLU A 1 73  ? 0.865   3.603   -10.293 1.00 16.62  ? 209 GLU A CG  1 
ATOM   555 C CD  . GLU A 1 73  ? -0.046  2.508   -10.863 1.00 36.41  ? 209 GLU A CD  1 
ATOM   556 O OE1 . GLU A 1 73  ? -1.280  2.701   -10.858 1.00 46.18  ? 209 GLU A OE1 1 
ATOM   557 O OE2 . GLU A 1 73  ? 0.459   1.452   -11.306 1.00 33.81  ? 209 GLU A OE2 1 
ATOM   558 N N   . LEU A 1 74  ? 2.346   3.209   -6.804  1.00 5.40   ? 210 LEU A N   1 
ATOM   559 C CA  . LEU A 1 74  ? 1.626   3.298   -5.537  1.00 6.68   ? 210 LEU A CA  1 
ATOM   560 C C   . LEU A 1 74  ? 2.310   4.249   -4.561  1.00 5.35   ? 210 LEU A C   1 
ATOM   561 O O   . LEU A 1 74  ? 1.633   4.885   -3.741  1.00 5.44   ? 210 LEU A O   1 
ATOM   562 C CB  . LEU A 1 74  ? 1.489   1.908   -4.910  1.00 4.24   ? 210 LEU A CB  1 
ATOM   563 C CG  . LEU A 1 74  ? 0.706   0.874   -5.718  1.00 9.37   ? 210 LEU A CG  1 
ATOM   564 C CD1 . LEU A 1 74  ? 0.861   -0.490  -5.078  1.00 6.30   ? 210 LEU A CD1 1 
ATOM   565 C CD2 . LEU A 1 74  ? -0.766  1.256   -5.856  1.00 11.26  ? 210 LEU A CD2 1 
ATOM   566 N N   . THR A 1 75  ? 3.638   4.329   -4.608  1.00 4.44   ? 211 THR A N   1 
ATOM   567 C CA  . THR A 1 75  ? 4.355   5.293   -3.781  1.00 8.52   ? 211 THR A CA  1 
ATOM   568 C C   . THR A 1 75  ? 4.031   6.712   -4.214  1.00 7.22   ? 211 THR A C   1 
ATOM   569 O O   . THR A 1 75  ? 3.856   7.607   -3.375  1.00 5.60   ? 211 THR A O   1 
ATOM   570 C CB  . THR A 1 75  ? 5.856   5.024   -3.859  1.00 6.04   ? 211 THR A CB  1 
ATOM   571 O OG1 . THR A 1 75  ? 6.108   3.698   -3.390  1.00 8.64   ? 211 THR A OG1 1 
ATOM   572 C CG2 . THR A 1 75  ? 6.633   6.013   -3.003  1.00 7.30   ? 211 THR A CG2 1 
ATOM   573 N N   . ARG A 1 76  ? 3.932   6.937   -5.524  1.00 5.95   ? 212 ARG A N   1 
ATOM   574 C CA  A ARG A 1 76  ? 3.540   8.253   -6.006  0.41 11.02  ? 212 ARG A CA  1 
ATOM   575 C CA  B ARG A 1 76  ? 3.534   8.250   -6.013  0.59 11.03  ? 212 ARG A CA  1 
ATOM   576 C C   . ARG A 1 76  ? 2.147   8.618   -5.508  1.00 11.80  ? 212 ARG A C   1 
ATOM   577 O O   . ARG A 1 76  ? 1.920   9.741   -5.044  1.00 10.77  ? 212 ARG A O   1 
ATOM   578 C CB  A ARG A 1 76  ? 3.600   8.298   -7.532  0.41 10.68  ? 212 ARG A CB  1 
ATOM   579 C CB  B ARG A 1 76  ? 3.567   8.276   -7.538  0.59 10.66  ? 212 ARG A CB  1 
ATOM   580 C CG  A ARG A 1 76  ? 4.036   9.643   -8.079  0.41 13.19  ? 212 ARG A CG  1 
ATOM   581 C CG  B ARG A 1 76  ? 4.914   8.617   -8.110  0.59 12.20  ? 212 ARG A CG  1 
ATOM   582 C CD  A ARG A 1 76  ? 3.783   9.751   -9.572  0.41 16.85  ? 212 ARG A CD  1 
ATOM   583 C CD  B ARG A 1 76  ? 4.884   8.576   -9.626  0.59 14.97  ? 212 ARG A CD  1 
ATOM   584 N NE  A ARG A 1 76  ? 4.403   8.659   -10.314 0.41 15.57  ? 212 ARG A NE  1 
ATOM   585 N NE  B ARG A 1 76  ? 6.223   8.675   -10.187 0.59 18.18  ? 212 ARG A NE  1 
ATOM   586 C CZ  A ARG A 1 76  ? 5.696   8.604   -10.612 0.41 19.20  ? 212 ARG A CZ  1 
ATOM   587 C CZ  B ARG A 1 76  ? 6.533   8.324   -11.429 0.59 21.14  ? 212 ARG A CZ  1 
ATOM   588 N NH1 A ARG A 1 76  ? 6.508   9.577   -10.221 0.41 21.95  ? 212 ARG A NH1 1 
ATOM   589 N NH1 B ARG A 1 76  ? 5.592   7.847   -12.237 0.59 16.80  ? 212 ARG A NH1 1 
ATOM   590 N NH2 A ARG A 1 76  ? 6.177   7.578   -11.298 0.41 21.84  ? 212 ARG A NH2 1 
ATOM   591 N NH2 B ARG A 1 76  ? 7.782   8.443   -11.860 0.59 21.64  ? 212 ARG A NH2 1 
ATOM   592 N N   . ARG A 1 77  ? 1.203   7.672   -5.595  1.00 5.34   ? 213 ARG A N   1 
ATOM   593 C CA  . ARG A 1 77  ? -0.155  7.947   -5.130  1.00 6.17   ? 213 ARG A CA  1 
ATOM   594 C C   . ARG A 1 77  ? -0.188  8.158   -3.617  1.00 3.82   ? 213 ARG A C   1 
ATOM   595 O O   . ARG A 1 77  ? -0.949  8.999   -3.122  1.00 6.30   ? 213 ARG A O   1 
ATOM   596 C CB  . ARG A 1 77  ? -1.087  6.807   -5.528  1.00 7.70   ? 213 ARG A CB  1 
ATOM   597 C CG  . ARG A 1 77  ? -2.567  7.138   -5.391  1.00 17.59  ? 213 ARG A CG  1 
ATOM   598 C CD  . ARG A 1 77  ? -3.426  6.002   -5.927  1.00 21.07  ? 213 ARG A CD  1 
ATOM   599 N NE  . ARG A 1 77  ? -2.924  5.548   -7.220  1.00 28.96  ? 213 ARG A NE  1 
ATOM   600 C CZ  . ARG A 1 77  ? -3.148  4.344   -7.736  1.00 38.65  ? 213 ARG A CZ  1 
ATOM   601 N NH1 . ARG A 1 77  ? -3.880  3.443   -7.076  1.00 20.84  ? 213 ARG A NH1 1 
ATOM   602 N NH2 . ARG A 1 77  ? -2.636  4.040   -8.922  1.00 35.51  ? 213 ARG A NH2 1 
ATOM   603 N N   . LEU A 1 78  ? 0.606   7.391   -2.872  1.00 4.00   ? 214 LEU A N   1 
ATOM   604 C CA  . LEU A 1 78  ? 0.665   7.579   -1.427  1.00 2.92   ? 214 LEU A CA  1 
ATOM   605 C C   . LEU A 1 78  ? 1.070   9.005   -1.081  1.00 5.17   ? 214 LEU A C   1 
ATOM   606 O O   . LEU A 1 78  ? 0.426   9.662   -0.258  1.00 6.29   ? 214 LEU A O   1 
ATOM   607 C CB  . LEU A 1 78  ? 1.637   6.566   -0.817  1.00 3.44   ? 214 LEU A CB  1 
ATOM   608 C CG  . LEU A 1 78  ? 2.001   6.743   0.637   1.00 5.71   ? 214 LEU A CG  1 
ATOM   609 C CD1 . LEU A 1 78  ? 0.719   6.708   1.484   1.00 4.53   ? 214 LEU A CD1 1 
ATOM   610 C CD2 . LEU A 1 78  ? 2.961   5.642   1.041   1.00 9.37   ? 214 LEU A CD2 1 
ATOM   611 N N   . LEU A 1 79  ? 2.143   9.506   -1.697  1.00 8.62   ? 215 LEU A N   1 
ATOM   612 C CA  . LEU A 1 79  ? 2.596   10.862  -1.383  1.00 9.14   ? 215 LEU A CA  1 
ATOM   613 C C   . LEU A 1 79  ? 1.558   11.913  -1.777  1.00 10.03  ? 215 LEU A C   1 
ATOM   614 O O   . LEU A 1 79  ? 1.413   12.939  -1.094  1.00 4.59   ? 215 LEU A O   1 
ATOM   615 C CB  . LEU A 1 79  ? 3.924   11.148  -2.074  1.00 8.44   ? 215 LEU A CB  1 
ATOM   616 C CG  . LEU A 1 79  ? 4.710   12.342  -1.516  1.00 13.86  ? 215 LEU A CG  1 
ATOM   617 C CD1 . LEU A 1 79  ? 5.110   12.111  -0.052  1.00 4.50   ? 215 LEU A CD1 1 
ATOM   618 C CD2 . LEU A 1 79  ? 5.949   12.593  -2.379  1.00 14.47  ? 215 LEU A CD2 1 
ATOM   619 N N   . SER A 1 80  ? 0.839   11.691  -2.882  1.00 3.77   ? 216 SER A N   1 
ATOM   620 C CA  . SER A 1 80  ? -0.192  12.642  -3.272  1.00 6.61   ? 216 SER A CA  1 
ATOM   621 C C   . SER A 1 80  ? -1.256  12.785  -2.197  1.00 6.07   ? 216 SER A C   1 
ATOM   622 O O   . SER A 1 80  ? -1.786  13.884  -2.002  1.00 4.36   ? 216 SER A O   1 
ATOM   623 C CB  . SER A 1 80  ? -0.836  12.234  -4.602  1.00 6.77   ? 216 SER A CB  1 
ATOM   624 O OG  . SER A 1 80  ? -1.794  11.200  -4.418  1.00 12.86  ? 216 SER A OG  1 
ATOM   625 N N   . LEU A 1 81  ? -1.559  11.706  -1.476  1.00 5.62   ? 217 LEU A N   1 
ATOM   626 C CA  . LEU A 1 81  ? -2.579  11.715  -0.430  1.00 3.66   ? 217 LEU A CA  1 
ATOM   627 C C   . LEU A 1 81  ? -2.010  11.888  0.976   1.00 7.03   ? 217 LEU A C   1 
ATOM   628 O O   . LEU A 1 81  ? -2.779  11.883  1.936   1.00 5.53   ? 217 LEU A O   1 
ATOM   629 C CB  . LEU A 1 81  ? -3.394  10.420  -0.481  1.00 6.17   ? 217 LEU A CB  1 
ATOM   630 C CG  . LEU A 1 81  ? -4.010  10.060  -1.830  1.00 7.53   ? 217 LEU A CG  1 
ATOM   631 C CD1 . LEU A 1 81  ? -4.739  8.732   -1.700  1.00 11.40  ? 217 LEU A CD1 1 
ATOM   632 C CD2 . LEU A 1 81  ? -4.956  11.161  -2.296  1.00 6.03   ? 217 LEU A CD2 1 
ATOM   633 N N   . ASP A 1 82  ? -0.692  12.008  1.126   1.00 5.60   ? 218 ASP A N   1 
ATOM   634 C CA  . ASP A 1 82  ? -0.069  12.107  2.448   1.00 5.24   ? 218 ASP A CA  1 
ATOM   635 C C   . ASP A 1 82  ? 1.258   12.849  2.287   1.00 6.74   ? 218 ASP A C   1 
ATOM   636 O O   . ASP A 1 82  ? 2.322   12.259  2.497   1.00 8.67   ? 218 ASP A O   1 
ATOM   637 C CB  . ASP A 1 82  ? 0.116   10.690  3.021   1.00 5.89   ? 218 ASP A CB  1 
ATOM   638 C CG  . ASP A 1 82  ? 0.248   10.657  4.551   1.00 7.94   ? 218 ASP A CG  1 
ATOM   639 O OD1 . ASP A 1 82  ? 0.277   11.731  5.199   1.00 9.07   ? 218 ASP A OD1 1 
ATOM   640 O OD2 . ASP A 1 82  ? 0.323   9.538   5.105   1.00 8.16   ? 218 ASP A OD2 1 
ATOM   641 N N   . PRO A 1 83  ? 1.235   14.131  1.900   1.00 6.76   ? 219 PRO A N   1 
ATOM   642 C CA  . PRO A 1 83  ? 2.481   14.805  1.474   1.00 5.32   ? 219 PRO A CA  1 
ATOM   643 C C   . PRO A 1 83  ? 3.553   14.938  2.547   1.00 8.44   ? 219 PRO A C   1 
ATOM   644 O O   . PRO A 1 83  ? 4.732   15.075  2.199   1.00 9.70   ? 219 PRO A O   1 
ATOM   645 C CB  . PRO A 1 83  ? 1.993   16.189  1.016   1.00 5.81   ? 219 PRO A CB  1 
ATOM   646 C CG  . PRO A 1 83  ? 0.541   16.028  0.779   1.00 8.76   ? 219 PRO A CG  1 
ATOM   647 C CD  . PRO A 1 83  ? 0.073   15.020  1.771   1.00 5.45   ? 219 PRO A CD  1 
ATOM   648 N N   . SER A 1 84  ? 3.208   14.917  3.825   1.00 7.80   ? 220 SER A N   1 
ATOM   649 C CA  . SER A 1 84  ? 4.222   14.951  4.873   1.00 9.83   ? 220 SER A CA  1 
ATOM   650 C C   . SER A 1 84  ? 4.740   13.569  5.249   1.00 11.18  ? 220 SER A C   1 
ATOM   651 O O   . SER A 1 84  ? 5.428   13.429  6.268   1.00 8.69   ? 220 SER A O   1 
ATOM   652 C CB  . SER A 1 84  ? 3.671   15.651  6.115   1.00 5.63   ? 220 SER A CB  1 
ATOM   653 O OG  . SER A 1 84  ? 3.241   16.948  5.774   1.00 6.46   ? 220 SER A OG  1 
ATOM   654 N N   . HIS A 1 85  ? 4.406   12.541  4.468   1.00 8.81   ? 221 HIS A N   1 
ATOM   655 C CA  . HIS A 1 85  ? 4.891   11.197  4.739   1.00 7.94   ? 221 HIS A CA  1 
ATOM   656 C C   . HIS A 1 85  ? 6.370   11.145  4.365   1.00 13.00  ? 221 HIS A C   1 
ATOM   657 O O   . HIS A 1 85  ? 6.707   10.943  3.197   1.00 8.08   ? 221 HIS A O   1 
ATOM   658 C CB  . HIS A 1 85  ? 4.048   10.185  3.949   1.00 5.64   ? 221 HIS A CB  1 
ATOM   659 C CG  . HIS A 1 85  ? 4.226   8.759   4.368   1.00 7.90   ? 221 HIS A CG  1 
ATOM   660 N ND1 . HIS A 1 85  ? 5.447   8.232   4.737   1.00 12.22  ? 221 HIS A ND1 1 
ATOM   661 C CD2 . HIS A 1 85  ? 3.342   7.735   4.429   1.00 8.11   ? 221 HIS A CD2 1 
ATOM   662 C CE1 . HIS A 1 85  ? 5.301   6.951   5.022   1.00 14.54  ? 221 HIS A CE1 1 
ATOM   663 N NE2 . HIS A 1 85  ? 4.033   6.624   4.844   1.00 6.57   ? 221 HIS A NE2 1 
ATOM   664 N N   . GLU A 1 86  ? 7.258   11.355  5.339   1.00 8.00   ? 222 GLU A N   1 
ATOM   665 C CA  . GLU A 1 86  ? 8.683   11.502  5.034   1.00 11.36  ? 222 GLU A CA  1 
ATOM   666 C C   . GLU A 1 86  ? 9.262   10.230  4.430   1.00 15.04  ? 222 GLU A C   1 
ATOM   667 O O   . GLU A 1 86  ? 10.051  10.287  3.480   1.00 14.36  ? 222 GLU A O   1 
ATOM   668 C CB  . GLU A 1 86  ? 9.451   11.878  6.302   1.00 18.17  ? 222 GLU A CB  1 
ATOM   669 C CG  . GLU A 1 86  ? 10.961  11.765  6.172   1.00 17.80  ? 222 GLU A CG  1 
ATOM   670 C CD  . GLU A 1 86  ? 11.679  11.957  7.500   1.00 46.95  ? 222 GLU A CD  1 
ATOM   671 O OE1 . GLU A 1 86  ? 11.169  12.724  8.349   1.00 34.84  ? 222 GLU A OE1 1 
ATOM   672 O OE2 . GLU A 1 86  ? 12.748  11.335  7.694   1.00 44.50  ? 222 GLU A OE2 1 
ATOM   673 N N   . ARG A 1 87  ? 8.893   9.077   4.987   1.00 7.91   ? 223 ARG A N   1 
ATOM   674 C CA  . ARG A 1 87  ? 9.357   7.794   4.475   1.00 13.93  ? 223 ARG A CA  1 
ATOM   675 C C   . ARG A 1 87  ? 8.917   7.590   3.028   1.00 13.25  ? 223 ARG A C   1 
ATOM   676 O O   . ARG A 1 87  ? 9.719   7.179   2.176   1.00 11.88  ? 223 ARG A O   1 
ATOM   677 C CB  . ARG A 1 87  ? 8.823   6.685   5.390   1.00 18.05  ? 223 ARG A CB  1 
ATOM   678 C CG  . ARG A 1 87  ? 9.390   5.301   5.184   1.00 25.29  ? 223 ARG A CG  1 
ATOM   679 C CD  . ARG A 1 87  ? 9.001   4.339   6.338   1.00 23.35  ? 223 ARG A CD  1 
ATOM   680 N NE  . ARG A 1 87  ? 7.681   4.575   6.957   1.00 19.99  ? 223 ARG A NE  1 
ATOM   681 C CZ  . ARG A 1 87  ? 6.507   4.162   6.466   1.00 27.43  ? 223 ARG A CZ  1 
ATOM   682 N NH1 . ARG A 1 87  ? 5.387   4.427   7.134   1.00 25.74  ? 223 ARG A NH1 1 
ATOM   683 N NH2 . ARG A 1 87  ? 6.433   3.496   5.310   1.00 8.54   ? 223 ARG A NH2 1 
ATOM   684 N N   . ALA A 1 88  ? 7.651   7.897   2.720   1.00 6.71   ? 224 ALA A N   1 
ATOM   685 C CA  . ALA A 1 88  ? 7.175   7.747   1.351   1.00 8.02   ? 224 ALA A CA  1 
ATOM   686 C C   . ALA A 1 88  ? 7.898   8.692   0.401   1.00 12.12  ? 224 ALA A C   1 
ATOM   687 O O   . ALA A 1 88  ? 8.129   8.344   -0.765  1.00 8.31   ? 224 ALA A O   1 
ATOM   688 C CB  . ALA A 1 88  ? 5.666   7.977   1.293   1.00 7.73   ? 224 ALA A CB  1 
ATOM   689 N N   . GLY A 1 89  ? 8.265   9.888   0.870   1.00 10.74  ? 225 GLY A N   1 
ATOM   690 C CA  . GLY A 1 89  ? 9.033   10.790  0.023   1.00 6.51   ? 225 GLY A CA  1 
ATOM   691 C C   . GLY A 1 89  ? 10.428  10.259  -0.256  1.00 11.06  ? 225 GLY A C   1 
ATOM   692 O O   . GLY A 1 89  ? 10.939  10.387  -1.368  1.00 13.07  ? 225 GLY A O   1 
ATOM   693 N N   . GLY A 1 90  ? 11.054  9.635   0.743   1.00 11.28  ? 226 GLY A N   1 
ATOM   694 C CA  . GLY A 1 90  ? 12.341  9.004   0.499   1.00 10.22  ? 226 GLY A CA  1 
ATOM   695 C C   . GLY A 1 90  ? 12.224  7.819   -0.438  1.00 14.58  ? 226 GLY A C   1 
ATOM   696 O O   . GLY A 1 90  ? 13.088  7.605   -1.293  1.00 8.87   ? 226 GLY A O   1 
ATOM   697 N N   . ASN A 1 91  ? 11.146  7.043   -0.304  1.00 9.70   ? 227 ASN A N   1 
ATOM   698 C CA  . ASN A 1 91  ? 10.922  5.915   -1.202  1.00 5.11   ? 227 ASN A CA  1 
ATOM   699 C C   . ASN A 1 91  ? 10.732  6.372   -2.637  1.00 9.80   ? 227 ASN A C   1 
ATOM   700 O O   . ASN A 1 91  ? 11.254  5.749   -3.571  1.00 8.33   ? 227 ASN A O   1 
ATOM   701 C CB  . ASN A 1 91  ? 9.717   5.114   -0.732  1.00 7.67   ? 227 ASN A CB  1 
ATOM   702 C CG  . ASN A 1 91  ? 10.016  4.347   0.535   1.00 18.09  ? 227 ASN A CG  1 
ATOM   703 O OD1 . ASN A 1 91  ? 11.178  4.227   0.920   1.00 11.76  ? 227 ASN A OD1 1 
ATOM   704 N ND2 . ASN A 1 91  ? 8.987   3.809   1.175   1.00 7.64   ? 227 ASN A ND2 1 
ATOM   705 N N   . LEU A 1 92  ? 9.974   7.448   -2.834  1.00 8.48   ? 228 LEU A N   1 
ATOM   706 C CA  . LEU A 1 92  ? 9.745   7.949   -4.181  1.00 12.31  ? 228 LEU A CA  1 
ATOM   707 C C   . LEU A 1 92  ? 11.055  8.378   -4.833  1.00 13.58  ? 228 LEU A C   1 
ATOM   708 O O   . LEU A 1 92  ? 11.324  8.034   -5.989  1.00 14.64  ? 228 LEU A O   1 
ATOM   709 C CB  . LEU A 1 92  ? 8.755   9.103   -4.136  1.00 14.03  ? 228 LEU A CB  1 
ATOM   710 C CG  . LEU A 1 92  ? 8.423   9.749   -5.471  1.00 12.09  ? 228 LEU A CG  1 
ATOM   711 C CD1 . LEU A 1 92  ? 7.944   8.686   -6.429  1.00 15.68  ? 228 LEU A CD1 1 
ATOM   712 C CD2 . LEU A 1 92  ? 7.369   10.817  -5.294  1.00 9.28   ? 228 LEU A CD2 1 
ATOM   713 N N   . ARG A 1 93  ? 11.882  9.134   -4.105  1.00 13.65  ? 229 ARG A N   1 
ATOM   714 C CA  . ARG A 1 93  ? 13.191  9.514   -4.634  1.00 16.04  ? 229 ARG A CA  1 
ATOM   715 C C   . ARG A 1 93  ? 14.037  8.284   -4.958  1.00 19.92  ? 229 ARG A C   1 
ATOM   716 O O   . ARG A 1 93  ? 14.749  8.256   -5.971  1.00 15.94  ? 229 ARG A O   1 
ATOM   717 C CB  . ARG A 1 93  ? 13.926  10.417  -3.638  1.00 20.77  ? 229 ARG A CB  1 
ATOM   718 C CG  . ARG A 1 93  ? 13.332  11.828  -3.492  1.00 30.02  ? 229 ARG A CG  1 
ATOM   719 C CD  . ARG A 1 93  ? 14.209  12.758  -2.646  1.00 28.71  ? 229 ARG A CD  1 
ATOM   720 N NE  . ARG A 1 93  ? 14.351  12.324  -1.249  1.00 41.87  ? 229 ARG A NE  1 
ATOM   721 C CZ  . ARG A 1 93  ? 13.498  12.621  -0.265  1.00 36.30  ? 229 ARG A CZ  1 
ATOM   722 N NH1 . ARG A 1 93  ? 12.416  13.354  -0.507  1.00 32.75  ? 229 ARG A NH1 1 
ATOM   723 N NH2 . ARG A 1 93  ? 13.725  12.180  0.971   1.00 31.50  ? 229 ARG A NH2 1 
ATOM   724 N N   . TYR A 1 94  ? 13.992  7.265   -4.097  1.00 12.34  ? 230 TYR A N   1 
ATOM   725 C CA  . TYR A 1 94  ? 14.695  6.019   -4.382  1.00 17.55  ? 230 TYR A CA  1 
ATOM   726 C C   . TYR A 1 94  ? 14.229  5.404   -5.697  1.00 21.32  ? 230 TYR A C   1 
ATOM   727 O O   . TYR A 1 94  ? 15.043  5.022   -6.551  1.00 14.21  ? 230 TYR A O   1 
ATOM   728 C CB  . TYR A 1 94  ? 14.478  5.030   -3.242  1.00 14.63  ? 230 TYR A CB  1 
ATOM   729 C CG  . TYR A 1 94  ? 14.983  3.652   -3.575  1.00 16.03  ? 230 TYR A CG  1 
ATOM   730 C CD1 . TYR A 1 94  ? 16.344  3.390   -3.608  1.00 14.17  ? 230 TYR A CD1 1 
ATOM   731 C CD2 . TYR A 1 94  ? 14.107  2.619   -3.871  1.00 15.50  ? 230 TYR A CD2 1 
ATOM   732 C CE1 . TYR A 1 94  ? 16.818  2.141   -3.905  1.00 18.26  ? 230 TYR A CE1 1 
ATOM   733 C CE2 . TYR A 1 94  ? 14.573  1.360   -4.176  1.00 15.46  ? 230 TYR A CE2 1 
ATOM   734 C CZ  . TYR A 1 94  ? 15.932  1.127   -4.190  1.00 21.38  ? 230 TYR A CZ  1 
ATOM   735 O OH  . TYR A 1 94  ? 16.415  -0.122  -4.491  1.00 27.08  ? 230 TYR A OH  1 
ATOM   736 N N   . PHE A 1 95  ? 12.912  5.290   -5.873  1.00 15.73  ? 231 PHE A N   1 
ATOM   737 C CA  . PHE A 1 95  ? 12.370  4.570   -7.019  1.00 13.52  ? 231 PHE A CA  1 
ATOM   738 C C   . PHE A 1 95  ? 12.601  5.330   -8.315  1.00 20.15  ? 231 PHE A C   1 
ATOM   739 O O   . PHE A 1 95  ? 12.852  4.724   -9.365  1.00 17.65  ? 231 PHE A O   1 
ATOM   740 C CB  . PHE A 1 95  ? 10.874  4.318   -6.822  1.00 9.41   ? 231 PHE A CB  1 
ATOM   741 C CG  . PHE A 1 95  ? 10.565  3.124   -5.975  1.00 11.45  ? 231 PHE A CG  1 
ATOM   742 C CD1 . PHE A 1 95  ? 11.249  1.934   -6.156  1.00 11.37  ? 231 PHE A CD1 1 
ATOM   743 C CD2 . PHE A 1 95  ? 9.565   3.185   -5.014  1.00 6.86   ? 231 PHE A CD2 1 
ATOM   744 C CE1 . PHE A 1 95  ? 10.959  0.822   -5.375  1.00 14.34  ? 231 PHE A CE1 1 
ATOM   745 C CE2 . PHE A 1 95  ? 9.276   2.090   -4.224  1.00 14.26  ? 231 PHE A CE2 1 
ATOM   746 C CZ  . PHE A 1 95  ? 9.970   0.900   -4.409  1.00 21.12  ? 231 PHE A CZ  1 
ATOM   747 N N   . GLU A 1 96  ? 12.499  6.659   -8.269  1.00 13.89  ? 232 GLU A N   1 
ATOM   748 C CA  . GLU A 1 96  ? 12.680  7.425   -9.494  1.00 18.38  ? 232 GLU A CA  1 
ATOM   749 C C   . GLU A 1 96  ? 14.137  7.412   -9.927  1.00 13.44  ? 232 GLU A C   1 
ATOM   750 O O   . GLU A 1 96  ? 14.430  7.302   -11.124 1.00 25.19  ? 232 GLU A O   1 
ATOM   751 C CB  . GLU A 1 96  ? 12.163  8.848   -9.302  1.00 22.37  ? 232 GLU A CB  1 
ATOM   752 C CG  . GLU A 1 96  ? 10.684  8.872   -8.996  1.00 25.82  ? 232 GLU A CG  1 
ATOM   753 C CD  . GLU A 1 96  ? 9.959   10.021  -9.645  1.00 38.65  ? 232 GLU A CD  1 
ATOM   754 O OE1 . GLU A 1 96  ? 10.368  11.183  -9.430  1.00 49.03  ? 232 GLU A OE1 1 
ATOM   755 O OE2 . GLU A 1 96  ? 8.972   9.755   -10.366 1.00 36.39  ? 232 GLU A OE2 1 
ATOM   756 N N   . GLN A 1 97  ? 15.062  7.481   -8.968  1.00 17.89  ? 233 GLN A N   1 
ATOM   757 C CA  . GLN A 1 97  ? 16.478  7.340   -9.297  1.00 20.61  ? 233 GLN A CA  1 
ATOM   758 C C   . GLN A 1 97  ? 16.785  5.950   -9.846  1.00 25.85  ? 233 GLN A C   1 
ATOM   759 O O   . GLN A 1 97  ? 17.626  5.799   -10.739 1.00 23.93  ? 233 GLN A O   1 
ATOM   760 C CB  . GLN A 1 97  ? 17.336  7.617   -8.064  1.00 19.55  ? 233 GLN A CB  1 
ATOM   761 C CG  . GLN A 1 97  ? 17.328  9.071   -7.625  1.00 36.78  ? 233 GLN A CG  1 
ATOM   762 C CD  . GLN A 1 97  ? 18.269  9.341   -6.456  1.00 54.69  ? 233 GLN A CD  1 
ATOM   763 O OE1 . GLN A 1 97  ? 19.316  8.705   -6.328  1.00 66.28  ? 233 GLN A OE1 1 
ATOM   764 N NE2 . GLN A 1 97  ? 17.897  10.293  -5.601  1.00 29.57  ? 233 GLN A NE2 1 
ATOM   765 N N   . LEU A 1 98  ? 16.121  4.921   -9.316  1.00 18.01  ? 234 LEU A N   1 
ATOM   766 C CA  . LEU A 1 98  ? 16.423  3.550   -9.703  1.00 18.85  ? 234 LEU A CA  1 
ATOM   767 C C   . LEU A 1 98  ? 15.842  3.211   -11.075 1.00 14.80  ? 234 LEU A C   1 
ATOM   768 O O   . LEU A 1 98  ? 16.535  2.640   -11.924 1.00 17.63  ? 234 LEU A O   1 
ATOM   769 C CB  . LEU A 1 98  ? 15.898  2.587   -8.633  1.00 17.07  ? 234 LEU A CB  1 
ATOM   770 C CG  . LEU A 1 98  ? 16.241  1.101   -8.782  1.00 15.01  ? 234 LEU A CG  1 
ATOM   771 C CD1 . LEU A 1 98  ? 17.651  0.822   -8.289  1.00 10.18  ? 234 LEU A CD1 1 
ATOM   772 C CD2 . LEU A 1 98  ? 15.229  0.240   -8.037  1.00 13.54  ? 234 LEU A CD2 1 
ATOM   773 N N   . LEU A 1 99  ? 14.586  3.587   -11.316 1.00 12.81  ? 235 LEU A N   1 
ATOM   774 C CA  . LEU A 1 99  ? 13.782  3.088   -12.427 1.00 18.65  ? 235 LEU A CA  1 
ATOM   775 C C   . LEU A 1 99  ? 13.559  4.083   -13.552 1.00 31.55  ? 235 LEU A C   1 
ATOM   776 O O   . LEU A 1 99  ? 13.447  3.678   -14.712 1.00 27.17  ? 235 LEU A O   1 
ATOM   777 C CB  . LEU A 1 99  ? 12.407  2.640   -11.920 1.00 13.75  ? 235 LEU A CB  1 
ATOM   778 C CG  . LEU A 1 99  ? 12.431  1.613   -10.797 1.00 16.34  ? 235 LEU A CG  1 
ATOM   779 C CD1 . LEU A 1 99  ? 11.005  1.295   -10.360 1.00 15.32  ? 235 LEU A CD1 1 
ATOM   780 C CD2 . LEU A 1 99  ? 13.157  0.353   -11.279 1.00 16.17  ? 235 LEU A CD2 1 
ATOM   781 N N   . GLU A 1 100 ? 13.431  5.371   -13.249 1.00 30.45  ? 236 GLU A N   1 
ATOM   782 C CA  . GLU A 1 100 ? 13.059  6.318   -14.291 1.00 30.17  ? 236 GLU A CA  1 
ATOM   783 C C   . GLU A 1 100 ? 14.155  7.358   -14.448 1.00 22.73  ? 236 GLU A C   1 
ATOM   784 O O   . GLU A 1 100 ? 13.937  8.549   -14.206 1.00 41.40  ? 236 GLU A O   1 
ATOM   785 C CB  . GLU A 1 100 ? 11.701  6.957   -13.982 1.00 26.75  ? 236 GLU A CB  1 
ATOM   786 C CG  . GLU A 1 100 ? 10.528  5.960   -14.072 1.00 24.53  ? 236 GLU A CG  1 
ATOM   787 C CD  . GLU A 1 100 ? 10.339  5.368   -15.475 1.00 31.75  ? 236 GLU A CD  1 
ATOM   788 O OE1 . GLU A 1 100 ? 10.532  6.095   -16.474 1.00 37.05  ? 236 GLU A OE1 1 
ATOM   789 O OE2 . GLU A 1 100 ? 9.995   4.173   -15.584 1.00 18.51  ? 236 GLU A OE2 1 
ATOM   790 N N   . GLU A 1 101 ? 15.341  6.870   -14.811 1.00 32.96  ? 237 GLU A N   1 
ATOM   791 C CA  . GLU A 1 101 ? 16.518  7.632   -15.233 1.00 46.92  ? 237 GLU A CA  1 
ATOM   792 C C   . GLU A 1 101 ? 17.344  8.102   -14.053 1.00 39.84  ? 237 GLU A C   1 
ATOM   793 O O   . GLU A 1 101 ? 18.478  7.652   -13.885 1.00 40.98  ? 237 GLU A O   1 
ATOM   794 C CB  . GLU A 1 101 ? 16.134  8.819   -16.119 1.00 39.89  ? 237 GLU A CB  1 
ATOM   795 C CG  . GLU A 1 101 ? 16.947  10.068  -15.864 1.00 42.94  ? 237 GLU A CG  1 
ATOM   796 C CD  . GLU A 1 101 ? 16.480  11.234  -16.712 1.00 62.16  ? 237 GLU A CD  1 
ATOM   797 O OE1 . GLU A 1 101 ? 15.605  11.996  -16.256 1.00 65.01  ? 237 GLU A OE1 1 
ATOM   798 O OE2 . GLU A 1 101 ? 16.981  11.374  -17.848 1.00 70.80  ? 237 GLU A OE2 1 
HETATM 799 S S   . SO4 B 2 .   ? -5.138  0.894   -9.809  0.71 44.52  ? 301 SO4 A S   1 
HETATM 800 O O1  . SO4 B 2 .   ? -5.262  -0.260  -10.698 0.71 45.11  ? 301 SO4 A O1  1 
HETATM 801 O O2  . SO4 B 2 .   ? -3.779  1.419   -9.918  0.71 47.67  ? 301 SO4 A O2  1 
HETATM 802 O O3  . SO4 B 2 .   ? -5.396  0.503   -8.424  0.71 34.07  ? 301 SO4 A O3  1 
HETATM 803 O O4  . SO4 B 2 .   ? -6.097  1.918   -10.214 0.71 37.95  ? 301 SO4 A O4  1 
HETATM 804 S S   . DMS C 3 .   ? -9.895  -10.851 -0.006  1.00 33.04  ? 302 DMS A S   1 
HETATM 805 O O   . DMS C 3 .   ? -10.958 -11.769 0.514   1.00 39.47  ? 302 DMS A O   1 
HETATM 806 C C1  . DMS C 3 .   ? -8.294  -11.550 0.461   1.00 16.89  ? 302 DMS A C1  1 
HETATM 807 C C2  . DMS C 3 .   ? -9.749  -11.042 -1.805  1.00 28.56  ? 302 DMS A C2  1 
HETATM 808 N N   . GLY D 4 .   ? 2.179   1.834   7.675   1.00 25.78  ? 303 GLY A N   1 
HETATM 809 C CA  . GLY D 4 .   ? 2.541   0.765   6.751   1.00 21.85  ? 303 GLY A CA  1 
HETATM 810 C C   . GLY D 4 .   ? 4.004   0.370   6.800   1.00 25.01  ? 303 GLY A C   1 
HETATM 811 O O   . GLY D 4 .   ? 4.549   -0.113  5.816   1.00 32.79  ? 303 GLY A O   1 
HETATM 812 O OXT . GLY D 4 .   ? 4.684   0.513   7.812   1.00 29.15  ? 303 GLY A OXT 1 
HETATM 813 N N   . GLY E 4 .   ? 12.713  1.172   -0.462  1.00 25.51  ? 304 GLY A N   1 
HETATM 814 C CA  . GLY E 4 .   ? 11.307  0.987   -0.768  1.00 29.39  ? 304 GLY A CA  1 
HETATM 815 C C   . GLY E 4 .   ? 10.517  0.363   0.368   1.00 28.04  ? 304 GLY A C   1 
HETATM 816 O O   . GLY E 4 .   ? 9.326   0.089   0.235   1.00 34.49  ? 304 GLY A O   1 
HETATM 817 O OXT . GLY E 4 .   ? 11.038  0.097   1.451   1.00 31.32  ? 304 GLY A OXT 1 
HETATM 818 O O   . HOH F 5 .   ? -6.757  -2.790  -5.546  1.00 43.85  ? 401 HOH A O   1 
HETATM 819 O O   . HOH F 5 .   ? -16.262 -7.501  8.271   1.00 39.38  ? 402 HOH A O   1 
HETATM 820 O O   . HOH F 5 .   ? 8.088   0.780   -1.353  1.00 32.07  ? 403 HOH A O   1 
HETATM 821 O O   . HOH F 5 .   ? 4.597   2.829   1.211   0.30 14.65  ? 404 HOH A O   1 
HETATM 822 O O   . HOH F 5 .   ? -8.237  2.543   -5.939  1.00 28.65  ? 405 HOH A O   1 
HETATM 823 O O   . HOH F 5 .   ? 9.927   14.628  8.051   1.00 44.29  ? 406 HOH A O   1 
HETATM 824 O O   . HOH F 5 .   ? 20.676  6.894   -13.887 1.00 26.62  ? 407 HOH A O   1 
HETATM 825 O O   . HOH F 5 .   ? 0.122   -11.942 12.845  1.00 34.63  ? 408 HOH A O   1 
HETATM 826 O O   . HOH F 5 .   ? -0.918  -4.002  -6.888  1.00 13.19  ? 409 HOH A O   1 
HETATM 827 O O   . HOH F 5 .   ? -7.662  -0.215  -6.923  1.00 46.32  ? 410 HOH A O   1 
HETATM 828 O O   . HOH F 5 .   ? 8.313   12.372  -8.675  1.00 41.42  ? 411 HOH A O   1 
HETATM 829 O O   . HOH F 5 .   ? -4.046  -16.009 -4.828  1.00 16.93  ? 412 HOH A O   1 
HETATM 830 O O   . HOH F 5 .   ? -1.308  -13.096 10.460  1.00 30.81  ? 413 HOH A O   1 
HETATM 831 O O   . HOH F 5 .   ? 9.318   -3.549  1.085   0.44 14.50  ? 414 HOH A O   1 
HETATM 832 O O   . HOH F 5 .   ? -15.235 4.751   0.497   1.00 32.86  ? 415 HOH A O   1 
HETATM 833 O O   . HOH F 5 .   ? 17.535  4.871   -6.306  1.00 24.89  ? 416 HOH A O   1 
HETATM 834 O O   . HOH F 5 .   ? 5.045   -3.479  -12.263 1.00 7.63   ? 417 HOH A O   1 
HETATM 835 O O   . HOH F 5 .   ? 8.239   -10.941 -8.719  1.00 17.38  ? 418 HOH A O   1 
HETATM 836 O O   . HOH F 5 .   ? 11.219  2.142   4.479   1.00 29.97  ? 419 HOH A O   1 
HETATM 837 O O   . HOH F 5 .   ? -12.055 6.139   4.660   1.00 31.25  ? 420 HOH A O   1 
HETATM 838 O O   . HOH F 5 .   ? -5.651  -0.159  11.508  1.00 20.87  ? 421 HOH A O   1 
HETATM 839 O O   . HOH F 5 .   ? -8.874  -2.699  -10.291 1.00 38.24  ? 422 HOH A O   1 
HETATM 840 O O   . HOH F 5 .   ? -9.563  -8.439  -4.266  1.00 32.79  ? 423 HOH A O   1 
HETATM 841 O O   . HOH F 5 .   ? 15.571  8.334   -0.961  1.00 21.11  ? 424 HOH A O   1 
HETATM 842 O O   . HOH F 5 .   ? 7.091   14.066  2.716   1.00 21.13  ? 425 HOH A O   1 
HETATM 843 O O   . HOH F 5 .   ? -5.947  4.063   -5.590  1.00 29.35  ? 426 HOH A O   1 
HETATM 844 O O   . HOH F 5 .   ? 0.612   5.265   6.497   1.00 10.09  ? 427 HOH A O   1 
HETATM 845 O O   . HOH F 5 .   ? -14.543 -8.229  1.628   1.00 27.36  ? 428 HOH A O   1 
HETATM 846 O O   . HOH F 5 .   ? 15.168  1.825   0.185   1.00 35.31  ? 429 HOH A O   1 
HETATM 847 O O   . HOH F 5 .   ? -1.071  7.318   5.440   1.00 15.11  ? 430 HOH A O   1 
HETATM 848 O O   . HOH F 5 .   ? 6.354   3.280   -0.789  1.00 18.17  ? 431 HOH A O   1 
HETATM 849 O O   . HOH F 5 .   ? 8.618   7.290   -17.879 1.00 40.24  ? 432 HOH A O   1 
HETATM 850 O O   . HOH F 5 .   ? 12.228  9.927   -12.707 1.00 28.80  ? 433 HOH A O   1 
HETATM 851 O O   . HOH F 5 .   ? 1.109   17.730  4.387   1.00 10.99  ? 434 HOH A O   1 
HETATM 852 O O   . HOH F 5 .   ? 5.103   18.662  6.624   1.00 21.61  ? 435 HOH A O   1 
HETATM 853 O O   . HOH F 5 .   ? 6.021   12.059  -9.329  1.00 27.01  ? 436 HOH A O   1 
HETATM 854 O O   . HOH F 5 .   ? 3.993   5.721   -11.859 1.00 30.91  ? 437 HOH A O   1 
HETATM 855 O O   . HOH F 5 .   ? -14.529 -0.983  -6.539  1.00 27.74  ? 438 HOH A O   1 
HETATM 856 O O   . HOH F 5 .   ? 11.412  12.411  2.334   1.00 24.59  ? 439 HOH A O   1 
HETATM 857 O O   . HOH F 5 .   ? -14.513 7.660   6.573   1.00 42.15  ? 440 HOH A O   1 
HETATM 858 O O   . HOH F 5 .   ? -7.998  5.640   10.088  1.00 18.82  ? 441 HOH A O   1 
HETATM 859 O O   . HOH F 5 .   ? -8.638  3.042   11.636  1.00 31.32  ? 442 HOH A O   1 
HETATM 860 O O   . HOH F 5 .   ? -17.281 -1.899  4.851   1.00 33.65  ? 443 HOH A O   1 
HETATM 861 O O   . HOH F 5 .   ? -7.413  -9.139  -3.677  1.00 18.22  ? 444 HOH A O   1 
HETATM 862 O O   . HOH F 5 .   ? 17.443  0.181   -12.681 1.00 13.55  ? 445 HOH A O   1 
HETATM 863 O O   . HOH F 5 .   ? 2.199   -17.072 5.846   1.00 21.12  ? 446 HOH A O   1 
HETATM 864 O O   . HOH F 5 .   ? -2.975  0.634   15.079  1.00 36.27  ? 447 HOH A O   1 
HETATM 865 O O   . HOH F 5 .   ? -1.491  5.954   -10.602 1.00 32.82  ? 448 HOH A O   1 
HETATM 866 O O   . HOH F 5 .   ? 4.877   -16.102 9.796   1.00 28.09  ? 449 HOH A O   1 
HETATM 867 O O   . HOH F 5 .   ? -4.250  -6.618  12.381  1.00 20.70  ? 450 HOH A O   1 
HETATM 868 O O   . HOH F 5 .   ? -20.745 2.354   2.639   1.00 48.78  ? 451 HOH A O   1 
HETATM 869 O O   . HOH F 5 .   ? -13.377 -10.414 1.150   1.00 39.72  ? 452 HOH A O   1 
HETATM 870 O O   . HOH F 5 .   ? 2.713   -2.470  10.919  1.00 30.65  ? 453 HOH A O   1 
HETATM 871 O O   . HOH F 5 .   ? -8.749  -2.210  10.904  1.00 23.60  ? 454 HOH A O   1 
HETATM 872 O O   . HOH F 5 .   ? 0.733   6.972   -9.452  1.00 24.89  ? 455 HOH A O   1 
HETATM 873 O O   . HOH F 5 .   ? 15.507  -2.721  -5.281  1.00 22.04  ? 456 HOH A O   1 
HETATM 874 O O   . HOH F 5 .   ? -2.988  11.091  4.697   1.00 10.42  ? 457 HOH A O   1 
HETATM 875 O O   . HOH F 5 .   ? 8.258   11.956  -12.138 1.00 45.07  ? 458 HOH A O   1 
HETATM 876 O O   . HOH F 5 .   ? 12.474  11.954  -7.537  1.00 27.28  ? 459 HOH A O   1 
HETATM 877 O O   . HOH F 5 .   ? -3.400  7.946   -8.855  1.00 33.67  ? 460 HOH A O   1 
HETATM 878 O O   . HOH F 5 .   ? -9.724  7.385   1.807   1.00 14.85  ? 461 HOH A O   1 
HETATM 879 O O   . HOH F 5 .   ? 16.859  4.344   -14.510 1.00 32.01  ? 462 HOH A O   1 
HETATM 880 O O   . HOH F 5 .   ? 7.013   -7.206  8.269   1.00 25.43  ? 463 HOH A O   1 
HETATM 881 O O   . HOH F 5 .   ? 19.359  -0.384  -4.765  1.00 26.94  ? 464 HOH A O   1 
HETATM 882 O O   . HOH F 5 .   ? -0.577  2.758   6.952   1.00 12.00  ? 465 HOH A O   1 
HETATM 883 O O   . HOH F 5 .   ? 10.203  12.732  -3.087  1.00 25.35  ? 466 HOH A O   1 
HETATM 884 O O   . HOH F 5 .   ? -15.348 -0.940  7.719   1.00 17.70  ? 467 HOH A O   1 
HETATM 885 O O   . HOH F 5 .   ? 11.793  -7.539  -10.346 1.00 15.77  ? 468 HOH A O   1 
HETATM 886 O O   . HOH F 5 .   ? -7.242  2.003   10.150  1.00 18.54  ? 469 HOH A O   1 
HETATM 887 O O   . HOH F 5 .   ? -16.465 -2.706  10.468  1.00 34.19  ? 470 HOH A O   1 
HETATM 888 O O   . HOH F 5 .   ? -0.783  -8.148  13.882  1.00 38.63  ? 471 HOH A O   1 
HETATM 889 O O   . HOH F 5 .   ? -5.824  -3.031  -8.891  1.00 44.89  ? 472 HOH A O   1 
HETATM 890 O O   . HOH F 5 .   ? 7.297   3.921   -17.032 1.00 15.98  ? 473 HOH A O   1 
HETATM 891 O O   . HOH F 5 .   ? 9.310   -12.272 4.737   1.00 32.61  ? 474 HOH A O   1 
HETATM 892 O O   . HOH F 5 .   ? -5.997  9.141   2.185   1.00 11.14  ? 475 HOH A O   1 
HETATM 893 O O   . HOH F 5 .   ? -11.427 8.311   8.469   1.00 28.21  ? 476 HOH A O   1 
HETATM 894 O O   . HOH F 5 .   ? 7.051   15.143  8.269   1.00 38.29  ? 477 HOH A O   1 
HETATM 895 O O   . HOH F 5 .   ? -5.430  0.781   14.411  1.00 41.96  ? 478 HOH A O   1 
HETATM 896 O O   . HOH F 5 .   ? -9.872  -8.252  11.042  1.00 23.25  ? 479 HOH A O   1 
HETATM 897 O O   . HOH F 5 .   ? 2.276   6.782   -11.713 1.00 20.65  ? 480 HOH A O   1 
HETATM 898 O O   . HOH F 5 .   ? -5.349  -11.330 12.864  1.00 28.79  ? 481 HOH A O   1 
HETATM 899 O O   . HOH F 5 .   ? 4.885   -13.670 0.627   1.00 11.78  ? 482 HOH A O   1 
HETATM 900 O O   . HOH F 5 .   ? 6.892   11.519  8.561   1.00 14.14  ? 483 HOH A O   1 
HETATM 901 O O   . HOH F 5 .   ? -16.247 6.618   5.013   1.00 35.93  ? 484 HOH A O   1 
HETATM 902 O O   . HOH F 5 .   ? -11.622 0.352   12.843  1.00 31.26  ? 485 HOH A O   1 
HETATM 903 O O   . HOH F 5 .   ? -14.655 5.720   3.565   1.00 36.88  ? 486 HOH A O   1 
HETATM 904 O O   . HOH F 5 .   ? 6.313   16.270  -0.447  1.00 30.24  ? 487 HOH A O   1 
HETATM 905 O O   . HOH F 5 .   ? 12.691  -6.342  -5.015  1.00 25.20  ? 488 HOH A O   1 
HETATM 906 O O   . HOH F 5 .   ? -1.637  -4.691  14.004  1.00 40.48  ? 489 HOH A O   1 
HETATM 907 O O   . HOH F 5 .   ? 14.092  -4.484  1.077   1.00 30.42  ? 490 HOH A O   1 
HETATM 908 O O   . HOH F 5 .   ? -7.177  -9.538  11.511  1.00 27.19  ? 491 HOH A O   1 
HETATM 909 O O   . HOH F 5 .   ? 11.962  7.959   7.159   1.00 37.95  ? 492 HOH A O   1 
HETATM 910 O O   . HOH F 5 .   ? -12.505 -0.419  -7.681  1.00 42.92  ? 493 HOH A O   1 
HETATM 911 O O   . HOH F 5 .   ? -3.414  -3.522  -10.469 1.00 41.79  ? 494 HOH A O   1 
HETATM 912 O O   . HOH F 5 .   ? 14.727  4.727   1.261   1.00 32.46  ? 495 HOH A O   1 
HETATM 913 O O   . HOH F 5 .   ? -3.540  -6.691  -8.691  1.00 37.95  ? 496 HOH A O   1 
HETATM 914 O O   . HOH F 5 .   ? 8.498   -11.938 -0.961  1.00 33.14  ? 497 HOH A O   1 
HETATM 915 O O   . HOH F 5 .   ? 10.601  12.409  -6.026  1.00 36.94  ? 498 HOH A O   1 
HETATM 916 O O   . HOH F 5 .   ? 4.638   3.877   -13.053 1.00 29.86  ? 499 HOH A O   1 
HETATM 917 O O   . HOH F 5 .   ? 10.202  -11.271 0.345   1.00 39.19  ? 500 HOH A O   1 
HETATM 918 O O   . HOH F 5 .   ? -4.415  -12.081 -6.816  1.00 30.52  ? 501 HOH A O   1 
HETATM 919 O O   . HOH F 5 .   ? 13.786  -8.128  -1.245  1.00 39.36  ? 502 HOH A O   1 
HETATM 920 O O   . HOH F 5 .   ? 13.181  -6.549  -2.980  1.00 37.03  ? 503 HOH A O   1 
HETATM 921 O O   . HOH F 5 .   ? -6.185  -2.628  11.529  1.00 28.28  ? 504 HOH A O   1 
HETATM 922 O O   . HOH F 5 .   ? 16.297  -0.057  -0.350  1.00 43.29  ? 505 HOH A O   1 
HETATM 923 O O   . HOH F 5 .   ? -16.196 -3.193  -5.757  1.00 40.94  ? 506 HOH A O   1 
HETATM 924 O O   . HOH F 5 .   ? -5.739  -6.802  -8.832  1.00 35.83  ? 507 HOH A O   1 
HETATM 925 O O   . HOH F 5 .   ? -0.968  -5.383  -10.225 1.00 23.08  ? 508 HOH A O   1 
HETATM 926 O O   . HOH F 5 .   ? 9.012   15.489  10.139  1.00 46.72  ? 509 HOH A O   1 
HETATM 927 O O   . HOH F 5 .   ? 10.167  8.593   9.018   1.00 32.93  ? 510 HOH A O   1 
HETATM 928 O O   . HOH F 5 .   ? 14.206  -5.908  -0.799  1.00 34.56  ? 511 HOH A O   1 
HETATM 929 O O   . HOH F 5 .   ? 12.694  -8.400  -5.550  1.00 32.54  ? 512 HOH A O   1 
HETATM 930 O O   . HOH F 5 .   ? 11.177  4.712   9.250   1.00 40.40  ? 513 HOH A O   1 
HETATM 931 O O   . HOH F 5 .   ? 19.963  1.972   -5.548  1.00 34.75  ? 514 HOH A O   1 
HETATM 932 O O   . HOH F 5 .   ? -2.756  -10.560 -6.829  0.78 30.57  ? 515 HOH A O   1 
HETATM 933 O O   . HOH F 5 .   ? 12.624  -9.394  -8.279  1.00 25.82  ? 516 HOH A O   1 
HETATM 934 O O   . HOH F 5 .   ? -14.785 -13.577 3.581   1.00 45.81  ? 517 HOH A O   1 
HETATM 935 O O   . HOH F 5 .   ? -11.321 6.284   0.085   1.00 33.06  ? 518 HOH A O   1 
HETATM 936 O O   . HOH F 5 .   ? -5.674  -8.916  -5.627  1.00 21.62  ? 519 HOH A O   1 
HETATM 937 O O   . HOH F 5 .   ? -10.827 8.701   3.546   1.00 30.66  ? 520 HOH A O   1 
HETATM 938 O O   . HOH F 5 .   ? -7.708  -12.424 -3.698  1.00 30.62  ? 521 HOH A O   1 
HETATM 939 O O   . HOH F 5 .   ? 12.554  5.680   7.384   1.00 38.91  ? 522 HOH A O   1 
# 
